data_6X6C
#
_entry.id   6X6C
#
_cell.length_a   1.00
_cell.length_b   1.00
_cell.length_c   1.00
_cell.angle_alpha   90.00
_cell.angle_beta   90.00
_cell.angle_gamma   90.00
#
_symmetry.space_group_name_H-M   'P 1'
#
loop_
_entity.id
_entity.type
_entity.pdbx_description
1 polymer 'Dipeptidyl peptidase 9'
2 polymer 'NACHT, LRR and PYD domains-containing protein 1'
3 non-polymer '[(2~{R})-1-[(2~{R})-2-azanyl-3-methyl-butanoyl]pyrrolidin-2-yl]boronic acid'
#
loop_
_entity_poly.entity_id
_entity_poly.type
_entity_poly.pdbx_seq_one_letter_code
_entity_poly.pdbx_strand_id
1 'polypeptide(L)'
;MSYYHHHHHHDYDIPTTENLYFQGAMGSMATTGTPTADRGDAAATDDPAARFQVQKHSWDGLRSIIHGSRKYSGLIVNKA
PHDFQFVQKTDESGPHSHRLYYLGMPYGSRENSLLYSEIPKKVRKEALLLLSWKQMLDHFQATPHHGVYSREEELLRERK
RLGVFGITSYDFHSESGLFLFQASNSLFHCRDGGKNGFMVSPMKPLEIKTQCSGPRMDPKICPADPAFFSFINNSDLWVA
NIETGEERRLTFCHQGLSNVLDDPKSAGVATFVIQEEFDRFTGYWWCPTASWEGSEGLKTLRILYEEVDESEVEVIHVPS
PALEERKTDSYRYPRTGSKNPKIALKLAEFQTDSQGKIVSTQEKELVQPFSSLFPKVEYIARAGWTRDGKYAWAMFLDRP
QQWLQLVLLPPALFIPSTENEEQRLASARAVPRNVQPYVVYEEVTNVWINVHDIFYPFPQSEGEDELCFLRANECKTGFC
HLYKVTAVLKSQGYDWSEPFSPGEDEFKCPIKEEIALTSGEWEVLARHGSKIWVNEETKLVYFQGTKDTPLEHHLYVVSY
EAAGEIVRLTTPGFSHSCSMSQNFDMFVSHYSSVSTPPCVHVYKLSGPDDDPLHKQPRFWASMMEAASCPPDYVPPEIFH
FHTRSDVRLYGMIYKPHALQPGKKHPTVLFVYGGPQVQLVNNSFKGIKYLRLNTLASLGYAVVVIDGRGSCQRGLRFEGA
LKNQMGQVEIEDQVEGLQFVAEKYGFIDLSRVAIHGWSYGGFLSLMGLIHKPQVFKVAIAGAPVTVWMAYDTGYTERYMD
VPENNQHGYEAGSVALHVEKLPNEPNRLLILHGFLDENVHFFHTNFLVSQLIRAGKPYQLQIYPNERHSIRCPESGEHYE
VTLLHFLQEYL
;
A,D
2 'polypeptide(L)'
;MAGGAWGRLACYLEFLKKEELKEFQLLLANKAHSRSSSGETPAQPEKTSGMEVASYLVAQYGEQRAWDLALHTWEQMGLR
SLCAQAQEGAGHSPSFPYSPSEPHLGSPSQPTSTAVLMPWIHELPAGCTQGSERRVLRQLPDTSGRRWREISASLLYQAL
PSSPDHESPSQESPNAPTSTAVLGSWGSPPQPSLAPREQEAPGTQWPLDETSGIYYTEIREREREKSEKGRPPWAAVVGT
PPQAHTSLQPHHHPWEPSVRESLCSTWPWKNEDFNQKFTQLLLLQRPHPRSQDPLVKRSWPDYVEENRGHLIEIRDLFGP
GLDTQEPRIVILQGAAGIGKSTLARQVKEAWGRGQLYGDRFQHVFYFSCRELAQSKVVSLAELIGKDGTATPAPIRQILS
RPERLLFILDGVDEPGWVLQEPSSELCLHWSQPQPADALLGSLLGKTILPEASFLITARTTALQNLIPSLEQARWVEVLG
FSESSRKEYFYRYFTDERQAIRAFRLVKSNKELWALCLVPWVSWLACTCLMQQMKRKEKLTLTSKTTTTLCLHYLAQALQ
AQPLGPQLRDLCSLAAEGIWQKKTLFSPDDLRKHGLDGAIISTFLKMGILQEHPIPLSYSFIHLCFQEFFAAMSYVLEDE
KGRGKHSNCIIDLEKTLEAYGIHGLFGASTTRFLLGLLSDEGEREMENIFHCRLSQGRNLMQWVPSLQLLLQPHSLESLH
CLYETRNKTFLTQVMAHFEEMGMCVETDMELLVCTFCIKFSRHVKKLQLIEGRQHRSTWSPTMVVLFRWVPVTDAYWQIL
FSVLKVTRNLKELDLSGNSLSHSAVKSLCKTLRRPRCLLETLRLAGCGLTAEDCKDLAFGLRANQTLTELDLSFNVLTDA
GAKHLCQRLRQPSCKLQRLQLVSCGLTSDCCQDLASVLSASPSLKELDLQQNNLDDVGVRLLCEGLRHPACKLIRLGLDQ
TTLSDEMRQELRALEQEKPQLLIFSRRKPSVMTPTEGLDTGEMSNSTSSLKRQRLGSERAASHVAQANLKLLDVSKIFPI
AEIAEESSPEVVPVELLCVPSPASQGDLHTKPLGTDDDFWGPTGPVATEVVDKEKNLYRVHFPVAGSYRWPNTGLCFVMR
EAVTVEIEFCVWDQFLGEINPQHSWMVAGPLLDIKAEPGAVEAVHLPHFVALQGGHVDTSLFQMAHFKEEGMLLEKPARV
ELHHIVLENPSFSPLGVLLKMIHNALRFIPVTSVVLLYHRVHPEEVTFHLYLIPSDCSIRKAIDDLEMKFQFVRIHKPPP
LTPLYMGCRYTVSGSGSGMLEILPKELELCYRSPGEDQLFSEFYVGHLGSGIRLQVKDKKDETLVWEALVKPGDLMPATT
LIPPARIAVPSPLDAPQLLHFVDQYREQLIARVTSVEVVLDKLHGQVLSQEQYERVLAENTRPSQMRKLFSLSQSWDRKC
KDGLYQALKETHPHLIMELWEKGSKKGLLPLSS
;
E,F
#
loop_
_chem_comp.id
_chem_comp.type
_chem_comp.name
_chem_comp.formula
GK2 non-polymer '[(2~{R})-1-[(2~{R})-2-azanyl-3-methyl-butanoyl]pyrrolidin-2-yl]boronic acid' 'C9 H19 B N2 O3'
#
# COMPACT_ATOMS: atom_id res chain seq x y z
N ASP A 46 44.11 12.24 0.65
CA ASP A 46 42.77 12.28 0.08
C ASP A 46 42.71 13.25 -1.11
N ASP A 47 43.30 12.84 -2.22
CA ASP A 47 43.34 13.70 -3.40
C ASP A 47 41.96 13.72 -4.07
N PRO A 48 41.34 14.89 -4.24
CA PRO A 48 39.98 14.92 -4.81
C PRO A 48 39.94 14.74 -6.32
N ALA A 49 41.08 14.78 -7.01
CA ALA A 49 41.12 14.48 -8.43
C ALA A 49 41.31 12.99 -8.70
N ALA A 50 41.50 12.16 -7.67
CA ALA A 50 41.64 10.72 -7.83
C ALA A 50 40.48 9.99 -7.17
N ARG A 51 39.34 10.66 -7.06
CA ARG A 51 38.12 10.11 -6.48
C ARG A 51 37.06 10.13 -7.58
N PHE A 52 36.64 8.95 -8.01
CA PHE A 52 35.71 8.82 -9.13
C PHE A 52 34.38 9.52 -8.87
N GLN A 53 34.00 10.39 -9.79
CA GLN A 53 32.71 11.06 -9.74
C GLN A 53 31.76 10.34 -10.68
N VAL A 54 30.62 9.95 -10.15
CA VAL A 54 29.60 9.29 -10.94
C VAL A 54 28.92 10.35 -11.79
N GLN A 55 28.59 10.00 -13.03
CA GLN A 55 27.98 10.95 -13.94
C GLN A 55 26.57 11.27 -13.48
N LYS A 56 26.32 12.57 -13.27
CA LYS A 56 25.01 13.03 -12.83
C LYS A 56 24.05 12.93 -14.00
N HIS A 57 23.18 11.94 -13.96
CA HIS A 57 22.14 11.82 -14.95
C HIS A 57 20.86 12.49 -14.46
N SER A 58 20.12 13.07 -15.40
CA SER A 58 18.76 13.51 -15.16
C SER A 58 17.89 12.32 -14.78
N TRP A 59 16.74 12.62 -14.16
CA TRP A 59 15.79 11.58 -13.76
C TRP A 59 15.33 10.76 -14.96
N ASP A 60 15.00 11.42 -16.07
CA ASP A 60 14.59 10.69 -17.27
C ASP A 60 15.75 9.89 -17.85
N GLY A 61 16.97 10.42 -17.75
CA GLY A 61 18.16 9.63 -18.06
C GLY A 61 18.29 8.36 -17.24
N LEU A 62 18.09 8.48 -15.92
CA LEU A 62 18.16 7.33 -15.02
C LEU A 62 17.06 6.32 -15.33
N ARG A 63 15.86 6.81 -15.68
CA ARG A 63 14.81 5.93 -16.17
C ARG A 63 15.23 5.22 -17.44
N SER A 64 15.84 5.95 -18.38
CA SER A 64 16.35 5.37 -19.62
C SER A 64 17.38 4.27 -19.36
N ILE A 65 18.21 4.45 -18.33
CA ILE A 65 19.22 3.45 -17.97
C ILE A 65 18.59 2.22 -17.33
N ILE A 66 17.69 2.42 -16.37
CA ILE A 66 17.00 1.30 -15.74
C ILE A 66 16.14 0.54 -16.75
N HIS A 67 15.43 1.26 -17.62
CA HIS A 67 14.67 0.59 -18.68
C HIS A 67 15.60 -0.16 -19.62
N GLY A 68 16.73 0.46 -20.00
CA GLY A 68 17.76 -0.15 -20.83
C GLY A 68 18.40 -1.37 -20.22
N SER A 69 18.27 -1.54 -18.90
CA SER A 69 18.75 -2.74 -18.24
C SER A 69 17.84 -3.91 -18.59
N ARG A 70 16.54 -3.66 -18.67
CA ARG A 70 15.51 -4.68 -18.70
C ARG A 70 15.00 -4.92 -20.11
N LYS A 71 15.63 -4.27 -21.10
CA LYS A 71 15.37 -4.58 -22.50
C LYS A 71 15.74 -6.02 -22.80
N TYR A 72 16.87 -6.46 -22.27
CA TYR A 72 17.37 -7.81 -22.47
C TYR A 72 17.13 -8.72 -21.29
N SER A 73 16.42 -8.27 -20.25
CA SER A 73 16.22 -9.10 -19.08
C SER A 73 14.96 -9.94 -19.13
N GLY A 74 14.06 -9.67 -20.08
CA GLY A 74 12.94 -10.57 -20.30
C GLY A 74 13.40 -11.93 -20.80
N LEU A 75 14.44 -11.94 -21.64
CA LEU A 75 14.99 -13.19 -22.15
C LEU A 75 15.88 -13.90 -21.11
N ILE A 76 16.46 -13.16 -20.16
CA ILE A 76 17.32 -13.77 -19.13
C ILE A 76 16.52 -14.70 -18.22
N VAL A 77 15.35 -14.26 -17.77
CA VAL A 77 14.56 -15.03 -16.82
C VAL A 77 13.30 -15.52 -17.53
N ASN A 78 13.22 -16.84 -17.60
CA ASN A 78 12.12 -17.50 -18.23
C ASN A 78 11.31 -18.29 -17.25
N LYS A 79 11.63 -18.14 -15.96
CA LYS A 79 10.99 -18.93 -14.90
C LYS A 79 11.14 -20.37 -15.33
N ALA A 80 12.39 -20.80 -15.45
CA ALA A 80 12.75 -22.10 -16.00
C ALA A 80 12.19 -23.29 -15.26
N PRO A 81 12.17 -24.43 -15.95
CA PRO A 81 11.54 -25.68 -15.53
C PRO A 81 11.90 -26.07 -14.12
N HIS A 82 10.86 -26.50 -13.44
CA HIS A 82 10.82 -26.80 -12.01
C HIS A 82 9.56 -27.63 -11.79
N ASP A 83 9.42 -28.16 -10.57
CA ASP A 83 8.27 -28.98 -10.14
C ASP A 83 8.18 -30.23 -11.01
N PHE A 84 9.31 -30.95 -11.13
CA PHE A 84 9.39 -32.07 -12.07
C PHE A 84 8.75 -33.37 -11.60
N GLN A 85 8.09 -34.05 -12.54
CA GLN A 85 7.49 -35.35 -12.31
C GLN A 85 7.83 -36.28 -13.48
N PHE A 86 8.74 -37.22 -13.24
CA PHE A 86 9.10 -38.27 -14.20
C PHE A 86 8.04 -39.35 -14.28
N VAL A 87 7.62 -39.73 -15.49
CA VAL A 87 6.72 -40.86 -15.67
C VAL A 87 7.20 -41.78 -16.79
N GLN A 88 7.21 -43.07 -16.50
CA GLN A 88 7.61 -44.11 -17.43
C GLN A 88 6.51 -44.35 -18.45
N LYS A 89 6.88 -44.99 -19.55
CA LYS A 89 5.92 -45.31 -20.59
C LYS A 89 5.71 -46.80 -20.76
N THR A 90 6.71 -47.60 -20.36
CA THR A 90 6.71 -49.08 -20.34
C THR A 90 6.16 -49.69 -21.63
N ASP A 91 6.86 -49.40 -22.73
CA ASP A 91 6.43 -49.85 -24.05
C ASP A 91 7.36 -50.87 -24.67
N GLU A 92 8.69 -50.68 -24.49
CA GLU A 92 9.78 -51.51 -25.01
C GLU A 92 9.87 -51.52 -26.54
N SER A 93 9.04 -50.72 -27.21
CA SER A 93 9.11 -50.51 -28.65
C SER A 93 8.92 -49.06 -29.03
N GLY A 94 8.55 -48.19 -28.10
CA GLY A 94 8.33 -46.79 -28.40
C GLY A 94 9.61 -46.01 -28.48
N PRO A 95 9.49 -44.73 -28.79
CA PRO A 95 10.68 -43.89 -28.96
C PRO A 95 11.15 -43.18 -27.71
N HIS A 96 10.23 -42.80 -26.82
CA HIS A 96 10.55 -41.99 -25.65
C HIS A 96 10.63 -42.87 -24.42
N SER A 97 11.68 -42.65 -23.61
CA SER A 97 11.87 -43.49 -22.43
C SER A 97 11.00 -42.98 -21.28
N HIS A 98 10.91 -41.66 -21.14
CA HIS A 98 10.10 -41.06 -20.09
C HIS A 98 9.31 -39.89 -20.66
N ARG A 99 8.45 -39.34 -19.80
CA ARG A 99 7.86 -38.03 -20.00
C ARG A 99 8.12 -37.21 -18.75
N LEU A 100 8.77 -36.07 -18.93
CA LEU A 100 9.06 -35.13 -17.86
C LEU A 100 7.96 -34.09 -17.79
N TYR A 101 7.29 -33.97 -16.64
CA TYR A 101 6.26 -32.95 -16.48
C TYR A 101 6.79 -31.85 -15.60
N TYR A 102 6.48 -30.60 -15.95
CA TYR A 102 7.07 -29.49 -15.20
C TYR A 102 6.28 -28.22 -15.48
N LEU A 103 6.59 -27.19 -14.71
CA LEU A 103 6.01 -25.88 -14.97
C LEU A 103 6.97 -25.05 -15.80
N GLY A 104 6.44 -24.20 -16.68
CA GLY A 104 7.32 -23.42 -17.52
C GLY A 104 6.60 -22.41 -18.38
N MET A 105 7.37 -21.45 -18.90
CA MET A 105 6.88 -20.24 -19.57
C MET A 105 7.34 -20.31 -21.01
N PRO A 106 6.55 -20.86 -21.93
CA PRO A 106 6.93 -20.83 -23.34
C PRO A 106 6.76 -19.43 -23.89
N TYR A 107 7.35 -19.23 -25.08
CA TYR A 107 7.61 -17.88 -25.58
C TYR A 107 6.33 -17.11 -25.90
N GLY A 108 5.25 -17.83 -26.23
CA GLY A 108 4.00 -17.18 -26.56
C GLY A 108 3.35 -16.44 -25.40
N SER A 109 3.50 -16.98 -24.18
CA SER A 109 2.81 -16.45 -23.03
C SER A 109 3.78 -15.92 -21.99
N ARG A 110 3.28 -15.04 -21.15
CA ARG A 110 4.02 -14.50 -20.01
C ARG A 110 3.76 -15.29 -18.74
N GLU A 111 3.14 -16.46 -18.85
CA GLU A 111 2.51 -17.10 -17.72
C GLU A 111 3.07 -18.50 -17.50
N ASN A 112 3.05 -18.94 -16.24
CA ASN A 112 3.63 -20.22 -15.87
C ASN A 112 2.59 -21.31 -16.08
N SER A 113 2.93 -22.36 -16.83
CA SER A 113 1.91 -23.37 -17.12
C SER A 113 2.51 -24.77 -17.11
N LEU A 114 1.62 -25.76 -17.07
CA LEU A 114 2.02 -27.16 -17.10
C LEU A 114 2.47 -27.56 -18.49
N LEU A 115 3.62 -28.23 -18.56
CA LEU A 115 4.21 -28.62 -19.82
C LEU A 115 4.75 -30.03 -19.64
N TYR A 116 5.28 -30.57 -20.74
CA TYR A 116 6.03 -31.80 -20.66
C TYR A 116 7.09 -31.84 -21.75
N SER A 117 8.08 -32.68 -21.51
CA SER A 117 9.12 -33.02 -22.46
C SER A 117 9.10 -34.53 -22.66
N GLU A 118 9.65 -34.97 -23.77
CA GLU A 118 9.76 -36.39 -24.10
C GLU A 118 11.21 -36.83 -24.01
N ILE A 119 11.51 -37.64 -23.01
CA ILE A 119 12.87 -38.12 -22.78
C ILE A 119 13.05 -39.40 -23.59
N PRO A 120 13.97 -39.43 -24.55
CA PRO A 120 14.10 -40.58 -25.44
C PRO A 120 14.82 -41.76 -24.80
N LYS A 121 14.72 -42.88 -25.50
CA LYS A 121 15.39 -44.13 -25.17
C LYS A 121 16.87 -44.14 -25.52
N LYS A 122 17.29 -43.41 -26.55
CA LYS A 122 18.71 -43.20 -26.80
C LYS A 122 18.93 -41.97 -27.66
N VAL A 123 19.79 -41.08 -27.17
CA VAL A 123 20.23 -39.87 -27.85
C VAL A 123 21.35 -40.24 -28.82
N ARG A 124 21.71 -39.32 -29.71
CA ARG A 124 22.87 -39.53 -30.56
C ARG A 124 24.10 -38.88 -29.94
N LYS A 125 25.26 -39.49 -30.20
CA LYS A 125 26.52 -38.96 -29.71
C LYS A 125 26.88 -37.68 -30.46
N GLU A 126 27.56 -36.77 -29.76
CA GLU A 126 28.05 -35.53 -30.38
C GLU A 126 26.98 -34.54 -30.75
N ALA A 127 25.77 -34.73 -30.24
CA ALA A 127 24.69 -33.82 -30.55
C ALA A 127 24.05 -33.37 -29.27
N LEU A 128 23.83 -32.07 -29.14
CA LEU A 128 23.19 -31.58 -27.95
C LEU A 128 21.72 -31.63 -28.26
N LEU A 129 20.97 -32.35 -27.44
CA LEU A 129 19.55 -32.42 -27.66
C LEU A 129 18.86 -31.61 -26.61
N LEU A 130 18.18 -30.56 -27.02
CA LEU A 130 17.44 -29.77 -26.07
C LEU A 130 15.99 -29.97 -26.35
N LEU A 131 15.25 -30.40 -25.35
CA LEU A 131 13.85 -30.72 -25.51
C LEU A 131 12.91 -29.56 -25.75
N SER A 132 11.93 -29.83 -26.60
CA SER A 132 10.85 -28.93 -26.93
C SER A 132 9.89 -29.00 -25.75
N TRP A 133 9.26 -27.89 -25.43
CA TRP A 133 8.32 -27.85 -24.32
C TRP A 133 6.93 -27.94 -24.90
N LYS A 134 6.38 -29.15 -24.89
CA LYS A 134 5.06 -29.34 -25.44
C LYS A 134 4.08 -28.89 -24.37
N GLN A 135 2.91 -28.45 -24.79
CA GLN A 135 1.92 -27.92 -23.87
C GLN A 135 0.97 -29.04 -23.48
N MET A 136 0.71 -29.17 -22.19
CA MET A 136 -0.37 -30.03 -21.74
C MET A 136 -1.73 -29.40 -22.02
N LEU A 137 -1.88 -28.13 -21.67
CA LEU A 137 -3.14 -27.43 -21.72
C LEU A 137 -3.29 -26.66 -23.02
N ASP A 138 -4.54 -26.33 -23.35
CA ASP A 138 -4.87 -25.79 -24.66
C ASP A 138 -4.86 -24.26 -24.66
N HIS A 139 -3.68 -23.73 -24.28
CA HIS A 139 -3.30 -22.29 -24.36
C HIS A 139 -4.34 -21.34 -23.78
N PHE A 140 -4.92 -21.72 -22.64
CA PHE A 140 -5.96 -20.91 -22.04
C PHE A 140 -5.35 -19.95 -21.02
N GLN A 141 -6.19 -19.06 -20.49
CA GLN A 141 -5.76 -18.05 -19.54
C GLN A 141 -6.03 -18.55 -18.12
N ALA A 142 -4.95 -18.86 -17.40
CA ALA A 142 -5.03 -19.42 -16.06
C ALA A 142 -4.81 -18.37 -14.97
N THR A 143 -4.84 -17.08 -15.33
CA THR A 143 -4.64 -15.97 -14.42
C THR A 143 -5.79 -14.98 -14.60
N PRO A 144 -6.30 -14.38 -13.50
CA PRO A 144 -7.33 -13.35 -13.66
C PRO A 144 -6.80 -12.05 -14.25
N HIS A 145 -7.71 -11.08 -14.45
CA HIS A 145 -7.41 -9.89 -15.23
C HIS A 145 -6.42 -8.99 -14.51
N HIS A 146 -5.39 -8.55 -15.25
CA HIS A 146 -4.31 -7.68 -14.77
C HIS A 146 -3.54 -8.28 -13.58
N GLY A 147 -3.49 -9.62 -13.51
CA GLY A 147 -2.73 -10.30 -12.49
C GLY A 147 -3.32 -10.28 -11.10
N VAL A 148 -4.60 -9.95 -10.95
CA VAL A 148 -5.21 -9.90 -9.63
C VAL A 148 -5.50 -11.32 -9.15
N TYR A 149 -5.75 -11.46 -7.85
CA TYR A 149 -5.98 -12.75 -7.23
C TYR A 149 -7.02 -12.55 -6.13
N SER A 150 -7.34 -13.63 -5.43
CA SER A 150 -8.11 -13.48 -4.21
C SER A 150 -7.15 -13.10 -3.07
N ARG A 151 -7.71 -12.82 -1.90
CA ARG A 151 -6.88 -12.42 -0.78
C ARG A 151 -6.06 -13.59 -0.26
N GLU A 152 -6.65 -14.79 -0.24
CA GLU A 152 -5.91 -15.97 0.18
C GLU A 152 -4.84 -16.35 -0.83
N GLU A 153 -5.13 -16.21 -2.13
CA GLU A 153 -4.14 -16.46 -3.16
C GLU A 153 -2.99 -15.46 -3.08
N GLU A 154 -3.30 -14.17 -2.89
CA GLU A 154 -2.27 -13.16 -2.81
C GLU A 154 -1.40 -13.33 -1.57
N LEU A 155 -2.03 -13.69 -0.45
CA LEU A 155 -1.28 -13.97 0.77
C LEU A 155 -0.39 -15.19 0.62
N LEU A 156 -0.91 -16.27 0.02
CA LEU A 156 -0.14 -17.49 -0.17
C LEU A 156 1.02 -17.27 -1.14
N ARG A 157 0.80 -16.50 -2.19
CA ARG A 157 1.89 -16.17 -3.11
C ARG A 157 2.92 -15.27 -2.46
N GLU A 158 2.50 -14.43 -1.51
CA GLU A 158 3.45 -13.63 -0.75
C GLU A 158 4.29 -14.49 0.18
N ARG A 159 3.69 -15.50 0.82
CA ARG A 159 4.45 -16.38 1.71
C ARG A 159 5.38 -17.28 0.91
N LYS A 160 4.95 -17.73 -0.26
CA LYS A 160 5.78 -18.58 -1.11
C LYS A 160 6.73 -17.79 -2.00
N ARG A 161 6.68 -16.45 -1.95
CA ARG A 161 7.48 -15.54 -2.79
C ARG A 161 7.26 -15.78 -4.28
N LEU A 162 6.02 -16.12 -4.65
CA LEU A 162 5.71 -16.45 -6.04
C LEU A 162 5.54 -15.15 -6.82
N GLY A 163 6.60 -14.73 -7.49
CA GLY A 163 6.52 -13.56 -8.33
C GLY A 163 5.91 -13.81 -9.69
N VAL A 164 5.70 -15.06 -10.05
CA VAL A 164 5.28 -15.42 -11.39
C VAL A 164 3.81 -15.79 -11.36
N PHE A 165 3.14 -15.60 -12.49
CA PHE A 165 1.70 -15.70 -12.57
C PHE A 165 1.27 -17.03 -13.22
N GLY A 166 0.09 -17.48 -12.84
CA GLY A 166 -0.48 -18.66 -13.46
C GLY A 166 -0.46 -19.88 -12.57
N ILE A 167 -0.11 -21.01 -13.19
CA ILE A 167 -0.05 -22.31 -12.51
C ILE A 167 1.29 -22.40 -11.79
N THR A 168 1.29 -22.12 -10.49
CA THR A 168 2.51 -22.02 -9.71
C THR A 168 2.75 -23.31 -8.96
N SER A 169 1.72 -23.85 -8.34
CA SER A 169 1.79 -25.08 -7.58
C SER A 169 0.79 -26.03 -8.21
N TYR A 170 1.19 -27.27 -8.45
CA TYR A 170 0.24 -28.28 -8.90
C TYR A 170 0.48 -29.56 -8.12
N ASP A 171 -0.49 -30.46 -8.20
CA ASP A 171 -0.40 -31.75 -7.55
C ASP A 171 -0.53 -32.82 -8.62
N PHE A 172 0.16 -33.93 -8.39
CA PHE A 172 0.24 -35.03 -9.33
C PHE A 172 0.12 -36.35 -8.61
N HIS A 173 -0.58 -37.29 -9.26
CA HIS A 173 -0.71 -38.63 -8.72
C HIS A 173 -0.24 -39.55 -9.84
N SER A 174 0.83 -40.32 -9.56
CA SER A 174 1.59 -41.08 -10.56
C SER A 174 0.78 -42.07 -11.38
N GLU A 175 0.24 -43.12 -10.74
CA GLU A 175 -0.35 -44.25 -11.49
C GLU A 175 -1.55 -43.83 -12.33
N SER A 176 -2.56 -43.20 -11.71
CA SER A 176 -3.66 -42.66 -12.48
C SER A 176 -3.26 -41.48 -13.36
N GLY A 177 -2.12 -40.84 -13.07
CA GLY A 177 -1.61 -39.77 -13.91
C GLY A 177 -2.40 -38.48 -13.83
N LEU A 178 -2.86 -38.14 -12.62
CA LEU A 178 -3.79 -37.05 -12.36
C LEU A 178 -3.05 -35.75 -12.05
N PHE A 179 -3.43 -34.67 -12.74
CA PHE A 179 -2.86 -33.34 -12.58
C PHE A 179 -3.97 -32.45 -12.02
N LEU A 180 -3.92 -32.19 -10.72
CA LEU A 180 -4.87 -31.31 -10.07
C LEU A 180 -4.18 -29.98 -9.82
N PHE A 181 -4.72 -28.90 -10.38
CA PHE A 181 -4.11 -27.59 -10.20
C PHE A 181 -5.16 -26.50 -9.99
N GLN A 182 -4.64 -25.33 -9.61
CA GLN A 182 -5.41 -24.11 -9.40
C GLN A 182 -5.14 -23.22 -10.59
N ALA A 183 -6.18 -22.90 -11.33
CA ALA A 183 -6.05 -22.05 -12.48
C ALA A 183 -7.15 -21.04 -12.30
N SER A 184 -6.83 -19.78 -12.59
CA SER A 184 -7.77 -18.68 -12.42
C SER A 184 -8.20 -18.72 -10.95
N ASN A 185 -9.49 -18.75 -10.68
CA ASN A 185 -9.95 -18.81 -9.30
C ASN A 185 -10.74 -20.08 -9.06
N SER A 186 -10.39 -21.10 -9.81
CA SER A 186 -11.07 -22.40 -9.81
C SER A 186 -10.07 -23.53 -9.96
N LEU A 187 -10.56 -24.73 -9.70
CA LEU A 187 -9.77 -25.94 -9.76
C LEU A 187 -9.97 -26.64 -11.09
N PHE A 188 -8.90 -27.27 -11.55
CA PHE A 188 -8.86 -27.95 -12.83
C PHE A 188 -8.07 -29.23 -12.64
N HIS A 189 -8.24 -30.12 -13.61
CA HIS A 189 -7.49 -31.35 -13.60
C HIS A 189 -7.43 -31.88 -15.02
N CYS A 190 -6.53 -32.83 -15.18
CA CYS A 190 -6.32 -33.53 -16.45
C CYS A 190 -5.52 -34.78 -16.14
N ARG A 191 -5.39 -35.66 -17.13
CA ARG A 191 -4.60 -36.84 -16.84
C ARG A 191 -3.87 -37.23 -18.09
N ASP A 192 -2.75 -37.91 -17.88
CA ASP A 192 -1.86 -38.15 -19.01
C ASP A 192 -1.26 -39.56 -18.85
N GLY A 193 -1.89 -40.56 -19.47
CA GLY A 193 -1.33 -41.88 -19.45
C GLY A 193 -1.42 -42.61 -18.12
N GLY A 194 -2.64 -42.80 -17.63
CA GLY A 194 -2.87 -43.71 -16.53
C GLY A 194 -3.53 -44.96 -17.07
N LYS A 195 -4.85 -45.05 -16.91
CA LYS A 195 -5.62 -45.97 -17.75
C LYS A 195 -5.80 -45.41 -19.15
N ASN A 196 -5.65 -44.10 -19.32
CA ASN A 196 -5.61 -43.46 -20.62
C ASN A 196 -4.18 -43.49 -21.16
N GLY A 197 -3.90 -42.70 -22.20
CA GLY A 197 -2.63 -42.75 -22.88
C GLY A 197 -1.89 -41.42 -22.89
N PHE A 198 -0.75 -41.44 -23.57
CA PHE A 198 0.14 -40.29 -23.70
C PHE A 198 -0.21 -39.49 -24.94
N MET A 199 -0.73 -38.28 -24.73
CA MET A 199 -1.17 -37.37 -25.76
C MET A 199 0.03 -36.78 -26.50
N VAL A 200 -0.25 -36.28 -27.72
CA VAL A 200 0.73 -35.52 -28.50
C VAL A 200 0.28 -34.10 -28.80
N SER A 201 -0.98 -33.89 -29.19
CA SER A 201 -1.51 -32.55 -29.15
C SER A 201 -2.02 -32.22 -27.75
N PRO A 202 -2.19 -30.94 -27.39
CA PRO A 202 -2.69 -30.66 -26.04
C PRO A 202 -4.19 -30.79 -25.92
N MET A 203 -4.60 -31.23 -24.73
CA MET A 203 -5.97 -31.41 -24.33
C MET A 203 -6.33 -30.31 -23.36
N LYS A 204 -7.55 -29.79 -23.47
CA LYS A 204 -7.90 -28.69 -22.58
C LYS A 204 -8.19 -29.24 -21.18
N PRO A 205 -7.92 -28.45 -20.13
CA PRO A 205 -8.09 -28.95 -18.76
C PRO A 205 -9.53 -28.95 -18.30
N LEU A 206 -9.96 -30.08 -17.76
CA LEU A 206 -11.32 -30.20 -17.25
C LEU A 206 -11.47 -29.40 -15.97
N GLU A 207 -12.59 -28.69 -15.90
CA GLU A 207 -12.91 -27.77 -14.81
C GLU A 207 -13.70 -28.53 -13.77
N ILE A 208 -13.43 -28.26 -12.51
CA ILE A 208 -14.11 -28.94 -11.42
C ILE A 208 -15.00 -27.88 -10.80
N LYS A 209 -16.31 -28.07 -10.92
CA LYS A 209 -17.23 -27.07 -10.44
C LYS A 209 -17.37 -27.17 -8.93
N THR A 210 -17.98 -26.15 -8.35
CA THR A 210 -18.19 -26.14 -6.92
C THR A 210 -19.52 -25.51 -6.56
N GLN A 211 -20.09 -26.01 -5.48
CA GLN A 211 -21.23 -25.39 -4.81
C GLN A 211 -20.75 -24.40 -3.74
N CYS A 212 -19.48 -24.45 -3.39
CA CYS A 212 -18.93 -23.63 -2.31
C CYS A 212 -18.68 -22.22 -2.81
N SER A 213 -18.92 -21.26 -1.93
CA SER A 213 -18.76 -19.85 -2.24
C SER A 213 -17.47 -19.35 -1.60
N GLY A 214 -16.51 -19.00 -2.44
CA GLY A 214 -15.18 -18.65 -2.01
C GLY A 214 -14.15 -19.42 -2.81
N PRO A 215 -12.88 -19.02 -2.71
CA PRO A 215 -11.84 -19.75 -3.43
C PRO A 215 -11.49 -21.06 -2.74
N ARG A 216 -10.93 -21.97 -3.53
CA ARG A 216 -10.52 -23.30 -3.06
C ARG A 216 -9.00 -23.44 -2.95
N MET A 217 -8.49 -23.31 -1.73
CA MET A 217 -7.04 -23.38 -1.53
C MET A 217 -6.59 -24.82 -1.42
N ASP A 218 -5.29 -25.01 -1.56
CA ASP A 218 -4.56 -26.22 -1.17
C ASP A 218 -5.12 -27.55 -1.69
N PRO A 219 -5.22 -27.75 -3.01
CA PRO A 219 -5.73 -29.04 -3.52
C PRO A 219 -4.69 -30.16 -3.44
N LYS A 220 -5.12 -31.32 -2.96
CA LYS A 220 -4.26 -32.50 -2.89
C LYS A 220 -5.07 -33.74 -3.25
N ILE A 221 -4.51 -34.55 -4.15
CA ILE A 221 -5.16 -35.79 -4.59
C ILE A 221 -4.94 -36.86 -3.53
N CYS A 222 -6.01 -37.59 -3.19
CA CYS A 222 -5.90 -38.72 -2.29
C CYS A 222 -5.03 -39.82 -2.89
N PRO A 223 -3.91 -40.18 -2.26
CA PRO A 223 -3.01 -41.19 -2.87
C PRO A 223 -3.66 -42.55 -2.98
N ALA A 224 -4.42 -42.92 -1.95
CA ALA A 224 -5.11 -44.21 -1.88
C ALA A 224 -6.22 -44.32 -2.93
N ASP A 225 -6.96 -43.26 -3.18
CA ASP A 225 -8.02 -43.28 -4.20
C ASP A 225 -7.93 -42.06 -5.09
N PRO A 226 -7.48 -42.22 -6.34
CA PRO A 226 -7.24 -41.06 -7.22
C PRO A 226 -8.50 -40.31 -7.60
N ALA A 227 -9.66 -40.96 -7.49
CA ALA A 227 -10.94 -40.30 -7.70
C ALA A 227 -11.21 -39.21 -6.68
N PHE A 228 -10.66 -39.34 -5.49
CA PHE A 228 -10.88 -38.39 -4.42
C PHE A 228 -9.77 -37.37 -4.30
N PHE A 229 -10.15 -36.14 -3.95
CA PHE A 229 -9.17 -35.11 -3.68
C PHE A 229 -9.70 -34.25 -2.56
N SER A 230 -8.92 -33.26 -2.15
CA SER A 230 -9.30 -32.45 -1.01
C SER A 230 -8.73 -31.05 -1.18
N PHE A 231 -9.38 -30.09 -0.52
CA PHE A 231 -8.93 -28.71 -0.63
C PHE A 231 -9.37 -27.96 0.61
N ILE A 232 -8.85 -26.75 0.78
CA ILE A 232 -9.34 -25.89 1.84
C ILE A 232 -10.36 -24.96 1.19
N ASN A 233 -11.50 -24.78 1.84
CA ASN A 233 -12.46 -23.75 1.47
C ASN A 233 -12.94 -23.06 2.74
N ASN A 234 -12.74 -21.73 2.79
CA ASN A 234 -13.09 -20.85 3.91
C ASN A 234 -12.68 -21.47 5.24
N SER A 235 -11.36 -21.55 5.40
CA SER A 235 -10.66 -22.09 6.57
C SER A 235 -11.30 -23.37 7.10
N ASP A 236 -11.71 -24.26 6.19
CA ASP A 236 -12.24 -25.58 6.55
C ASP A 236 -11.81 -26.58 5.51
N LEU A 237 -11.55 -27.80 5.97
CA LEU A 237 -11.14 -28.87 5.09
C LEU A 237 -12.34 -29.43 4.32
N TRP A 238 -12.25 -29.45 3.00
CA TRP A 238 -13.27 -30.06 2.18
C TRP A 238 -12.67 -31.26 1.47
N VAL A 239 -13.54 -32.07 0.88
CA VAL A 239 -13.12 -33.26 0.14
C VAL A 239 -14.11 -33.46 -0.99
N ALA A 240 -13.62 -33.95 -2.13
CA ALA A 240 -14.45 -34.05 -3.31
C ALA A 240 -14.12 -35.34 -4.04
N ASN A 241 -14.75 -35.51 -5.21
CA ASN A 241 -14.54 -36.66 -6.08
C ASN A 241 -14.64 -36.25 -7.54
N ILE A 242 -13.53 -36.40 -8.28
CA ILE A 242 -13.41 -35.97 -9.68
C ILE A 242 -14.46 -36.64 -10.55
N GLU A 243 -14.74 -37.92 -10.30
CA GLU A 243 -15.65 -38.65 -11.19
C GLU A 243 -17.11 -38.26 -10.97
N THR A 244 -17.54 -38.21 -9.71
CA THR A 244 -18.94 -37.91 -9.43
C THR A 244 -19.25 -36.42 -9.29
N GLY A 245 -18.24 -35.60 -8.97
CA GLY A 245 -18.47 -34.19 -8.74
C GLY A 245 -18.98 -33.86 -7.35
N GLU A 246 -19.25 -34.86 -6.52
CA GLU A 246 -19.83 -34.69 -5.20
C GLU A 246 -18.76 -34.17 -4.23
N GLU A 247 -19.05 -33.03 -3.60
CA GLU A 247 -18.23 -32.44 -2.55
C GLU A 247 -18.80 -32.73 -1.17
N ARG A 248 -17.99 -32.43 -0.15
CA ARG A 248 -18.30 -32.74 1.24
C ARG A 248 -17.34 -32.11 2.24
N ARG A 249 -17.89 -31.31 3.14
CA ARG A 249 -17.11 -30.62 4.16
C ARG A 249 -16.69 -31.66 5.19
N LEU A 250 -15.54 -31.46 5.83
CA LEU A 250 -15.12 -32.41 6.85
C LEU A 250 -14.95 -31.83 8.24
N THR A 251 -14.55 -30.57 8.36
CA THR A 251 -14.45 -29.93 9.66
C THR A 251 -15.52 -28.84 9.72
N PHE A 252 -15.94 -28.42 10.91
CA PHE A 252 -16.97 -27.40 11.03
C PHE A 252 -16.61 -26.45 12.16
N CYS A 253 -15.35 -26.03 12.21
CA CYS A 253 -14.88 -25.05 13.18
C CYS A 253 -15.10 -23.61 12.73
N HIS A 254 -15.40 -23.39 11.45
CA HIS A 254 -15.50 -22.06 10.87
C HIS A 254 -16.91 -21.82 10.35
N GLN A 255 -17.29 -20.55 10.29
CA GLN A 255 -18.68 -20.19 10.03
C GLN A 255 -18.85 -19.02 9.06
N GLY A 256 -17.80 -18.26 8.75
CA GLY A 256 -17.89 -17.16 7.81
C GLY A 256 -18.76 -16.01 8.25
N LEU A 257 -18.68 -15.63 9.53
CA LEU A 257 -19.58 -14.61 10.06
C LEU A 257 -19.10 -13.20 9.71
N SER A 258 -17.90 -12.86 10.13
CA SER A 258 -17.37 -11.51 10.05
C SER A 258 -15.86 -11.63 9.90
N ASN A 259 -15.14 -10.57 10.27
CA ASN A 259 -13.69 -10.59 10.32
C ASN A 259 -13.17 -11.61 11.32
N VAL A 260 -11.85 -11.83 11.29
CA VAL A 260 -11.23 -12.89 12.10
C VAL A 260 -11.22 -12.59 13.59
N LEU A 261 -11.66 -11.39 14.00
CA LEU A 261 -11.79 -11.09 15.43
C LEU A 261 -12.94 -11.85 16.07
N ASP A 262 -13.87 -12.39 15.30
CA ASP A 262 -15.08 -12.99 15.86
C ASP A 262 -15.31 -14.46 15.49
N ASP A 263 -14.54 -15.04 14.57
CA ASP A 263 -14.73 -16.43 14.18
C ASP A 263 -13.38 -17.09 13.99
N PRO A 264 -12.73 -17.48 15.08
CA PRO A 264 -11.26 -17.58 15.10
C PRO A 264 -10.68 -18.96 14.84
N LYS A 265 -11.50 -20.00 14.69
CA LYS A 265 -10.98 -21.35 14.51
C LYS A 265 -10.92 -21.74 13.04
N SER A 266 -9.77 -22.22 12.61
CA SER A 266 -9.51 -22.61 11.23
C SER A 266 -9.04 -24.06 11.25
N ALA A 267 -9.06 -24.72 10.10
CA ALA A 267 -8.65 -26.13 10.06
C ALA A 267 -8.11 -26.59 8.72
N GLY A 268 -6.92 -27.18 8.76
CA GLY A 268 -6.13 -27.52 7.59
C GLY A 268 -5.39 -26.37 6.96
N VAL A 269 -5.27 -25.25 7.65
CA VAL A 269 -4.58 -24.08 7.16
C VAL A 269 -3.34 -23.91 8.02
N ALA A 270 -2.24 -23.56 7.40
CA ALA A 270 -1.09 -23.13 8.18
C ALA A 270 -1.16 -21.63 8.33
N THR A 271 -1.13 -21.18 9.58
CA THR A 271 -1.23 -19.77 9.90
C THR A 271 0.04 -19.03 9.50
N PHE A 272 -0.06 -17.69 9.51
CA PHE A 272 0.98 -16.74 9.14
C PHE A 272 2.38 -17.14 9.61
N VAL A 273 2.53 -17.29 10.93
CA VAL A 273 3.83 -17.52 11.55
C VAL A 273 4.38 -18.88 11.11
N ILE A 274 3.51 -19.85 10.85
CA ILE A 274 3.96 -21.14 10.33
C ILE A 274 4.36 -20.98 8.86
N GLN A 275 3.54 -20.24 8.11
CA GLN A 275 3.78 -19.97 6.70
C GLN A 275 5.07 -19.17 6.44
N GLU A 276 5.15 -18.06 7.14
CA GLU A 276 6.27 -17.16 7.08
C GLU A 276 7.56 -17.66 7.71
N GLU A 277 7.48 -18.28 8.88
CA GLU A 277 8.70 -18.71 9.55
C GLU A 277 9.10 -20.15 9.38
N PHE A 278 8.13 -21.03 9.53
CA PHE A 278 8.35 -22.46 9.48
C PHE A 278 8.09 -23.09 8.12
N ASP A 279 7.89 -22.27 7.09
CA ASP A 279 7.83 -22.66 5.66
C ASP A 279 6.97 -23.90 5.44
N ARG A 280 5.76 -23.84 5.99
CA ARG A 280 4.71 -24.78 5.69
C ARG A 280 3.48 -24.03 5.20
N PHE A 281 2.93 -24.48 4.09
CA PHE A 281 1.86 -23.78 3.40
C PHE A 281 0.64 -24.67 3.30
N THR A 282 0.61 -25.75 4.11
CA THR A 282 -0.53 -26.63 4.23
C THR A 282 -0.60 -27.15 5.66
N GLY A 283 -1.82 -27.43 6.11
CA GLY A 283 -2.01 -27.96 7.44
C GLY A 283 -2.91 -29.18 7.43
N TYR A 284 -3.00 -29.85 6.28
CA TYR A 284 -3.64 -31.15 6.20
C TYR A 284 -2.81 -32.10 5.35
N TRP A 285 -2.83 -33.37 5.74
CA TRP A 285 -2.00 -34.40 5.15
C TRP A 285 -2.85 -35.64 4.95
N TRP A 286 -2.99 -36.07 3.69
CA TRP A 286 -3.71 -37.30 3.35
C TRP A 286 -3.00 -38.53 3.90
N CYS A 287 -3.81 -39.53 4.27
CA CYS A 287 -3.17 -40.81 4.49
C CYS A 287 -2.87 -41.45 3.14
N PRO A 288 -1.68 -42.03 2.95
CA PRO A 288 -1.34 -42.60 1.64
C PRO A 288 -1.95 -43.95 1.36
N THR A 289 -2.56 -44.58 2.35
CA THR A 289 -3.19 -45.88 2.19
C THR A 289 -4.60 -45.83 2.74
N ALA A 290 -5.41 -46.79 2.31
CA ALA A 290 -6.81 -46.87 2.64
C ALA A 290 -7.05 -48.06 3.55
N SER A 291 -7.80 -47.84 4.60
CA SER A 291 -8.20 -48.90 5.50
C SER A 291 -9.63 -49.31 5.17
N TRP A 292 -9.96 -50.55 5.51
CA TRP A 292 -11.27 -51.09 5.22
C TRP A 292 -11.87 -51.57 6.54
N GLU A 293 -12.95 -50.91 6.96
CA GLU A 293 -13.50 -51.14 8.29
C GLU A 293 -14.11 -52.53 8.40
N GLY A 294 -14.56 -53.09 7.28
CA GLY A 294 -15.19 -54.40 7.29
C GLY A 294 -16.55 -54.42 7.96
N SER A 295 -17.26 -53.29 7.96
CA SER A 295 -18.68 -53.32 8.27
C SER A 295 -19.46 -53.95 7.13
N GLU A 296 -19.51 -53.30 5.95
CA GLU A 296 -20.06 -53.93 4.76
C GLU A 296 -19.04 -54.02 3.64
N GLY A 297 -18.60 -52.89 3.10
CA GLY A 297 -17.54 -52.87 2.11
C GLY A 297 -16.74 -51.58 2.14
N LEU A 298 -16.97 -50.76 3.17
CA LEU A 298 -16.64 -49.35 3.07
C LEU A 298 -15.15 -49.09 3.31
N LYS A 299 -14.57 -48.30 2.43
CA LYS A 299 -13.14 -48.02 2.39
C LYS A 299 -12.89 -46.70 3.12
N THR A 300 -12.25 -46.75 4.28
CA THR A 300 -11.96 -45.55 5.05
C THR A 300 -10.78 -44.81 4.42
N LEU A 301 -10.76 -43.48 4.61
CA LEU A 301 -9.71 -42.63 4.08
C LEU A 301 -9.47 -41.50 5.07
N ARG A 302 -8.34 -41.55 5.77
CA ARG A 302 -8.03 -40.55 6.78
C ARG A 302 -7.32 -39.33 6.21
N ILE A 303 -7.40 -38.24 6.97
CA ILE A 303 -6.59 -37.05 6.75
C ILE A 303 -6.22 -36.53 8.13
N LEU A 304 -4.93 -36.30 8.35
CA LEU A 304 -4.47 -35.61 9.53
C LEU A 304 -4.53 -34.12 9.26
N TYR A 305 -5.09 -33.34 10.16
CA TYR A 305 -5.10 -31.91 9.94
C TYR A 305 -4.80 -31.20 11.25
N GLU A 306 -4.44 -29.94 11.14
CA GLU A 306 -4.11 -29.15 12.31
C GLU A 306 -5.24 -28.16 12.56
N GLU A 307 -5.96 -28.34 13.67
CA GLU A 307 -6.89 -27.33 14.14
C GLU A 307 -6.11 -26.27 14.88
N VAL A 308 -6.46 -25.01 14.67
CA VAL A 308 -5.79 -23.88 15.32
C VAL A 308 -6.90 -22.93 15.78
N ASP A 309 -6.88 -22.60 17.07
CA ASP A 309 -7.79 -21.65 17.68
C ASP A 309 -7.00 -20.39 17.99
N GLU A 310 -6.93 -19.50 17.01
CA GLU A 310 -6.14 -18.26 17.09
C GLU A 310 -6.99 -17.10 17.63
N SER A 311 -7.74 -17.38 18.70
CA SER A 311 -8.59 -16.36 19.32
C SER A 311 -7.78 -15.45 20.23
N GLU A 312 -6.83 -16.01 20.97
CA GLU A 312 -6.09 -15.29 21.99
C GLU A 312 -4.85 -14.60 21.40
N VAL A 313 -4.87 -14.33 20.11
CA VAL A 313 -3.74 -13.83 19.35
C VAL A 313 -4.11 -12.44 18.87
N GLU A 314 -3.15 -11.51 18.93
CA GLU A 314 -3.44 -10.12 18.62
C GLU A 314 -3.78 -9.92 17.16
N VAL A 315 -4.82 -9.12 16.94
CA VAL A 315 -5.27 -8.71 15.62
C VAL A 315 -4.65 -7.36 15.27
N ILE A 316 -4.12 -7.26 14.06
CA ILE A 316 -3.51 -6.03 13.58
C ILE A 316 -4.20 -5.70 12.27
N HIS A 317 -4.41 -4.43 12.00
CA HIS A 317 -5.01 -4.02 10.75
C HIS A 317 -3.93 -3.54 9.79
N VAL A 318 -3.94 -4.09 8.58
CA VAL A 318 -3.02 -3.69 7.51
C VAL A 318 -3.86 -3.26 6.31
N PRO A 319 -3.51 -2.15 5.66
CA PRO A 319 -4.23 -1.69 4.46
C PRO A 319 -4.39 -2.73 3.37
N SER A 320 -5.61 -2.80 2.83
CA SER A 320 -5.94 -3.68 1.73
C SER A 320 -5.35 -3.18 0.42
N PRO A 321 -5.12 -4.07 -0.55
CA PRO A 321 -4.69 -3.66 -1.89
C PRO A 321 -5.56 -2.63 -2.58
N ALA A 322 -6.87 -2.63 -2.38
CA ALA A 322 -7.73 -1.69 -3.08
C ALA A 322 -7.79 -0.40 -2.27
N LEU A 323 -6.85 0.50 -2.56
CA LEU A 323 -6.62 1.70 -1.76
C LEU A 323 -7.83 2.63 -1.73
N GLU A 324 -8.62 2.63 -2.82
CA GLU A 324 -9.82 3.45 -2.93
C GLU A 324 -10.83 3.14 -1.84
N GLU A 325 -11.00 1.86 -1.51
CA GLU A 325 -11.99 1.42 -0.53
C GLU A 325 -11.62 1.88 0.88
N ARG A 326 -10.35 2.25 1.11
CA ARG A 326 -9.80 2.74 2.39
C ARG A 326 -10.18 1.87 3.57
N LYS A 327 -10.16 0.56 3.34
CA LYS A 327 -10.44 -0.44 4.35
C LYS A 327 -9.16 -1.22 4.61
N THR A 328 -9.15 -1.94 5.72
CA THR A 328 -8.02 -2.75 6.11
C THR A 328 -8.39 -4.22 6.01
N ASP A 329 -7.41 -5.06 6.31
CA ASP A 329 -7.60 -6.47 6.57
C ASP A 329 -7.10 -6.75 7.97
N SER A 330 -7.89 -7.50 8.72
CA SER A 330 -7.45 -8.01 10.00
C SER A 330 -6.42 -9.11 9.79
N TYR A 331 -5.43 -9.17 10.67
CA TYR A 331 -4.39 -10.18 10.57
C TYR A 331 -4.10 -10.69 11.97
N ARG A 332 -4.21 -12.00 12.17
CA ARG A 332 -3.85 -12.63 13.44
C ARG A 332 -2.34 -12.74 13.57
N TYR A 333 -1.72 -11.61 13.92
CA TYR A 333 -0.27 -11.46 13.97
C TYR A 333 0.25 -11.63 15.38
N PRO A 334 0.82 -12.79 15.74
CA PRO A 334 1.30 -12.95 17.12
C PRO A 334 2.62 -12.22 17.30
N ARG A 335 2.63 -11.19 18.14
CA ARG A 335 3.87 -10.51 18.50
C ARG A 335 4.76 -11.45 19.30
N THR A 336 6.04 -11.13 19.36
CA THR A 336 6.92 -11.71 20.38
C THR A 336 6.34 -11.50 21.75
N GLY A 337 6.54 -12.48 22.63
CA GLY A 337 5.90 -12.33 23.93
C GLY A 337 4.44 -12.73 23.95
N SER A 338 3.65 -12.24 22.99
CA SER A 338 2.25 -12.56 22.89
C SER A 338 2.03 -14.02 22.46
N LYS A 339 0.77 -14.41 22.49
CA LYS A 339 0.38 -15.80 22.30
C LYS A 339 0.27 -16.19 20.84
N ASN A 340 0.78 -17.38 20.53
CA ASN A 340 0.65 -17.99 19.22
C ASN A 340 -0.71 -18.68 19.15
N PRO A 341 -1.13 -19.17 17.98
CA PRO A 341 -2.41 -19.89 17.92
C PRO A 341 -2.32 -21.20 18.69
N LYS A 342 -3.45 -21.60 19.24
CA LYS A 342 -3.51 -22.81 20.04
C LYS A 342 -3.84 -23.97 19.12
N ILE A 343 -2.89 -24.87 18.98
CA ILE A 343 -2.87 -25.85 17.93
C ILE A 343 -3.37 -27.18 18.49
N ALA A 344 -3.66 -28.11 17.59
CA ALA A 344 -4.04 -29.48 17.88
C ALA A 344 -4.05 -30.26 16.58
N LEU A 345 -3.76 -31.56 16.69
CA LEU A 345 -3.83 -32.46 15.56
C LEU A 345 -5.13 -33.23 15.64
N LYS A 346 -5.67 -33.56 14.47
CA LYS A 346 -7.02 -34.09 14.41
C LYS A 346 -7.08 -35.00 13.20
N LEU A 347 -7.89 -36.04 13.29
CA LEU A 347 -8.12 -36.99 12.21
C LEU A 347 -9.47 -36.74 11.55
N ALA A 348 -9.50 -36.41 10.29
CA ALA A 348 -10.79 -36.33 9.60
C ALA A 348 -10.93 -37.55 8.70
N GLU A 349 -11.75 -38.50 9.13
CA GLU A 349 -12.00 -39.71 8.38
C GLU A 349 -13.33 -39.63 7.65
N PHE A 350 -13.47 -40.52 6.69
CA PHE A 350 -14.74 -40.80 6.03
C PHE A 350 -14.58 -42.14 5.34
N GLN A 351 -15.71 -42.68 4.87
CA GLN A 351 -15.73 -43.99 4.24
C GLN A 351 -16.45 -43.83 2.92
N THR A 352 -16.31 -44.83 2.05
CA THR A 352 -16.85 -44.72 0.69
C THR A 352 -17.37 -46.05 0.19
N ASP A 353 -18.44 -45.99 -0.58
CA ASP A 353 -18.93 -47.12 -1.34
C ASP A 353 -17.97 -47.39 -2.50
N SER A 354 -18.00 -48.63 -3.00
CA SER A 354 -17.28 -48.99 -4.22
C SER A 354 -17.66 -48.14 -5.44
N GLN A 355 -18.86 -47.56 -5.47
CA GLN A 355 -19.17 -46.57 -6.50
C GLN A 355 -18.49 -45.22 -6.25
N GLY A 356 -18.06 -44.94 -5.03
CA GLY A 356 -17.25 -43.77 -4.74
C GLY A 356 -18.06 -42.57 -4.30
N LYS A 357 -18.82 -42.75 -3.22
CA LYS A 357 -19.63 -41.70 -2.61
C LYS A 357 -19.30 -41.62 -1.12
N ILE A 358 -19.15 -40.40 -0.61
CA ILE A 358 -18.81 -40.21 0.80
C ILE A 358 -20.02 -40.46 1.68
N VAL A 359 -20.23 -41.72 2.06
CA VAL A 359 -21.40 -42.11 2.84
C VAL A 359 -21.27 -41.48 4.24
N SER A 360 -20.32 -41.91 5.05
CA SER A 360 -20.15 -41.45 6.42
C SER A 360 -19.06 -40.38 6.44
N THR A 361 -18.91 -39.73 7.60
CA THR A 361 -17.81 -38.82 7.87
C THR A 361 -17.59 -38.85 9.38
N GLN A 362 -16.44 -38.35 9.84
CA GLN A 362 -16.11 -38.36 11.27
C GLN A 362 -14.89 -37.52 11.60
N GLU A 363 -15.08 -36.53 12.45
CA GLU A 363 -14.00 -35.81 13.10
C GLU A 363 -13.47 -36.67 14.23
N LYS A 364 -12.15 -36.72 14.38
CA LYS A 364 -11.56 -37.42 15.50
C LYS A 364 -10.51 -36.56 16.17
N GLU A 365 -10.31 -36.82 17.45
CA GLU A 365 -9.44 -36.03 18.30
C GLU A 365 -8.71 -36.94 19.27
N LEU A 366 -7.58 -36.45 19.77
CA LEU A 366 -6.73 -37.23 20.65
C LEU A 366 -7.48 -37.45 21.97
N VAL A 367 -7.18 -38.56 22.65
CA VAL A 367 -7.95 -39.00 23.81
C VAL A 367 -7.84 -38.03 24.99
N GLN A 368 -6.70 -37.40 25.17
CA GLN A 368 -6.57 -36.18 25.95
C GLN A 368 -6.31 -35.03 24.98
N PRO A 369 -6.52 -33.75 25.39
CA PRO A 369 -6.14 -32.63 24.53
C PRO A 369 -4.70 -32.67 24.04
N PHE A 370 -4.44 -31.95 22.95
CA PHE A 370 -3.09 -31.87 22.42
C PHE A 370 -2.18 -31.13 23.38
N SER A 371 -2.64 -30.00 23.91
CA SER A 371 -1.86 -29.22 24.86
C SER A 371 -1.52 -30.00 26.12
N SER A 372 -2.36 -30.96 26.52
CA SER A 372 -2.11 -31.77 27.71
C SER A 372 -1.30 -33.02 27.45
N LEU A 373 -1.55 -33.72 26.32
CA LEU A 373 -0.71 -34.84 25.93
C LEU A 373 0.70 -34.40 25.56
N PHE A 374 0.83 -33.19 25.01
CA PHE A 374 2.09 -32.66 24.51
C PHE A 374 2.29 -31.25 25.04
N PRO A 375 2.46 -31.07 26.36
CA PRO A 375 2.80 -29.74 26.87
C PRO A 375 4.14 -29.25 26.35
N LYS A 376 4.31 -27.93 26.39
CA LYS A 376 5.45 -27.16 25.87
C LYS A 376 5.60 -27.29 24.35
N VAL A 377 4.56 -27.72 23.63
CA VAL A 377 4.60 -27.84 22.18
C VAL A 377 3.91 -26.62 21.58
N GLU A 378 4.73 -25.64 21.18
CA GLU A 378 4.22 -24.38 20.67
C GLU A 378 3.82 -24.47 19.20
N TYR A 379 4.64 -25.11 18.37
CA TYR A 379 4.43 -25.11 16.92
C TYR A 379 4.56 -26.53 16.37
N ILE A 380 3.67 -26.86 15.45
CA ILE A 380 3.79 -28.04 14.62
C ILE A 380 4.54 -27.58 13.39
N ALA A 381 5.85 -27.82 13.38
CA ALA A 381 6.69 -27.48 12.23
C ALA A 381 6.25 -28.22 10.98
N ARG A 382 6.20 -29.54 11.04
CA ARG A 382 5.85 -30.39 9.90
C ARG A 382 5.04 -31.56 10.42
N ALA A 383 4.41 -32.27 9.50
CA ALA A 383 3.66 -33.47 9.82
C ALA A 383 3.38 -34.22 8.53
N GLY A 384 2.99 -35.47 8.68
CA GLY A 384 2.61 -36.30 7.56
C GLY A 384 2.29 -37.70 8.01
N TRP A 385 2.53 -38.69 7.15
CA TRP A 385 2.26 -40.07 7.49
C TRP A 385 3.38 -40.96 7.00
N THR A 386 3.55 -42.10 7.67
CA THR A 386 4.40 -43.13 7.13
C THR A 386 3.70 -43.76 5.92
N ARG A 387 4.49 -44.34 5.02
CA ARG A 387 3.98 -44.75 3.71
C ARG A 387 2.93 -45.84 3.81
N ASP A 388 3.13 -46.82 4.70
CA ASP A 388 2.14 -47.86 4.88
C ASP A 388 0.86 -47.35 5.52
N GLY A 389 0.92 -46.23 6.24
CA GLY A 389 -0.27 -45.64 6.83
C GLY A 389 -0.39 -45.86 8.31
N LYS A 390 0.52 -46.65 8.88
CA LYS A 390 0.42 -47.10 10.27
C LYS A 390 0.48 -45.94 11.24
N TYR A 391 1.45 -45.04 11.10
CA TYR A 391 1.57 -43.90 12.00
C TYR A 391 1.54 -42.59 11.26
N ALA A 392 0.98 -41.56 11.89
CA ALA A 392 1.03 -40.19 11.41
C ALA A 392 2.12 -39.46 12.17
N TRP A 393 3.16 -39.03 11.48
CA TRP A 393 4.26 -38.38 12.17
C TRP A 393 4.06 -36.87 12.25
N ALA A 394 4.78 -36.24 13.18
CA ALA A 394 4.74 -34.80 13.37
C ALA A 394 5.98 -34.31 14.09
N MET A 395 6.56 -33.21 13.58
CA MET A 395 7.65 -32.49 14.26
C MET A 395 7.05 -31.41 15.15
N PHE A 396 7.25 -31.56 16.45
CA PHE A 396 6.85 -30.56 17.41
C PHE A 396 8.02 -29.67 17.76
N LEU A 397 7.73 -28.54 18.40
CA LEU A 397 8.69 -27.51 18.76
C LEU A 397 8.20 -26.73 19.95
N ASP A 398 9.16 -26.30 20.77
CA ASP A 398 8.82 -25.46 21.92
C ASP A 398 8.98 -23.96 21.63
N ARG A 399 8.36 -23.16 22.50
CA ARG A 399 8.30 -21.72 22.33
C ARG A 399 9.68 -21.05 22.24
N PRO A 400 10.72 -21.48 22.99
CA PRO A 400 12.08 -20.97 22.67
C PRO A 400 12.59 -21.38 21.31
N GLN A 401 12.11 -22.51 20.77
CA GLN A 401 12.55 -23.16 19.54
C GLN A 401 13.98 -23.60 19.72
N GLN A 402 14.16 -24.50 20.68
CA GLN A 402 15.44 -25.14 20.98
C GLN A 402 15.18 -26.59 21.37
N TRP A 403 14.01 -27.10 20.99
CA TRP A 403 13.51 -28.39 21.44
C TRP A 403 12.50 -28.85 20.39
N LEU A 404 12.94 -29.76 19.52
CA LEU A 404 12.15 -30.35 18.44
C LEU A 404 11.99 -31.83 18.71
N GLN A 405 10.78 -32.35 18.52
CA GLN A 405 10.70 -33.79 18.63
C GLN A 405 9.67 -34.40 17.72
N LEU A 406 10.06 -35.50 17.11
CA LEU A 406 9.23 -36.23 16.18
C LEU A 406 8.34 -37.15 17.00
N VAL A 407 7.08 -37.26 16.62
CA VAL A 407 6.14 -38.10 17.35
C VAL A 407 5.35 -38.86 16.30
N LEU A 408 5.02 -40.11 16.61
CA LEU A 408 4.12 -40.92 15.80
C LEU A 408 2.78 -41.01 16.51
N LEU A 409 1.72 -40.73 15.76
CA LEU A 409 0.34 -40.77 16.24
C LEU A 409 -0.43 -41.83 15.48
N PRO A 410 -0.57 -43.04 16.01
CA PRO A 410 -1.36 -44.06 15.34
C PRO A 410 -2.83 -43.70 15.35
N PRO A 411 -3.54 -43.86 14.23
CA PRO A 411 -4.96 -43.46 14.12
C PRO A 411 -5.91 -43.97 15.21
N ALA A 412 -5.62 -45.11 15.83
CA ALA A 412 -6.45 -45.56 16.95
C ALA A 412 -6.29 -44.70 18.18
N LEU A 413 -5.19 -43.96 18.29
CA LEU A 413 -5.02 -42.94 19.30
C LEU A 413 -6.05 -41.82 19.18
N PHE A 414 -6.65 -41.61 18.00
CA PHE A 414 -7.67 -40.59 17.83
C PHE A 414 -9.06 -41.22 17.96
N ILE A 415 -9.74 -40.95 19.07
CA ILE A 415 -11.14 -41.34 19.22
C ILE A 415 -11.97 -40.31 18.46
N PRO A 416 -13.23 -40.59 18.11
CA PRO A 416 -14.14 -39.53 17.65
C PRO A 416 -14.37 -38.43 18.67
N SER A 417 -15.06 -37.39 18.22
CA SER A 417 -15.34 -36.24 19.07
C SER A 417 -16.84 -36.09 19.17
N THR A 418 -17.31 -35.80 20.39
CA THR A 418 -18.69 -35.40 20.67
C THR A 418 -18.69 -34.49 21.89
N GLU A 419 -19.77 -33.69 22.01
CA GLU A 419 -19.92 -32.83 23.17
C GLU A 419 -20.27 -33.60 24.44
N ASN A 420 -20.89 -34.77 24.34
CA ASN A 420 -21.23 -35.56 25.52
C ASN A 420 -19.97 -36.29 26.00
N GLU A 421 -19.51 -35.90 27.19
CA GLU A 421 -18.34 -36.48 27.84
C GLU A 421 -18.50 -37.94 28.24
N GLU A 422 -19.69 -38.54 28.17
CA GLU A 422 -19.71 -39.95 28.51
C GLU A 422 -19.42 -40.81 27.28
N GLN A 423 -19.92 -40.44 26.09
CA GLN A 423 -19.44 -41.04 24.86
C GLN A 423 -17.91 -40.90 24.72
N ARG A 424 -17.36 -39.77 25.19
CA ARG A 424 -15.92 -39.55 25.12
C ARG A 424 -15.22 -40.58 26.00
N LEU A 425 -15.68 -40.74 27.25
CA LEU A 425 -15.11 -41.78 28.13
C LEU A 425 -15.29 -43.17 27.53
N ALA A 426 -16.46 -43.41 26.91
CA ALA A 426 -16.78 -44.69 26.26
C ALA A 426 -15.72 -45.08 25.23
N SER A 427 -15.37 -44.15 24.34
CA SER A 427 -14.33 -44.49 23.37
C SER A 427 -12.92 -44.32 23.93
N ALA A 428 -12.77 -43.60 25.03
CA ALA A 428 -11.53 -43.65 25.81
C ALA A 428 -11.31 -45.02 26.41
N ARG A 429 -12.38 -45.68 26.85
CA ARG A 429 -12.28 -47.09 27.24
C ARG A 429 -11.96 -47.95 26.03
N ALA A 430 -12.59 -47.62 24.89
CA ALA A 430 -12.42 -48.40 23.66
C ALA A 430 -11.02 -48.35 23.05
N VAL A 431 -10.22 -47.32 23.33
CA VAL A 431 -8.90 -47.26 22.68
C VAL A 431 -7.95 -48.29 23.27
N PRO A 432 -7.32 -49.11 22.44
CA PRO A 432 -6.30 -50.08 22.88
C PRO A 432 -5.24 -49.53 23.82
N ARG A 433 -5.10 -50.18 24.98
CA ARG A 433 -4.10 -49.82 25.99
C ARG A 433 -2.67 -49.83 25.43
N ASN A 434 -2.38 -50.73 24.49
CA ASN A 434 -1.05 -50.78 23.85
C ASN A 434 -0.73 -49.52 23.06
N VAL A 435 -1.65 -49.10 22.17
CA VAL A 435 -1.51 -47.88 21.36
C VAL A 435 -1.09 -46.69 22.23
N GLN A 436 -0.15 -45.86 21.70
CA GLN A 436 0.21 -44.61 22.35
C GLN A 436 0.97 -43.72 21.37
N PRO A 437 1.42 -42.52 21.75
CA PRO A 437 2.40 -41.82 20.90
C PRO A 437 3.84 -42.18 21.20
N TYR A 438 4.61 -42.40 20.13
CA TYR A 438 6.02 -42.74 20.25
C TYR A 438 6.87 -41.56 19.83
N VAL A 439 7.50 -40.89 20.80
CA VAL A 439 8.49 -39.86 20.50
C VAL A 439 9.74 -40.54 19.97
N VAL A 440 9.94 -40.51 18.66
CA VAL A 440 11.03 -41.29 18.07
C VAL A 440 12.36 -40.53 18.23
N TYR A 441 12.35 -39.23 18.01
CA TYR A 441 13.56 -38.43 17.95
C TYR A 441 13.35 -37.12 18.68
N GLU A 442 14.39 -36.65 19.38
CA GLU A 442 14.27 -35.44 20.20
C GLU A 442 15.56 -34.61 20.09
N GLU A 443 15.52 -33.61 19.22
CA GLU A 443 16.63 -32.68 19.05
C GLU A 443 16.53 -31.60 20.12
N VAL A 444 17.61 -31.38 20.87
CA VAL A 444 17.67 -30.34 21.89
C VAL A 444 18.92 -29.54 21.58
N THR A 445 18.86 -28.22 21.79
CA THR A 445 19.99 -27.37 21.42
C THR A 445 20.04 -26.11 22.27
N ASN A 446 21.24 -25.59 22.43
CA ASN A 446 21.46 -24.35 23.15
C ASN A 446 21.46 -23.14 22.23
N VAL A 447 21.36 -23.34 20.91
CA VAL A 447 21.31 -22.23 19.96
C VAL A 447 19.88 -22.01 19.47
N TRP A 448 19.43 -22.81 18.51
CA TRP A 448 18.04 -22.83 18.04
C TRP A 448 17.87 -23.99 17.08
N ILE A 449 16.62 -24.47 16.98
CA ILE A 449 16.26 -25.50 16.02
C ILE A 449 15.97 -24.83 14.69
N ASN A 450 16.68 -25.25 13.64
CA ASN A 450 16.21 -25.02 12.29
C ASN A 450 15.31 -26.19 11.95
N VAL A 451 14.14 -25.90 11.41
CA VAL A 451 13.23 -26.95 10.94
C VAL A 451 13.81 -27.57 9.69
N HIS A 452 14.19 -28.83 9.77
CA HIS A 452 14.61 -29.62 8.62
C HIS A 452 13.47 -30.56 8.28
N ASP A 453 12.94 -30.48 7.06
CA ASP A 453 11.78 -31.30 6.76
C ASP A 453 12.12 -32.76 6.45
N ILE A 454 13.39 -33.09 6.39
CA ILE A 454 13.76 -34.44 6.06
C ILE A 454 13.50 -35.45 7.16
N PHE A 455 12.56 -36.33 6.90
CA PHE A 455 12.24 -37.39 7.79
C PHE A 455 11.80 -38.42 6.80
N TYR A 456 12.41 -39.57 6.79
CA TYR A 456 12.04 -40.57 5.84
C TYR A 456 11.88 -41.91 6.50
N PRO A 457 10.75 -42.15 7.16
CA PRO A 457 10.64 -43.44 7.83
C PRO A 457 10.57 -44.58 6.83
N PHE A 458 11.20 -45.70 7.17
CA PHE A 458 11.21 -46.86 6.31
C PHE A 458 10.12 -47.83 6.69
N PRO A 459 9.83 -48.80 5.80
CA PRO A 459 8.84 -49.83 6.07
C PRO A 459 9.26 -50.63 7.30
N GLN A 460 8.27 -51.04 8.07
CA GLN A 460 8.50 -51.59 9.40
C GLN A 460 8.09 -53.05 9.49
N SER A 461 7.86 -53.71 8.35
CA SER A 461 7.39 -55.09 8.35
C SER A 461 8.46 -56.09 8.77
N GLU A 462 9.71 -55.66 8.91
CA GLU A 462 10.78 -56.52 9.43
C GLU A 462 10.74 -56.44 10.95
N GLY A 463 9.94 -57.32 11.57
CA GLY A 463 9.87 -57.31 13.03
C GLY A 463 9.11 -56.10 13.55
N GLU A 464 7.77 -56.11 13.50
CA GLU A 464 6.96 -54.89 13.42
C GLU A 464 6.91 -54.07 14.71
N ASP A 465 8.08 -53.70 15.20
CA ASP A 465 8.32 -52.53 16.02
C ASP A 465 9.61 -52.00 15.39
N GLU A 466 10.34 -51.16 16.12
CA GLU A 466 11.65 -50.63 15.70
C GLU A 466 11.52 -49.82 14.41
N LEU A 467 10.89 -48.64 14.54
CA LEU A 467 10.93 -47.66 13.46
C LEU A 467 12.33 -47.20 13.08
N CYS A 468 12.59 -47.25 11.77
CA CYS A 468 13.82 -46.84 11.13
C CYS A 468 13.53 -45.64 10.24
N PHE A 469 14.27 -44.54 10.43
CA PHE A 469 14.06 -43.35 9.60
C PHE A 469 15.39 -42.70 9.25
N LEU A 470 15.34 -41.75 8.29
CA LEU A 470 16.46 -40.87 7.93
C LEU A 470 16.25 -39.44 8.40
N ARG A 471 16.84 -39.07 9.52
CA ARG A 471 16.61 -37.74 10.08
C ARG A 471 17.83 -36.83 9.94
N ALA A 472 17.59 -35.64 9.42
CA ALA A 472 18.61 -34.59 9.35
C ALA A 472 18.76 -34.00 10.75
N ASN A 473 20.00 -33.85 11.22
CA ASN A 473 20.24 -33.34 12.57
C ASN A 473 21.42 -32.38 12.53
N GLU A 474 21.11 -31.09 12.64
CA GLU A 474 22.10 -30.04 12.73
C GLU A 474 22.57 -29.81 14.16
N CYS A 475 21.69 -30.05 15.13
CA CYS A 475 22.00 -29.80 16.53
C CYS A 475 23.09 -30.68 17.12
N LYS A 476 23.25 -31.91 16.63
CA LYS A 476 24.30 -32.80 17.14
C LYS A 476 25.72 -32.28 16.95
N THR A 477 26.17 -32.15 15.70
CA THR A 477 27.53 -31.73 15.43
C THR A 477 27.67 -30.25 15.12
N GLY A 478 26.59 -29.55 14.82
CA GLY A 478 26.64 -28.18 14.37
C GLY A 478 26.31 -28.02 12.90
N PHE A 479 26.43 -29.07 12.12
CA PHE A 479 26.07 -29.04 10.70
C PHE A 479 24.96 -30.04 10.41
N CYS A 480 24.00 -29.62 9.59
CA CYS A 480 22.90 -30.46 9.15
C CYS A 480 23.40 -31.68 8.39
N HIS A 481 23.32 -32.84 9.01
CA HIS A 481 23.79 -34.09 8.43
C HIS A 481 22.72 -35.14 8.51
N LEU A 482 22.68 -36.02 7.51
CA LEU A 482 21.73 -37.12 7.54
C LEU A 482 22.15 -38.20 8.53
N TYR A 483 21.15 -38.87 9.08
CA TYR A 483 21.40 -40.00 9.94
C TYR A 483 20.36 -41.05 9.60
N LYS A 484 20.73 -42.30 9.81
CA LYS A 484 19.78 -43.39 9.92
C LYS A 484 19.61 -43.65 11.39
N VAL A 485 18.37 -43.58 11.86
CA VAL A 485 18.05 -43.73 13.26
C VAL A 485 17.06 -44.86 13.40
N THR A 486 17.36 -45.78 14.30
CA THR A 486 16.52 -46.91 14.65
C THR A 486 16.15 -46.66 16.10
N ALA A 487 14.88 -46.38 16.32
CA ALA A 487 14.28 -46.24 17.64
C ALA A 487 13.55 -47.52 17.99
N VAL A 488 13.14 -47.66 19.25
CA VAL A 488 12.49 -48.87 19.73
C VAL A 488 11.14 -48.47 20.30
N LEU A 489 10.08 -48.87 19.59
CA LEU A 489 8.71 -48.58 19.97
C LEU A 489 8.19 -49.72 20.85
N LYS A 490 8.45 -49.61 22.15
CA LYS A 490 7.90 -50.52 23.13
C LYS A 490 6.86 -49.76 23.96
N SER A 491 5.64 -50.27 23.94
CA SER A 491 4.52 -49.60 24.60
C SER A 491 4.59 -49.73 26.11
N GLN A 492 4.36 -48.61 26.80
CA GLN A 492 4.41 -48.60 28.24
C GLN A 492 3.08 -48.97 28.90
N GLY A 493 1.98 -48.87 28.14
CA GLY A 493 0.67 -49.20 28.63
C GLY A 493 -0.02 -48.07 29.38
N TYR A 494 -0.97 -47.40 28.73
CA TYR A 494 -1.59 -46.21 29.29
C TYR A 494 -3.09 -46.39 29.49
N ASP A 495 -3.57 -45.99 30.67
CA ASP A 495 -5.00 -45.96 30.97
C ASP A 495 -5.48 -44.64 30.39
N TRP A 496 -5.99 -44.69 29.17
CA TRP A 496 -6.28 -43.48 28.40
C TRP A 496 -7.62 -42.85 28.74
N SER A 497 -8.42 -43.46 29.62
CA SER A 497 -9.63 -42.79 30.07
C SER A 497 -9.38 -41.69 31.10
N GLU A 498 -8.61 -41.99 32.14
CA GLU A 498 -8.20 -40.97 33.07
C GLU A 498 -7.17 -40.04 32.45
N PRO A 499 -7.09 -38.76 32.90
CA PRO A 499 -6.03 -37.89 32.42
C PRO A 499 -4.79 -37.95 33.31
N PHE A 500 -3.64 -38.22 32.70
CA PHE A 500 -2.35 -38.17 33.37
C PHE A 500 -1.54 -36.98 32.87
N SER A 501 -0.48 -36.67 33.62
CA SER A 501 0.39 -35.68 33.02
C SER A 501 1.62 -36.39 32.49
N PRO A 502 2.06 -36.04 31.28
CA PRO A 502 3.39 -36.46 30.81
C PRO A 502 4.52 -35.95 31.68
N GLY A 503 5.56 -36.76 31.80
CA GLY A 503 6.83 -36.33 32.32
C GLY A 503 7.69 -35.72 31.23
N GLU A 504 8.93 -35.40 31.59
CA GLU A 504 9.82 -34.77 30.63
C GLU A 504 10.34 -35.76 29.60
N ASP A 505 10.43 -37.03 29.96
CA ASP A 505 10.89 -38.08 29.05
C ASP A 505 9.81 -39.15 28.98
N GLU A 506 8.57 -38.71 28.75
CA GLU A 506 7.38 -39.51 28.99
C GLU A 506 7.25 -40.56 27.89
N PHE A 507 6.98 -40.11 26.66
CA PHE A 507 6.82 -40.94 25.49
C PHE A 507 8.12 -41.13 24.70
N LYS A 508 9.24 -40.65 25.22
CA LYS A 508 10.51 -40.74 24.50
C LYS A 508 11.00 -42.19 24.42
N CYS A 509 11.07 -42.70 23.20
CA CYS A 509 11.57 -44.04 22.93
C CYS A 509 13.09 -44.10 23.08
N PRO A 510 13.64 -45.22 23.51
CA PRO A 510 15.09 -45.39 23.46
C PRO A 510 15.55 -45.70 22.04
N ILE A 511 16.72 -45.20 21.70
CA ILE A 511 17.25 -45.35 20.35
C ILE A 511 18.06 -46.62 20.28
N LYS A 512 17.80 -47.45 19.26
CA LYS A 512 18.69 -48.57 19.00
C LYS A 512 20.04 -48.07 18.49
N GLU A 513 20.01 -47.32 17.39
CA GLU A 513 21.25 -46.77 16.86
C GLU A 513 20.96 -45.50 16.06
N GLU A 514 22.01 -44.68 15.88
CA GLU A 514 21.89 -43.44 15.13
C GLU A 514 23.18 -43.30 14.30
N ILE A 515 23.33 -44.15 13.28
CA ILE A 515 24.47 -44.05 12.37
C ILE A 515 24.39 -42.74 11.57
N ALA A 516 25.52 -42.05 11.45
CA ALA A 516 25.65 -40.80 10.71
C ALA A 516 26.11 -41.10 9.30
N LEU A 517 25.24 -40.85 8.32
CA LEU A 517 25.60 -41.14 6.95
C LEU A 517 26.46 -40.06 6.32
N THR A 518 26.45 -38.85 6.87
CA THR A 518 27.34 -37.77 6.46
C THR A 518 27.85 -37.06 7.70
N SER A 519 29.04 -36.47 7.56
CA SER A 519 29.68 -35.73 8.64
C SER A 519 30.77 -34.85 8.05
N GLY A 520 30.99 -33.70 8.67
CA GLY A 520 31.99 -32.77 8.18
C GLY A 520 31.61 -31.34 8.51
N GLU A 521 32.35 -30.42 7.88
CA GLU A 521 32.17 -28.97 8.03
C GLU A 521 31.33 -28.39 6.90
N TRP A 522 30.26 -29.09 6.52
CA TRP A 522 29.43 -28.75 5.38
C TRP A 522 28.05 -29.28 5.73
N GLU A 523 27.04 -28.92 4.95
CA GLU A 523 25.70 -29.27 5.37
C GLU A 523 24.87 -29.85 4.25
N VAL A 524 23.85 -30.58 4.67
CA VAL A 524 22.85 -31.20 3.81
C VAL A 524 21.68 -30.25 3.70
N LEU A 525 21.27 -29.95 2.46
CA LEU A 525 20.22 -28.96 2.27
C LEU A 525 18.88 -29.56 2.66
N ALA A 526 18.21 -28.93 3.62
CA ALA A 526 16.99 -29.47 4.18
C ALA A 526 15.87 -28.45 4.23
N ARG A 527 16.17 -27.21 4.61
CA ARG A 527 15.22 -26.12 4.52
C ARG A 527 14.97 -25.71 3.06
N HIS A 528 14.07 -24.72 2.89
CA HIS A 528 13.82 -24.03 1.63
C HIS A 528 13.32 -24.99 0.55
N GLY A 529 12.57 -26.00 0.98
CA GLY A 529 12.02 -27.03 0.13
C GLY A 529 13.03 -27.93 -0.57
N SER A 530 14.23 -28.03 -0.03
CA SER A 530 15.15 -29.09 -0.45
C SER A 530 14.64 -30.42 0.11
N LYS A 531 15.12 -31.52 -0.45
CA LYS A 531 14.67 -32.83 0.02
C LYS A 531 15.65 -33.90 -0.41
N ILE A 532 15.49 -35.07 0.19
CA ILE A 532 16.22 -36.28 -0.13
C ILE A 532 15.34 -37.20 -0.95
N TRP A 533 15.99 -38.01 -1.77
CA TRP A 533 15.32 -39.01 -2.60
C TRP A 533 15.94 -40.35 -2.24
N VAL A 534 15.14 -41.27 -1.70
CA VAL A 534 15.62 -42.49 -1.10
C VAL A 534 15.21 -43.68 -1.97
N ASN A 535 16.14 -44.21 -2.75
CA ASN A 535 15.93 -45.47 -3.43
C ASN A 535 16.10 -46.61 -2.42
N GLU A 536 15.00 -47.28 -2.08
CA GLU A 536 15.02 -48.40 -1.15
C GLU A 536 15.42 -49.71 -1.81
N GLU A 537 15.44 -49.79 -3.14
CA GLU A 537 15.93 -50.99 -3.79
C GLU A 537 17.45 -51.05 -3.73
N THR A 538 18.09 -49.93 -4.04
CA THR A 538 19.54 -49.86 -4.03
C THR A 538 20.04 -49.44 -2.66
N LYS A 539 19.13 -49.06 -1.76
CA LYS A 539 19.42 -48.57 -0.41
C LYS A 539 20.23 -47.29 -0.40
N LEU A 540 20.09 -46.47 -1.44
CA LEU A 540 20.83 -45.23 -1.53
C LEU A 540 19.92 -44.05 -1.23
N VAL A 541 20.50 -42.99 -0.69
CA VAL A 541 19.81 -41.72 -0.44
C VAL A 541 20.58 -40.61 -1.15
N TYR A 542 19.89 -39.95 -2.07
CA TYR A 542 20.37 -38.83 -2.86
C TYR A 542 19.95 -37.57 -2.12
N PHE A 543 20.91 -36.71 -1.82
CA PHE A 543 20.64 -35.46 -1.14
C PHE A 543 21.40 -34.34 -1.82
N GLN A 544 21.12 -33.12 -1.44
CA GLN A 544 21.90 -31.99 -1.91
C GLN A 544 22.74 -31.46 -0.75
N GLY A 545 23.88 -30.87 -1.08
CA GLY A 545 24.73 -30.39 -0.01
C GLY A 545 25.78 -29.39 -0.44
N THR A 546 26.54 -28.94 0.56
CA THR A 546 27.62 -27.98 0.41
C THR A 546 29.00 -28.60 0.62
N LYS A 547 29.15 -29.89 0.31
CA LYS A 547 30.36 -30.64 0.69
C LYS A 547 31.61 -30.15 -0.04
N ASP A 548 31.49 -29.85 -1.34
CA ASP A 548 32.62 -29.30 -2.06
C ASP A 548 32.98 -27.90 -1.54
N THR A 549 31.97 -27.07 -1.29
CA THR A 549 32.08 -25.67 -0.92
C THR A 549 30.72 -25.18 -0.46
N PRO A 550 30.65 -24.21 0.47
CA PRO A 550 29.36 -23.58 0.80
C PRO A 550 28.75 -22.76 -0.33
N LEU A 551 29.52 -22.39 -1.34
CA LEU A 551 29.05 -21.57 -2.44
C LEU A 551 28.35 -22.34 -3.55
N GLU A 552 28.22 -23.66 -3.45
CA GLU A 552 27.72 -24.49 -4.55
C GLU A 552 26.94 -25.64 -3.97
N HIS A 553 25.66 -25.67 -4.30
CA HIS A 553 24.74 -26.76 -4.00
C HIS A 553 24.96 -27.92 -4.96
N HIS A 554 25.51 -29.03 -4.49
CA HIS A 554 25.74 -30.19 -5.33
C HIS A 554 24.90 -31.39 -4.91
N LEU A 555 24.49 -32.19 -5.89
CA LEU A 555 23.78 -33.45 -5.64
C LEU A 555 24.79 -34.52 -5.24
N TYR A 556 24.61 -35.09 -4.06
CA TYR A 556 25.42 -36.19 -3.56
C TYR A 556 24.56 -37.42 -3.37
N VAL A 557 25.20 -38.59 -3.36
CA VAL A 557 24.56 -39.85 -3.01
C VAL A 557 25.41 -40.61 -2.00
N VAL A 558 24.73 -41.34 -1.10
CA VAL A 558 25.37 -42.19 -0.09
C VAL A 558 24.44 -43.37 0.14
N SER A 559 24.99 -44.45 0.68
CA SER A 559 24.18 -45.58 1.12
C SER A 559 23.71 -45.40 2.56
N TYR A 560 22.46 -45.74 2.83
CA TYR A 560 22.04 -45.74 4.23
C TYR A 560 22.42 -47.05 4.94
N GLU A 561 22.69 -48.14 4.22
CA GLU A 561 23.17 -49.34 4.89
C GLU A 561 24.64 -49.17 5.33
N ALA A 562 25.54 -48.94 4.41
CA ALA A 562 26.90 -48.77 4.81
C ALA A 562 27.13 -47.33 4.54
N ALA A 563 27.55 -46.56 5.54
CA ALA A 563 27.79 -45.14 5.31
C ALA A 563 29.17 -44.95 4.74
N GLY A 564 29.29 -45.21 3.44
CA GLY A 564 30.52 -45.15 2.70
C GLY A 564 30.75 -43.80 2.13
N GLU A 565 31.68 -43.75 1.17
CA GLU A 565 32.00 -42.50 0.56
C GLU A 565 30.79 -41.93 -0.12
N ILE A 566 30.59 -40.64 0.10
CA ILE A 566 29.54 -39.88 -0.51
C ILE A 566 29.98 -39.65 -1.93
N VAL A 567 29.09 -39.70 -2.88
CA VAL A 567 29.51 -39.49 -4.24
C VAL A 567 28.82 -38.32 -4.85
N ARG A 568 29.57 -37.40 -5.43
CA ARG A 568 28.92 -36.28 -6.10
C ARG A 568 28.49 -36.67 -7.51
N LEU A 569 27.31 -36.19 -7.91
CA LEU A 569 26.76 -36.48 -9.23
C LEU A 569 26.73 -35.26 -10.12
N THR A 570 26.78 -34.07 -9.56
CA THR A 570 26.73 -32.87 -10.37
C THR A 570 28.14 -32.39 -10.71
N THR A 571 28.23 -31.63 -11.78
CA THR A 571 29.52 -31.08 -12.20
C THR A 571 29.98 -30.03 -11.20
N PRO A 572 31.26 -30.00 -10.84
CA PRO A 572 31.74 -28.93 -9.97
C PRO A 572 31.87 -27.63 -10.75
N GLY A 573 32.09 -26.56 -10.00
CA GLY A 573 32.20 -25.25 -10.59
C GLY A 573 30.87 -24.62 -10.90
N PHE A 574 29.76 -25.25 -10.49
CA PHE A 574 28.44 -24.68 -10.61
C PHE A 574 27.67 -24.99 -9.34
N SER A 575 26.48 -24.43 -9.20
CA SER A 575 25.55 -24.75 -8.12
C SER A 575 24.25 -25.23 -8.72
N HIS A 576 23.68 -26.28 -8.13
CA HIS A 576 22.68 -27.12 -8.74
C HIS A 576 21.45 -27.24 -7.86
N SER A 577 20.27 -27.16 -8.48
CA SER A 577 19.00 -27.48 -7.87
C SER A 577 18.51 -28.72 -8.59
N CYS A 578 18.38 -29.83 -7.87
CA CYS A 578 18.20 -31.11 -8.54
C CYS A 578 16.87 -31.74 -8.18
N SER A 579 16.51 -32.75 -8.97
CA SER A 579 15.26 -33.48 -8.75
C SER A 579 15.35 -34.82 -9.45
N MET A 580 15.21 -35.89 -8.67
CA MET A 580 15.39 -37.27 -9.09
C MET A 580 14.11 -37.85 -9.68
N SER A 581 14.26 -38.82 -10.56
CA SER A 581 13.15 -39.68 -10.94
C SER A 581 12.74 -40.56 -9.76
N GLN A 582 11.45 -40.89 -9.70
CA GLN A 582 10.99 -41.85 -8.70
C GLN A 582 11.57 -43.25 -8.91
N ASN A 583 11.92 -43.59 -10.15
CA ASN A 583 12.64 -44.82 -10.47
C ASN A 583 14.16 -44.67 -10.39
N PHE A 584 14.66 -43.48 -10.03
CA PHE A 584 16.09 -43.18 -9.81
C PHE A 584 17.05 -43.51 -10.95
N ASP A 585 16.62 -43.47 -12.21
CA ASP A 585 17.57 -43.76 -13.29
C ASP A 585 18.05 -42.49 -13.96
N MET A 586 17.38 -41.37 -13.72
CA MET A 586 17.81 -40.09 -14.25
C MET A 586 17.21 -38.95 -13.44
N PHE A 587 17.95 -37.85 -13.39
CA PHE A 587 17.51 -36.65 -12.70
C PHE A 587 17.63 -35.42 -13.58
N VAL A 588 17.02 -34.34 -13.12
CA VAL A 588 17.19 -33.03 -13.71
C VAL A 588 18.09 -32.26 -12.75
N SER A 589 18.90 -31.36 -13.29
CA SER A 589 19.53 -30.32 -12.51
C SER A 589 19.41 -28.96 -13.19
N HIS A 590 18.79 -28.03 -12.49
CA HIS A 590 18.69 -26.63 -12.87
C HIS A 590 19.89 -25.97 -12.20
N TYR A 591 20.89 -25.61 -12.97
CA TYR A 591 22.12 -25.14 -12.37
C TYR A 591 22.64 -23.87 -13.01
N SER A 592 23.57 -23.25 -12.30
CA SER A 592 24.12 -21.97 -12.71
C SER A 592 25.46 -21.77 -12.03
N SER A 593 26.12 -20.68 -12.38
CA SER A 593 27.37 -20.27 -11.78
C SER A 593 27.34 -18.77 -11.72
N VAL A 594 28.33 -18.16 -11.06
CA VAL A 594 28.38 -16.70 -10.96
C VAL A 594 28.39 -16.09 -12.35
N SER A 595 29.09 -16.72 -13.28
CA SER A 595 29.15 -16.16 -14.61
C SER A 595 28.00 -16.70 -15.46
N THR A 596 27.82 -18.04 -15.51
CA THR A 596 26.76 -18.45 -16.41
C THR A 596 25.37 -18.35 -15.75
N PRO A 597 24.37 -17.94 -16.52
CA PRO A 597 22.96 -17.99 -16.10
C PRO A 597 22.47 -19.41 -15.84
N PRO A 598 21.22 -19.60 -15.42
CA PRO A 598 20.83 -20.98 -15.16
C PRO A 598 20.34 -21.67 -16.41
N CYS A 599 20.77 -22.91 -16.51
CA CYS A 599 20.48 -23.88 -17.54
C CYS A 599 19.76 -24.98 -16.80
N VAL A 600 19.07 -25.85 -17.53
CA VAL A 600 18.40 -27.00 -16.94
C VAL A 600 18.71 -28.23 -17.78
N HIS A 601 19.63 -29.06 -17.28
CA HIS A 601 20.12 -30.23 -17.98
C HIS A 601 19.54 -31.48 -17.36
N VAL A 602 19.36 -32.50 -18.18
CA VAL A 602 18.82 -33.79 -17.76
C VAL A 602 19.97 -34.78 -17.78
N TYR A 603 20.35 -35.28 -16.61
CA TYR A 603 21.43 -36.23 -16.54
C TYR A 603 20.81 -37.60 -16.28
N LYS A 604 21.57 -38.63 -16.58
CA LYS A 604 21.06 -40.00 -16.51
C LYS A 604 22.09 -40.84 -15.79
N LEU A 605 21.71 -41.37 -14.63
CA LEU A 605 22.56 -42.29 -13.91
C LEU A 605 22.66 -43.59 -14.67
N SER A 606 23.88 -44.02 -14.96
CA SER A 606 24.10 -45.12 -15.88
C SER A 606 25.36 -45.86 -15.48
N GLY A 607 25.25 -47.19 -15.40
CA GLY A 607 26.37 -48.04 -15.11
C GLY A 607 25.88 -49.40 -14.68
N PRO A 608 26.82 -50.30 -14.35
CA PRO A 608 26.48 -51.59 -13.74
C PRO A 608 25.49 -51.50 -12.60
N ASP A 609 24.48 -52.38 -12.64
CA ASP A 609 23.46 -52.41 -11.61
C ASP A 609 23.97 -52.98 -10.28
N ASP A 610 25.05 -53.76 -10.32
CA ASP A 610 25.58 -54.36 -9.09
C ASP A 610 26.17 -53.32 -8.13
N ASP A 611 26.64 -52.17 -8.65
CA ASP A 611 27.22 -51.13 -7.81
C ASP A 611 26.45 -49.84 -8.12
N PRO A 612 25.32 -49.61 -7.45
CA PRO A 612 24.49 -48.46 -7.80
C PRO A 612 25.02 -47.12 -7.33
N LEU A 613 25.91 -47.13 -6.33
CA LEU A 613 26.49 -45.90 -5.79
C LEU A 613 27.36 -45.19 -6.83
N HIS A 614 28.08 -45.95 -7.65
CA HIS A 614 29.03 -45.38 -8.59
C HIS A 614 28.47 -45.27 -10.00
N LYS A 615 27.15 -45.28 -10.15
CA LYS A 615 26.55 -45.09 -11.46
C LYS A 615 26.87 -43.70 -11.97
N GLN A 616 27.43 -43.63 -13.17
CA GLN A 616 28.00 -42.37 -13.63
C GLN A 616 26.91 -41.53 -14.27
N PRO A 617 26.68 -40.33 -13.78
CA PRO A 617 25.69 -39.45 -14.42
C PRO A 617 26.20 -38.89 -15.73
N ARG A 618 25.60 -39.32 -16.83
CA ARG A 618 26.00 -38.83 -18.14
C ARG A 618 24.93 -37.89 -18.65
N PHE A 619 25.37 -36.76 -19.21
CA PHE A 619 24.46 -35.77 -19.76
C PHE A 619 23.66 -36.41 -20.88
N TRP A 620 22.34 -36.38 -20.73
CA TRP A 620 21.41 -36.99 -21.66
C TRP A 620 20.76 -35.96 -22.56
N ALA A 621 20.12 -34.97 -21.94
CA ALA A 621 19.44 -33.94 -22.70
C ALA A 621 19.33 -32.67 -21.87
N SER A 622 18.98 -31.59 -22.55
CA SER A 622 18.90 -30.26 -21.98
C SER A 622 17.49 -29.71 -22.08
N MET A 623 17.05 -29.01 -21.06
CA MET A 623 15.70 -28.46 -21.06
C MET A 623 15.76 -27.01 -21.49
N MET A 624 16.59 -26.26 -20.78
CA MET A 624 16.76 -24.82 -20.93
C MET A 624 18.25 -24.62 -21.05
N GLU A 625 18.67 -23.64 -21.83
CA GLU A 625 20.07 -23.35 -22.07
C GLU A 625 20.38 -21.97 -21.53
N ALA A 626 21.68 -21.69 -21.36
CA ALA A 626 22.09 -20.43 -20.76
C ALA A 626 21.81 -19.29 -21.72
N ALA A 627 20.86 -18.44 -21.32
CA ALA A 627 20.51 -17.27 -22.09
C ALA A 627 21.68 -16.30 -22.10
N SER A 628 21.97 -15.74 -23.28
CA SER A 628 23.09 -14.84 -23.45
C SER A 628 22.90 -13.61 -22.58
N CYS A 629 24.00 -13.17 -21.94
CA CYS A 629 24.00 -12.18 -20.86
C CYS A 629 23.30 -10.87 -21.24
N PRO A 630 22.88 -10.06 -20.27
CA PRO A 630 22.59 -8.68 -20.58
C PRO A 630 23.82 -7.99 -21.12
N PRO A 631 23.67 -7.09 -22.07
CA PRO A 631 24.80 -6.24 -22.47
C PRO A 631 25.29 -5.41 -21.30
N ASP A 632 26.61 -5.19 -21.29
CA ASP A 632 27.35 -4.50 -20.24
C ASP A 632 27.25 -5.20 -18.89
N TYR A 633 27.07 -6.52 -18.89
CA TYR A 633 26.91 -7.24 -17.63
C TYR A 633 28.27 -7.86 -17.34
N VAL A 634 28.92 -7.36 -16.31
CA VAL A 634 30.17 -7.92 -15.81
C VAL A 634 29.84 -8.73 -14.55
N PRO A 635 30.08 -10.04 -14.54
CA PRO A 635 29.73 -10.86 -13.37
C PRO A 635 30.51 -10.43 -12.15
N PRO A 636 30.02 -10.70 -10.96
CA PRO A 636 30.79 -10.35 -9.76
C PRO A 636 31.89 -11.35 -9.48
N GLU A 637 32.88 -10.88 -8.75
CA GLU A 637 34.00 -11.70 -8.34
C GLU A 637 33.73 -12.17 -6.93
N ILE A 638 33.84 -13.47 -6.72
CA ILE A 638 33.73 -14.05 -5.39
C ILE A 638 35.11 -14.00 -4.75
N PHE A 639 35.11 -13.70 -3.46
CA PHE A 639 36.31 -13.74 -2.64
C PHE A 639 35.94 -14.31 -1.29
N HIS A 640 36.96 -14.53 -0.48
CA HIS A 640 36.77 -14.85 0.92
C HIS A 640 37.83 -14.10 1.70
N PHE A 641 37.64 -14.06 3.00
CA PHE A 641 38.60 -13.45 3.90
C PHE A 641 38.35 -13.99 5.29
N HIS A 642 39.23 -13.62 6.21
CA HIS A 642 39.11 -14.07 7.58
C HIS A 642 38.85 -12.89 8.49
N THR A 643 38.08 -13.15 9.52
CA THR A 643 37.76 -12.17 10.54
C THR A 643 38.90 -12.21 11.56
N ARG A 644 39.05 -11.15 12.36
CA ARG A 644 40.06 -11.09 13.41
C ARG A 644 39.93 -12.23 14.43
N SER A 645 38.74 -12.84 14.55
CA SER A 645 38.52 -14.04 15.34
C SER A 645 38.81 -15.33 14.58
N ASP A 646 39.20 -15.23 13.30
CA ASP A 646 39.67 -16.30 12.41
C ASP A 646 38.52 -17.16 11.89
N VAL A 647 37.42 -16.54 11.46
CA VAL A 647 36.31 -17.24 10.83
C VAL A 647 36.23 -16.76 9.39
N ARG A 648 36.04 -17.70 8.46
CA ARG A 648 36.05 -17.39 7.03
C ARG A 648 34.70 -16.87 6.58
N LEU A 649 34.70 -15.66 6.03
CA LEU A 649 33.51 -15.05 5.46
C LEU A 649 33.71 -14.92 3.96
N TYR A 650 32.65 -15.15 3.20
CA TYR A 650 32.66 -14.97 1.76
C TYR A 650 32.02 -13.66 1.36
N GLY A 651 32.35 -13.22 0.15
CA GLY A 651 31.80 -11.98 -0.34
C GLY A 651 31.87 -11.92 -1.85
N MET A 652 31.08 -11.00 -2.40
CA MET A 652 31.08 -10.71 -3.82
C MET A 652 31.51 -9.27 -3.98
N ILE A 653 31.89 -8.95 -5.21
CA ILE A 653 32.09 -7.58 -5.62
C ILE A 653 31.74 -7.46 -7.08
N TYR A 654 31.01 -6.41 -7.39
CA TYR A 654 30.81 -5.94 -8.74
C TYR A 654 31.81 -4.81 -8.89
N LYS A 655 32.69 -4.96 -9.87
CA LYS A 655 33.68 -3.97 -10.16
C LYS A 655 33.00 -2.82 -10.89
N PRO A 656 33.47 -1.59 -10.73
CA PRO A 656 32.99 -0.50 -11.59
C PRO A 656 33.40 -0.73 -13.04
N HIS A 657 32.41 -0.73 -13.93
CA HIS A 657 32.63 -0.93 -15.36
C HIS A 657 33.63 0.09 -15.90
N ALA A 658 34.47 -0.36 -16.85
CA ALA A 658 35.53 0.45 -17.48
C ALA A 658 36.42 1.11 -16.43
N LEU A 659 36.89 0.29 -15.48
CA LEU A 659 37.73 0.75 -14.38
C LEU A 659 39.02 1.40 -14.85
N GLN A 660 39.35 2.53 -14.23
CA GLN A 660 40.64 3.21 -14.36
C GLN A 660 41.36 3.13 -13.03
N PRO A 661 42.36 2.24 -12.89
CA PRO A 661 43.13 2.13 -11.63
C PRO A 661 43.77 3.45 -11.21
N GLY A 662 43.64 3.75 -9.92
CA GLY A 662 43.98 5.07 -9.42
C GLY A 662 42.76 5.75 -8.83
N LYS A 663 41.66 5.64 -9.54
CA LYS A 663 40.40 6.25 -9.13
C LYS A 663 39.76 5.47 -7.99
N LYS A 664 39.30 6.18 -6.97
CA LYS A 664 38.66 5.59 -5.81
C LYS A 664 37.16 5.81 -6.00
N HIS A 665 36.46 4.75 -6.35
CA HIS A 665 35.05 4.83 -6.68
C HIS A 665 34.18 4.75 -5.43
N PRO A 666 32.96 5.29 -5.46
CA PRO A 666 32.10 5.19 -4.29
C PRO A 666 31.40 3.85 -4.26
N THR A 667 31.15 3.34 -3.07
CA THR A 667 30.87 1.93 -2.92
C THR A 667 29.53 1.71 -2.23
N VAL A 668 28.67 0.94 -2.89
CA VAL A 668 27.39 0.53 -2.33
C VAL A 668 27.57 -0.87 -1.76
N LEU A 669 27.61 -0.95 -0.43
CA LEU A 669 27.59 -2.22 0.28
C LEU A 669 26.14 -2.72 0.33
N PHE A 670 25.81 -3.58 -0.61
CA PHE A 670 24.52 -4.23 -0.55
C PHE A 670 24.61 -5.29 0.54
N VAL A 671 23.49 -5.57 1.21
CA VAL A 671 23.52 -6.46 2.35
C VAL A 671 22.13 -7.05 2.56
N TYR A 672 22.09 -8.22 3.19
CA TYR A 672 20.92 -8.78 3.84
C TYR A 672 21.44 -9.10 5.21
N GLY A 673 22.35 -10.07 5.30
CA GLY A 673 23.05 -10.38 6.53
C GLY A 673 22.33 -11.28 7.51
N GLY A 674 21.01 -11.27 7.49
CA GLY A 674 20.24 -12.09 8.38
C GLY A 674 20.22 -13.54 7.98
N PRO A 675 19.74 -14.38 8.89
CA PRO A 675 19.72 -15.83 8.67
C PRO A 675 18.80 -16.24 7.52
N GLN A 676 18.90 -17.53 7.17
CA GLN A 676 18.11 -18.25 6.17
C GLN A 676 18.36 -17.77 4.75
N VAL A 677 19.39 -16.96 4.53
CA VAL A 677 19.70 -16.36 3.25
C VAL A 677 21.21 -16.52 3.07
N GLN A 678 21.64 -16.65 1.83
CA GLN A 678 23.05 -16.61 1.47
C GLN A 678 23.14 -15.87 0.15
N LEU A 679 23.61 -14.63 0.21
CA LEU A 679 23.74 -13.84 -1.00
C LEU A 679 24.91 -14.34 -1.82
N VAL A 680 26.06 -14.51 -1.17
CA VAL A 680 27.30 -14.89 -1.84
C VAL A 680 27.37 -16.40 -2.02
N ASN A 681 27.25 -16.84 -3.27
CA ASN A 681 27.45 -18.23 -3.65
C ASN A 681 27.68 -18.26 -5.15
N ASN A 682 28.09 -19.42 -5.65
CA ASN A 682 28.47 -19.53 -7.05
C ASN A 682 27.21 -19.86 -7.82
N SER A 683 26.51 -18.82 -8.26
CA SER A 683 25.21 -18.95 -8.91
C SER A 683 24.80 -17.58 -9.42
N PHE A 684 23.96 -17.59 -10.45
CA PHE A 684 23.73 -16.42 -11.28
C PHE A 684 22.95 -15.37 -10.52
N LYS A 685 23.53 -14.17 -10.42
CA LYS A 685 22.92 -13.12 -9.66
C LYS A 685 22.08 -12.20 -10.52
N GLY A 686 22.33 -12.21 -11.85
CA GLY A 686 21.66 -11.31 -12.80
C GLY A 686 20.15 -11.17 -12.63
N ILE A 687 19.49 -12.21 -12.09
CA ILE A 687 18.03 -12.22 -12.04
C ILE A 687 17.55 -11.28 -10.95
N LYS A 688 17.93 -11.58 -9.72
CA LYS A 688 17.54 -10.83 -8.53
C LYS A 688 18.42 -9.63 -8.24
N TYR A 689 19.65 -9.62 -8.72
CA TYR A 689 20.56 -8.52 -8.45
C TYR A 689 21.05 -7.85 -9.72
N LEU A 690 20.11 -7.52 -10.62
CA LEU A 690 20.48 -6.77 -11.81
C LEU A 690 20.83 -5.33 -11.44
N ARG A 691 20.16 -4.79 -10.42
CA ARG A 691 20.43 -3.43 -9.94
C ARG A 691 21.88 -3.27 -9.47
N LEU A 692 22.45 -4.30 -8.84
CA LEU A 692 23.86 -4.27 -8.44
C LEU A 692 24.79 -4.12 -9.63
N ASN A 693 24.47 -4.79 -10.73
CA ASN A 693 25.23 -4.60 -11.97
C ASN A 693 24.98 -3.23 -12.58
N THR A 694 23.76 -2.71 -12.47
CA THR A 694 23.48 -1.36 -12.96
C THR A 694 24.31 -0.33 -12.21
N LEU A 695 24.37 -0.46 -10.88
CA LEU A 695 25.26 0.36 -10.05
C LEU A 695 26.70 0.27 -10.53
N ALA A 696 27.18 -0.96 -10.73
CA ALA A 696 28.52 -1.18 -11.26
C ALA A 696 28.72 -0.49 -12.61
N SER A 697 27.73 -0.59 -13.50
CA SER A 697 27.82 0.02 -14.81
C SER A 697 27.79 1.55 -14.74
N LEU A 698 27.28 2.11 -13.66
CA LEU A 698 27.43 3.55 -13.46
C LEU A 698 28.74 3.90 -12.77
N GLY A 699 29.43 2.92 -12.21
CA GLY A 699 30.72 3.17 -11.59
C GLY A 699 30.79 2.91 -10.10
N TYR A 700 29.73 2.40 -9.50
CA TYR A 700 29.74 2.06 -8.08
C TYR A 700 30.43 0.73 -7.88
N ALA A 701 31.31 0.66 -6.89
CA ALA A 701 31.74 -0.64 -6.41
C ALA A 701 30.59 -1.23 -5.62
N VAL A 702 30.21 -2.46 -5.93
CA VAL A 702 29.18 -3.12 -5.12
C VAL A 702 29.80 -4.28 -4.36
N VAL A 703 29.77 -4.19 -3.03
CA VAL A 703 30.36 -5.21 -2.18
C VAL A 703 29.19 -5.90 -1.49
N VAL A 704 29.28 -7.22 -1.33
CA VAL A 704 28.26 -8.02 -0.67
C VAL A 704 28.98 -9.02 0.21
N ILE A 705 28.64 -9.07 1.50
CA ILE A 705 29.39 -9.91 2.41
C ILE A 705 28.41 -10.82 3.15
N ASP A 706 28.76 -12.09 3.31
CA ASP A 706 27.96 -12.99 4.14
C ASP A 706 28.55 -13.00 5.54
N GLY A 707 28.08 -12.09 6.38
CA GLY A 707 28.51 -11.98 7.76
C GLY A 707 28.18 -13.21 8.59
N ARG A 708 28.49 -13.18 9.89
CA ARG A 708 28.21 -14.36 10.68
C ARG A 708 26.73 -14.31 11.06
N GLY A 709 26.11 -15.47 11.00
CA GLY A 709 24.69 -15.61 11.16
C GLY A 709 23.95 -16.00 9.90
N SER A 710 24.67 -16.34 8.83
CA SER A 710 24.03 -16.62 7.56
C SER A 710 23.73 -18.12 7.48
N CYS A 711 22.97 -18.50 6.46
CA CYS A 711 22.59 -19.90 6.26
C CYS A 711 23.73 -20.70 5.62
N GLN A 712 23.61 -22.03 5.75
CA GLN A 712 24.45 -23.03 5.09
C GLN A 712 25.94 -22.94 5.43
N ARG A 713 26.26 -22.51 6.65
CA ARG A 713 27.63 -22.58 7.16
C ARG A 713 27.64 -23.18 8.56
N GLY A 714 26.57 -23.88 8.90
CA GLY A 714 26.34 -24.54 10.16
C GLY A 714 25.71 -23.70 11.26
N LEU A 715 25.45 -24.41 12.37
CA LEU A 715 24.72 -23.85 13.49
C LEU A 715 25.58 -22.92 14.32
N ARG A 716 26.86 -23.25 14.53
CA ARG A 716 27.73 -22.41 15.34
C ARG A 716 27.98 -21.09 14.62
N PHE A 717 28.05 -21.14 13.29
CA PHE A 717 28.21 -19.94 12.48
C PHE A 717 26.96 -19.09 12.53
N GLU A 718 25.81 -19.69 12.26
CA GLU A 718 24.54 -18.99 12.28
C GLU A 718 24.25 -18.48 13.67
N GLY A 719 24.71 -19.22 14.67
CA GLY A 719 24.50 -18.95 16.07
C GLY A 719 25.18 -17.75 16.69
N ALA A 720 26.11 -17.14 15.96
CA ALA A 720 26.84 -15.99 16.45
C ALA A 720 25.94 -14.82 16.81
N LEU A 721 24.89 -14.59 16.04
CA LEU A 721 23.98 -13.49 16.25
C LEU A 721 22.90 -13.75 17.28
N LYS A 722 22.91 -14.90 17.94
CA LYS A 722 21.90 -15.11 18.95
C LYS A 722 21.98 -14.09 20.09
N ASN A 723 20.82 -13.55 20.40
CA ASN A 723 20.47 -12.59 21.46
C ASN A 723 21.28 -11.29 21.37
N GLN A 724 21.91 -11.04 20.23
CA GLN A 724 22.70 -9.84 20.02
C GLN A 724 22.65 -9.56 18.53
N MET A 725 21.44 -9.60 18.00
CA MET A 725 21.19 -9.45 16.59
C MET A 725 21.30 -7.99 16.14
N GLY A 726 22.08 -7.76 15.10
CA GLY A 726 22.41 -6.45 14.63
C GLY A 726 23.81 -6.01 15.03
N GLN A 727 24.36 -6.64 16.06
CA GLN A 727 25.61 -6.22 16.67
C GLN A 727 26.84 -6.84 16.04
N VAL A 728 26.73 -8.06 15.51
CA VAL A 728 27.91 -8.73 14.95
C VAL A 728 27.91 -8.63 13.43
N GLU A 729 26.72 -8.57 12.82
CA GLU A 729 26.61 -8.61 11.37
C GLU A 729 27.22 -7.37 10.75
N ILE A 730 26.87 -6.18 11.28
CA ILE A 730 27.40 -4.95 10.74
C ILE A 730 28.91 -4.88 10.92
N GLU A 731 29.44 -5.46 12.01
CA GLU A 731 30.89 -5.53 12.22
C GLU A 731 31.55 -6.37 11.15
N ASP A 732 30.93 -7.50 10.80
CA ASP A 732 31.42 -8.32 9.70
C ASP A 732 31.33 -7.60 8.35
N GLN A 733 30.30 -6.79 8.15
CA GLN A 733 30.19 -6.07 6.88
C GLN A 733 31.25 -4.97 6.76
N VAL A 734 31.45 -4.23 7.84
CA VAL A 734 32.52 -3.23 7.92
C VAL A 734 33.88 -3.85 7.66
N GLU A 735 34.17 -4.97 8.34
CA GLU A 735 35.42 -5.70 8.10
C GLU A 735 35.54 -6.20 6.66
N GLY A 736 34.44 -6.65 6.06
CA GLY A 736 34.45 -7.01 4.65
C GLY A 736 34.76 -5.84 3.74
N LEU A 737 34.18 -4.68 4.01
CA LEU A 737 34.55 -3.44 3.32
C LEU A 737 36.03 -3.13 3.48
N GLN A 738 36.54 -3.23 4.71
CA GLN A 738 37.92 -2.83 4.99
C GLN A 738 38.90 -3.77 4.31
N PHE A 739 38.53 -5.05 4.21
CA PHE A 739 39.32 -6.02 3.48
C PHE A 739 39.32 -5.72 1.99
N VAL A 740 38.14 -5.44 1.42
CA VAL A 740 38.06 -5.22 -0.02
C VAL A 740 38.76 -3.91 -0.39
N ALA A 741 38.66 -2.91 0.50
CA ALA A 741 39.39 -1.66 0.39
C ALA A 741 40.90 -1.88 0.37
N GLU A 742 41.39 -2.78 1.22
CA GLU A 742 42.84 -3.02 1.18
C GLU A 742 43.23 -3.86 -0.02
N LYS A 743 42.49 -4.95 -0.28
CA LYS A 743 42.74 -5.85 -1.41
C LYS A 743 42.63 -5.14 -2.76
N TYR A 744 41.47 -4.55 -3.03
CA TYR A 744 41.25 -3.81 -4.27
C TYR A 744 41.41 -2.32 -4.01
N GLY A 745 41.98 -1.63 -4.99
CA GLY A 745 42.36 -0.23 -4.78
C GLY A 745 41.40 0.86 -5.22
N PHE A 746 40.09 0.57 -5.27
CA PHE A 746 39.16 1.50 -5.89
C PHE A 746 37.99 1.89 -4.99
N ILE A 747 38.10 1.67 -3.68
CA ILE A 747 37.02 2.01 -2.75
C ILE A 747 37.37 3.25 -1.97
N ASP A 748 36.57 4.29 -2.18
CA ASP A 748 36.61 5.52 -1.41
C ASP A 748 35.78 5.29 -0.15
N LEU A 749 36.45 5.20 1.00
CA LEU A 749 35.74 4.92 2.26
C LEU A 749 34.92 6.10 2.72
N SER A 750 35.29 7.32 2.31
CA SER A 750 34.48 8.49 2.63
C SER A 750 33.12 8.47 1.94
N ARG A 751 32.96 7.66 0.88
CA ARG A 751 31.71 7.51 0.13
C ARG A 751 31.28 6.05 0.13
N VAL A 752 30.57 5.66 1.18
CA VAL A 752 30.05 4.29 1.32
C VAL A 752 28.57 4.38 1.61
N ALA A 753 27.80 3.60 0.87
CA ALA A 753 26.37 3.48 1.02
C ALA A 753 26.07 2.10 1.52
N ILE A 754 25.16 1.97 2.46
CA ILE A 754 24.73 0.65 2.87
C ILE A 754 23.28 0.52 2.42
N HIS A 755 22.91 -0.67 1.94
CA HIS A 755 21.59 -0.81 1.35
C HIS A 755 21.15 -2.25 1.37
N GLY A 756 19.86 -2.47 1.62
CA GLY A 756 19.31 -3.81 1.65
C GLY A 756 17.84 -3.78 1.97
N TRP A 757 17.13 -4.87 1.83
CA TRP A 757 15.71 -4.88 2.15
C TRP A 757 15.46 -5.86 3.26
N SER A 758 14.30 -5.75 3.92
CA SER A 758 13.91 -6.64 4.99
C SER A 758 15.00 -6.48 6.03
N TYR A 759 15.75 -7.54 6.30
CA TYR A 759 16.83 -7.47 7.24
C TYR A 759 17.92 -6.51 6.78
N GLY A 760 18.02 -6.27 5.50
CA GLY A 760 19.00 -5.37 4.92
C GLY A 760 18.80 -3.91 5.30
N GLY A 761 17.56 -3.45 5.34
CA GLY A 761 17.31 -2.10 5.80
C GLY A 761 17.57 -1.92 7.27
N PHE A 762 17.22 -2.92 8.08
CA PHE A 762 17.58 -2.94 9.50
C PHE A 762 19.09 -2.85 9.70
N LEU A 763 19.86 -3.59 8.91
CA LEU A 763 21.32 -3.47 9.01
C LEU A 763 21.81 -2.14 8.48
N SER A 764 21.25 -1.66 7.36
CA SER A 764 21.61 -0.34 6.83
C SER A 764 21.47 0.74 7.89
N LEU A 765 20.41 0.65 8.69
CA LEU A 765 20.21 1.53 9.83
C LEU A 765 21.17 1.27 10.99
N MET A 766 21.55 0.02 11.18
CA MET A 766 22.56 -0.36 12.15
C MET A 766 23.90 0.22 11.71
N GLY A 767 24.20 0.17 10.43
CA GLY A 767 25.39 0.74 9.83
C GLY A 767 25.47 2.23 10.03
N LEU A 768 24.37 2.93 9.76
CA LEU A 768 24.37 4.38 9.94
C LEU A 768 24.43 4.78 11.41
N ILE A 769 23.96 3.93 12.33
CA ILE A 769 24.07 4.24 13.76
C ILE A 769 25.47 3.98 14.30
N HIS A 770 25.97 2.76 14.18
CA HIS A 770 27.21 2.41 14.85
C HIS A 770 28.45 2.65 14.00
N LYS A 771 28.28 2.98 12.73
CA LYS A 771 29.41 3.29 11.84
C LYS A 771 29.11 4.49 10.94
N PRO A 772 28.75 5.67 11.50
CA PRO A 772 28.53 6.82 10.60
C PRO A 772 29.80 7.26 9.88
N GLN A 773 30.95 7.10 10.53
CA GLN A 773 32.23 7.41 9.92
C GLN A 773 32.58 6.47 8.77
N VAL A 774 31.97 5.28 8.73
CA VAL A 774 32.15 4.36 7.62
C VAL A 774 31.13 4.58 6.52
N PHE A 775 29.84 4.58 6.87
CA PHE A 775 28.77 4.60 5.90
C PHE A 775 28.29 6.02 5.67
N LYS A 776 28.49 6.53 4.45
CA LYS A 776 28.07 7.89 4.17
C LYS A 776 26.55 7.97 4.06
N VAL A 777 25.92 7.06 3.33
CA VAL A 777 24.47 7.04 3.27
C VAL A 777 23.95 5.65 3.63
N ALA A 778 22.63 5.55 3.77
CA ALA A 778 21.99 4.30 4.14
C ALA A 778 20.59 4.30 3.53
N ILE A 779 20.41 3.51 2.49
CA ILE A 779 19.11 3.35 1.84
C ILE A 779 18.47 2.11 2.47
N ALA A 780 17.62 2.32 3.45
CA ALA A 780 17.02 1.24 4.23
C ALA A 780 15.65 0.92 3.64
N GLY A 781 15.54 -0.27 3.04
CA GLY A 781 14.29 -0.70 2.46
C GLY A 781 13.62 -1.71 3.38
N ALA A 782 12.37 -1.42 3.73
CA ALA A 782 11.47 -2.24 4.52
C ALA A 782 11.99 -2.66 5.89
N PRO A 783 12.60 -1.78 6.69
CA PRO A 783 13.40 -2.25 7.81
C PRO A 783 12.54 -2.71 8.99
N VAL A 784 13.08 -3.67 9.74
CA VAL A 784 12.53 -4.07 11.04
C VAL A 784 13.08 -3.11 12.09
N THR A 785 12.31 -2.10 12.46
CA THR A 785 12.85 -1.12 13.37
C THR A 785 12.65 -1.47 14.84
N VAL A 786 11.71 -2.35 15.15
CA VAL A 786 11.34 -2.74 16.50
C VAL A 786 11.09 -4.23 16.47
N TRP A 787 11.95 -4.98 17.16
CA TRP A 787 11.81 -6.42 17.29
C TRP A 787 10.59 -6.82 18.11
N MET A 788 10.27 -6.06 19.18
CA MET A 788 9.06 -6.30 19.96
C MET A 788 7.77 -6.34 19.13
N ALA A 789 7.75 -5.72 17.96
CA ALA A 789 6.61 -5.78 17.05
C ALA A 789 6.64 -6.95 16.09
N TYR A 790 7.78 -7.60 15.90
CA TYR A 790 7.87 -8.69 14.95
C TYR A 790 7.29 -9.98 15.54
N ASP A 791 7.04 -10.94 14.66
CA ASP A 791 6.38 -12.17 15.04
C ASP A 791 7.27 -13.11 15.87
N THR A 792 6.60 -14.05 16.56
CA THR A 792 7.25 -15.05 17.40
C THR A 792 8.23 -15.94 16.65
N GLY A 793 7.74 -16.64 15.63
CA GLY A 793 8.52 -17.65 14.90
C GLY A 793 9.92 -17.25 14.48
N TYR A 794 10.07 -16.06 13.92
CA TYR A 794 11.41 -15.59 13.57
C TYR A 794 12.15 -15.16 14.83
N THR A 795 11.65 -14.12 15.51
CA THR A 795 12.40 -13.36 16.52
C THR A 795 12.74 -14.22 17.74
N GLU A 796 11.82 -15.09 18.16
CA GLU A 796 12.05 -15.82 19.41
C GLU A 796 13.15 -16.85 19.19
N ARG A 797 13.09 -17.56 18.05
CA ARG A 797 14.21 -18.37 17.57
C ARG A 797 15.56 -17.66 17.68
N TYR A 798 15.62 -16.39 17.27
CA TYR A 798 16.89 -15.68 17.28
C TYR A 798 17.07 -14.71 18.42
N MET A 799 16.05 -13.95 18.76
CA MET A 799 16.25 -12.99 19.79
C MET A 799 15.71 -13.27 21.16
N ASP A 800 14.98 -14.38 21.32
CA ASP A 800 14.31 -14.87 22.56
C ASP A 800 13.02 -14.06 22.84
N VAL A 801 12.32 -14.35 23.92
CA VAL A 801 11.15 -13.60 24.32
C VAL A 801 11.70 -12.30 24.87
N PRO A 802 10.99 -11.19 24.67
CA PRO A 802 11.50 -9.92 25.18
C PRO A 802 11.65 -9.97 26.69
N GLU A 803 10.75 -10.61 27.41
CA GLU A 803 10.93 -10.61 28.87
C GLU A 803 12.28 -11.16 29.30
N ASN A 804 12.92 -11.98 28.47
CA ASN A 804 14.18 -12.58 28.84
C ASN A 804 15.38 -11.78 28.33
N ASN A 805 15.40 -11.42 27.04
CA ASN A 805 16.52 -10.72 26.43
C ASN A 805 16.08 -9.26 26.18
N GLN A 806 15.87 -8.51 27.27
CA GLN A 806 15.45 -7.11 27.09
C GLN A 806 16.61 -6.24 26.64
N HIS A 807 17.82 -6.55 27.09
CA HIS A 807 19.01 -5.81 26.69
C HIS A 807 19.24 -5.89 25.20
N GLY A 808 18.98 -7.06 24.62
CA GLY A 808 19.25 -7.24 23.21
C GLY A 808 18.09 -6.85 22.34
N TYR A 809 16.86 -6.95 22.85
CA TYR A 809 15.74 -6.35 22.13
C TYR A 809 15.92 -4.83 22.00
N GLU A 810 16.25 -4.13 23.10
CA GLU A 810 16.44 -2.68 23.02
C GLU A 810 17.68 -2.33 22.20
N ALA A 811 18.78 -3.07 22.40
CA ALA A 811 20.04 -2.79 21.71
C ALA A 811 19.92 -2.95 20.20
N GLY A 812 19.13 -3.90 19.73
CA GLY A 812 19.05 -4.09 18.30
C GLY A 812 17.74 -3.64 17.69
N SER A 813 16.99 -2.77 18.34
CA SER A 813 15.80 -2.24 17.72
C SER A 813 16.31 -0.90 17.27
N VAL A 814 16.45 -0.70 15.98
CA VAL A 814 16.99 0.53 15.42
C VAL A 814 16.19 1.78 15.69
N ALA A 815 14.88 1.65 15.85
CA ALA A 815 14.00 2.77 16.13
C ALA A 815 14.34 3.41 17.46
N LEU A 816 14.72 2.61 18.44
CA LEU A 816 15.10 3.08 19.77
C LEU A 816 16.41 3.86 19.87
N HIS A 817 17.24 3.80 18.84
CA HIS A 817 18.53 4.48 18.85
C HIS A 817 18.59 5.55 17.82
N VAL A 818 17.49 6.28 17.64
CA VAL A 818 17.42 7.27 16.59
C VAL A 818 18.31 8.47 16.88
N GLU A 819 18.47 8.83 18.17
CA GLU A 819 19.44 9.81 18.63
C GLU A 819 20.86 9.61 18.07
N LYS A 820 21.25 8.39 17.77
CA LYS A 820 22.55 8.11 17.20
C LYS A 820 22.59 8.20 15.67
N LEU A 821 21.48 8.52 15.02
CA LEU A 821 21.48 8.70 13.57
C LEU A 821 22.03 10.09 13.26
N PRO A 822 22.40 10.39 12.00
CA PRO A 822 23.09 11.67 11.74
C PRO A 822 22.16 12.84 11.91
N ASN A 823 22.68 13.93 12.48
CA ASN A 823 21.90 15.16 12.51
C ASN A 823 21.87 15.85 11.17
N GLU A 824 22.85 15.61 10.32
CA GLU A 824 22.89 16.15 8.97
C GLU A 824 21.94 15.35 8.07
N PRO A 825 21.37 16.00 7.06
CA PRO A 825 20.57 15.32 6.03
C PRO A 825 21.33 14.63 4.90
N ASN A 826 20.52 14.01 4.03
CA ASN A 826 20.87 13.27 2.82
C ASN A 826 21.71 12.02 3.08
N ARG A 827 21.64 11.50 4.30
CA ARG A 827 22.38 10.31 4.71
C ARG A 827 21.47 9.11 4.94
N LEU A 828 20.15 9.28 4.85
CA LEU A 828 19.24 8.20 5.22
C LEU A 828 17.98 8.27 4.37
N LEU A 829 17.75 7.23 3.57
CA LEU A 829 16.59 7.11 2.72
C LEU A 829 15.84 5.86 3.17
N ILE A 830 14.62 6.03 3.65
CA ILE A 830 13.76 4.94 4.11
C ILE A 830 12.76 4.58 3.03
N LEU A 831 12.77 3.32 2.61
CA LEU A 831 11.85 2.80 1.59
C LEU A 831 10.90 1.82 2.27
N HIS A 832 9.62 1.86 1.90
CA HIS A 832 8.70 0.89 2.49
C HIS A 832 7.49 0.67 1.62
N GLY A 833 7.12 -0.59 1.41
CA GLY A 833 5.86 -0.92 0.78
C GLY A 833 4.72 -0.80 1.78
N PHE A 834 3.73 0.03 1.44
CA PHE A 834 2.65 0.37 2.36
C PHE A 834 1.77 -0.80 2.80
N LEU A 835 1.65 -1.85 1.99
CA LEU A 835 0.80 -2.97 2.35
C LEU A 835 1.56 -4.14 2.92
N ASP A 836 2.72 -3.87 3.48
CA ASP A 836 3.54 -4.94 3.92
C ASP A 836 2.93 -5.52 5.14
N GLU A 837 2.56 -6.79 5.03
CA GLU A 837 1.96 -7.51 6.11
C GLU A 837 2.96 -8.41 6.80
N ASN A 838 4.21 -8.30 6.40
CA ASN A 838 5.32 -9.04 6.95
C ASN A 838 6.06 -8.06 7.83
N VAL A 839 6.88 -7.20 7.24
CA VAL A 839 7.52 -6.16 8.03
C VAL A 839 6.58 -5.00 7.86
N HIS A 840 5.61 -4.95 8.73
CA HIS A 840 4.54 -3.96 8.74
C HIS A 840 5.03 -2.52 8.64
N PHE A 841 4.23 -1.71 7.93
CA PHE A 841 4.51 -0.30 7.80
C PHE A 841 4.75 0.42 9.12
N PHE A 842 4.10 -0.04 10.20
CA PHE A 842 4.36 0.40 11.58
C PHE A 842 5.85 0.58 11.88
N HIS A 843 6.70 -0.31 11.36
CA HIS A 843 8.13 -0.25 11.63
C HIS A 843 8.75 1.03 11.08
N THR A 844 8.51 1.31 9.80
CA THR A 844 8.90 2.57 9.18
C THR A 844 8.21 3.76 9.84
N ASN A 845 6.92 3.61 10.16
CA ASN A 845 6.14 4.65 10.82
C ASN A 845 6.70 5.02 12.19
N PHE A 846 7.05 4.02 12.98
CA PHE A 846 7.61 4.23 14.31
C PHE A 846 9.02 4.78 14.21
N LEU A 847 9.75 4.40 13.16
CA LEU A 847 11.06 4.97 12.92
C LEU A 847 10.94 6.46 12.62
N VAL A 848 10.07 6.82 11.68
CA VAL A 848 9.83 8.21 11.31
C VAL A 848 9.33 9.01 12.50
N SER A 849 8.48 8.40 13.33
CA SER A 849 8.04 8.96 14.61
C SER A 849 9.21 9.32 15.51
N GLN A 850 10.13 8.38 15.71
CA GLN A 850 11.23 8.61 16.62
C GLN A 850 12.30 9.51 16.02
N LEU A 851 12.41 9.54 14.68
CA LEU A 851 13.26 10.52 14.01
C LEU A 851 12.73 11.94 14.22
N ILE A 852 11.42 12.11 14.06
CA ILE A 852 10.77 13.39 14.35
C ILE A 852 11.00 13.81 15.79
N ARG A 853 10.82 12.86 16.72
CA ARG A 853 10.97 13.17 18.15
C ARG A 853 12.41 13.46 18.52
N ALA A 854 13.38 12.88 17.81
CA ALA A 854 14.79 13.15 18.06
C ALA A 854 15.33 14.28 17.19
N GLY A 855 14.53 14.80 16.27
CA GLY A 855 14.88 15.96 15.49
C GLY A 855 15.90 15.62 14.42
N LYS A 856 15.67 14.54 13.71
CA LYS A 856 16.61 14.06 12.70
C LYS A 856 15.95 14.01 11.33
N PRO A 857 16.65 14.42 10.29
CA PRO A 857 16.10 14.35 8.95
C PRO A 857 16.04 12.92 8.44
N TYR A 858 15.28 12.75 7.36
CA TYR A 858 15.18 11.50 6.62
C TYR A 858 14.56 11.79 5.27
N GLN A 859 14.92 11.00 4.28
CA GLN A 859 14.11 10.95 3.08
C GLN A 859 13.28 9.68 3.14
N LEU A 860 12.19 9.66 2.40
CA LEU A 860 11.28 8.53 2.51
C LEU A 860 10.57 8.31 1.18
N GLN A 861 10.31 7.04 0.89
CA GLN A 861 9.64 6.65 -0.33
C GLN A 861 8.67 5.54 0.04
N ILE A 862 7.47 5.65 -0.49
CA ILE A 862 6.42 4.71 -0.19
C ILE A 862 6.13 3.95 -1.47
N TYR A 863 5.78 2.67 -1.34
CA TYR A 863 5.26 1.90 -2.45
C TYR A 863 3.85 1.46 -2.05
N PRO A 864 2.84 2.26 -2.39
CA PRO A 864 1.47 2.03 -1.89
C PRO A 864 0.84 0.72 -2.31
N ASN A 865 1.25 0.14 -3.43
CA ASN A 865 0.63 -1.08 -3.94
C ASN A 865 1.53 -2.30 -3.78
N GLU A 866 2.64 -2.17 -3.08
CA GLU A 866 3.65 -3.22 -2.96
C GLU A 866 3.71 -3.72 -1.53
N ARG A 867 3.76 -5.04 -1.38
CA ARG A 867 3.75 -5.58 -0.03
C ARG A 867 5.15 -5.62 0.59
N HIS A 868 5.96 -6.58 0.19
CA HIS A 868 7.27 -6.71 0.82
C HIS A 868 8.41 -6.73 -0.19
N SER A 869 8.26 -7.56 -1.20
CA SER A 869 9.09 -7.47 -2.39
C SER A 869 8.37 -6.56 -3.38
N ILE A 870 9.12 -5.67 -4.01
CA ILE A 870 8.52 -4.85 -5.05
C ILE A 870 8.22 -5.78 -6.23
N ARG A 871 6.94 -6.05 -6.46
CA ARG A 871 6.51 -6.95 -7.52
C ARG A 871 6.22 -6.25 -8.85
N CYS A 872 5.61 -5.07 -8.79
CA CYS A 872 5.28 -4.34 -10.01
C CYS A 872 6.54 -3.84 -10.69
N PRO A 873 6.70 -4.08 -12.00
CA PRO A 873 7.89 -3.56 -12.71
C PRO A 873 7.98 -2.05 -12.71
N GLU A 874 6.85 -1.34 -12.82
CA GLU A 874 6.86 0.12 -12.72
C GLU A 874 7.39 0.58 -11.38
N SER A 875 6.93 -0.05 -10.30
CA SER A 875 7.39 0.26 -8.95
C SER A 875 8.86 -0.12 -8.76
N GLY A 876 9.31 -1.22 -9.35
CA GLY A 876 10.72 -1.56 -9.28
C GLY A 876 11.59 -0.60 -10.05
N GLU A 877 11.11 -0.13 -11.20
CA GLU A 877 11.84 0.85 -11.97
C GLU A 877 11.94 2.17 -11.22
N HIS A 878 10.85 2.55 -10.53
CA HIS A 878 10.89 3.75 -9.70
C HIS A 878 11.85 3.57 -8.53
N TYR A 879 11.79 2.41 -7.86
CA TYR A 879 12.70 2.08 -6.77
C TYR A 879 14.16 2.20 -7.18
N GLU A 880 14.49 1.68 -8.35
CA GLU A 880 15.88 1.70 -8.79
C GLU A 880 16.29 3.09 -9.22
N VAL A 881 15.41 3.84 -9.91
CA VAL A 881 15.78 5.19 -10.32
C VAL A 881 15.90 6.10 -9.09
N THR A 882 15.11 5.84 -8.04
CA THR A 882 15.26 6.55 -6.78
C THR A 882 16.58 6.20 -6.11
N LEU A 883 17.00 4.95 -6.24
CA LEU A 883 18.27 4.52 -5.66
C LEU A 883 19.45 5.14 -6.38
N LEU A 884 19.40 5.15 -7.71
CA LEU A 884 20.45 5.76 -8.51
C LEU A 884 20.52 7.26 -8.27
N HIS A 885 19.37 7.94 -8.22
CA HIS A 885 19.36 9.37 -7.93
C HIS A 885 19.92 9.68 -6.55
N PHE A 886 19.49 8.94 -5.53
CA PHE A 886 19.95 9.19 -4.16
C PHE A 886 21.45 9.00 -4.06
N LEU A 887 21.98 7.95 -4.70
CA LEU A 887 23.42 7.74 -4.70
C LEU A 887 24.16 8.80 -5.52
N GLN A 888 23.66 9.08 -6.73
CA GLN A 888 24.20 10.12 -7.60
C GLN A 888 24.38 11.45 -6.88
N GLU A 889 23.35 11.88 -6.15
CA GLU A 889 23.37 13.19 -5.54
C GLU A 889 24.08 13.21 -4.20
N TYR A 890 23.80 12.22 -3.34
CA TYR A 890 24.19 12.33 -1.94
C TYR A 890 25.29 11.38 -1.49
N LEU A 891 25.68 10.40 -2.28
CA LEU A 891 26.85 9.61 -1.90
C LEU A 891 28.13 10.34 -2.28
N ASP B 46 19.89 36.74 -17.61
CA ASP B 46 19.88 36.83 -16.16
C ASP B 46 21.20 37.39 -15.64
N ASP B 47 21.12 38.26 -14.65
CA ASP B 47 22.32 38.80 -14.02
C ASP B 47 23.00 37.71 -13.19
N PRO B 48 24.32 37.53 -13.32
CA PRO B 48 24.95 36.37 -12.68
C PRO B 48 25.12 36.47 -11.17
N ALA B 49 25.08 37.65 -10.57
CA ALA B 49 25.08 37.67 -9.10
C ALA B 49 24.19 38.76 -8.53
N ALA B 50 23.01 38.96 -9.11
CA ALA B 50 22.05 39.92 -8.58
C ALA B 50 20.81 39.16 -8.13
N ARG B 51 21.00 37.89 -7.80
CA ARG B 51 19.97 36.99 -7.34
C ARG B 51 20.36 36.51 -5.95
N PHE B 52 19.56 36.89 -4.94
CA PHE B 52 19.89 36.60 -3.55
C PHE B 52 19.99 35.10 -3.29
N GLN B 53 21.12 34.69 -2.73
CA GLN B 53 21.32 33.32 -2.31
C GLN B 53 21.09 33.23 -0.81
N VAL B 54 20.22 32.31 -0.42
CA VAL B 54 19.92 32.08 0.98
C VAL B 54 21.10 31.34 1.58
N GLN B 55 21.46 31.68 2.82
CA GLN B 55 22.60 31.05 3.47
C GLN B 55 22.27 29.61 3.77
N LYS B 56 23.12 28.71 3.28
CA LYS B 56 22.93 27.28 3.48
C LYS B 56 23.31 26.97 4.92
N HIS B 57 22.31 26.72 5.75
CA HIS B 57 22.54 26.30 7.12
C HIS B 57 22.50 24.79 7.23
N SER B 58 23.33 24.27 8.13
CA SER B 58 23.23 22.89 8.57
C SER B 58 21.87 22.63 9.21
N TRP B 59 21.50 21.36 9.27
CA TRP B 59 20.23 20.94 9.86
C TRP B 59 20.12 21.39 11.31
N ASP B 60 21.18 21.21 12.11
CA ASP B 60 21.15 21.65 13.50
C ASP B 60 21.10 23.17 13.60
N GLY B 61 21.77 23.88 12.68
CA GLY B 61 21.59 25.32 12.55
C GLY B 61 20.15 25.73 12.31
N LEU B 62 19.48 25.05 11.38
CA LEU B 62 18.08 25.32 11.07
C LEU B 62 17.18 25.01 12.26
N ARG B 63 17.50 23.94 13.00
CA ARG B 63 16.79 23.70 14.26
C ARG B 63 17.01 24.82 15.26
N SER B 64 18.25 25.30 15.39
CA SER B 64 18.54 26.43 16.27
C SER B 64 17.73 27.67 15.90
N ILE B 65 17.51 27.88 14.59
CA ILE B 65 16.75 29.02 14.12
C ILE B 65 15.26 28.85 14.40
N ILE B 66 14.71 27.68 14.07
CA ILE B 66 13.30 27.41 14.34
C ILE B 66 13.00 27.41 15.84
N HIS B 67 13.88 26.82 16.66
CA HIS B 67 13.70 26.87 18.10
C HIS B 67 13.77 28.32 18.58
N GLY B 68 14.74 29.09 18.08
CA GLY B 68 14.88 30.50 18.36
C GLY B 68 13.69 31.35 17.94
N SER B 69 12.85 30.83 17.04
CA SER B 69 11.64 31.56 16.66
C SER B 69 10.62 31.54 17.79
N ARG B 70 10.47 30.42 18.49
CA ARG B 70 9.33 30.24 19.37
C ARG B 70 9.70 30.46 20.83
N LYS B 71 10.86 31.05 21.09
CA LYS B 71 11.28 31.30 22.47
C LYS B 71 10.42 32.38 23.13
N TYR B 72 9.81 33.27 22.36
CA TYR B 72 8.88 34.25 22.88
C TYR B 72 7.42 33.86 22.61
N SER B 73 7.17 32.61 22.22
CA SER B 73 5.80 32.14 22.02
C SER B 73 5.10 31.81 23.33
N GLY B 74 5.80 31.84 24.46
CA GLY B 74 5.14 31.74 25.75
C GLY B 74 4.35 32.98 26.11
N LEU B 75 4.63 34.10 25.47
CA LEU B 75 3.93 35.36 25.68
C LEU B 75 3.02 35.75 24.53
N ILE B 76 3.48 35.62 23.29
CA ILE B 76 2.71 36.12 22.15
C ILE B 76 1.78 35.07 21.55
N VAL B 77 2.03 33.79 21.78
CA VAL B 77 1.04 32.73 21.56
C VAL B 77 0.47 32.48 22.94
N ASN B 78 -0.56 33.25 23.30
CA ASN B 78 -1.01 33.34 24.67
C ASN B 78 -2.29 32.55 24.94
N LYS B 79 -3.01 32.17 23.89
CA LYS B 79 -4.42 31.76 23.95
C LYS B 79 -5.23 32.81 24.73
N ALA B 80 -5.32 33.98 24.09
CA ALA B 80 -6.04 35.18 24.48
C ALA B 80 -7.43 34.85 25.00
N PRO B 81 -7.87 35.49 26.09
CA PRO B 81 -9.07 35.03 26.81
C PRO B 81 -10.35 35.26 26.02
N HIS B 82 -11.33 34.41 26.29
CA HIS B 82 -12.42 34.18 25.36
C HIS B 82 -13.59 33.55 26.12
N ASP B 83 -14.72 33.41 25.42
CA ASP B 83 -15.95 32.78 25.93
C ASP B 83 -16.46 33.58 27.14
N PHE B 84 -16.63 34.89 26.95
CA PHE B 84 -16.96 35.79 28.05
C PHE B 84 -18.43 35.75 28.45
N GLN B 85 -18.66 35.81 29.76
CA GLN B 85 -19.99 35.85 30.34
C GLN B 85 -20.06 36.93 31.43
N PHE B 86 -20.72 38.04 31.12
CA PHE B 86 -20.97 39.12 32.07
C PHE B 86 -22.07 38.73 33.05
N VAL B 87 -21.84 38.93 34.36
CA VAL B 87 -22.86 38.73 35.39
C VAL B 87 -22.88 39.91 36.35
N GLN B 88 -24.08 40.44 36.62
CA GLN B 88 -24.28 41.57 37.51
C GLN B 88 -24.15 41.15 38.97
N LYS B 89 -23.93 42.14 39.82
CA LYS B 89 -23.82 41.96 41.26
C LYS B 89 -24.95 42.64 42.01
N THR B 90 -25.25 43.90 41.67
CA THR B 90 -26.33 44.74 42.20
C THR B 90 -26.37 44.75 43.73
N ASP B 91 -25.28 45.24 44.31
CA ASP B 91 -25.15 45.33 45.76
C ASP B 91 -25.51 46.71 46.30
N GLU B 92 -25.46 47.74 45.46
CA GLU B 92 -25.75 49.15 45.75
C GLU B 92 -24.81 49.77 46.78
N SER B 93 -23.75 49.06 47.19
CA SER B 93 -22.72 49.60 48.05
C SER B 93 -21.32 49.18 47.64
N GLY B 94 -21.16 48.24 46.71
CA GLY B 94 -19.87 47.67 46.40
C GLY B 94 -19.08 48.45 45.37
N PRO B 95 -17.87 47.97 45.07
CA PRO B 95 -16.99 48.69 44.15
C PRO B 95 -17.11 48.28 42.68
N HIS B 96 -17.39 47.00 42.43
CA HIS B 96 -17.42 46.44 41.09
C HIS B 96 -18.83 46.29 40.56
N SER B 97 -19.03 46.71 39.31
CA SER B 97 -20.36 46.68 38.71
C SER B 97 -20.71 45.29 38.20
N HIS B 98 -19.73 44.59 37.62
CA HIS B 98 -19.98 43.23 37.13
C HIS B 98 -18.84 42.31 37.52
N ARG B 99 -19.03 41.05 37.19
CA ARG B 99 -17.97 40.05 37.15
C ARG B 99 -17.98 39.39 35.79
N LEU B 100 -16.85 39.47 35.10
CA LEU B 100 -16.66 38.84 33.82
C LEU B 100 -16.07 37.46 34.03
N TYR B 101 -16.75 36.42 33.54
CA TYR B 101 -16.27 35.05 33.65
C TYR B 101 -15.76 34.62 32.29
N TYR B 102 -14.63 33.91 32.26
CA TYR B 102 -14.06 33.59 30.96
C TYR B 102 -13.05 32.46 31.08
N LEU B 103 -12.60 31.98 29.93
CA LEU B 103 -11.54 31.00 29.87
C LEU B 103 -10.25 31.76 29.67
N GLY B 104 -9.17 31.23 30.24
CA GLY B 104 -7.90 31.94 30.14
C GLY B 104 -6.75 31.13 30.70
N MET B 105 -5.54 31.56 30.33
CA MET B 105 -4.33 30.78 30.52
C MET B 105 -3.25 31.81 30.83
N PRO B 106 -3.07 32.14 32.11
CA PRO B 106 -2.00 33.08 32.52
C PRO B 106 -0.58 32.49 32.50
N TYR B 107 -0.42 31.23 32.11
CA TYR B 107 0.85 30.49 32.10
C TYR B 107 1.49 30.34 33.48
N GLY B 108 0.73 30.57 34.55
CA GLY B 108 1.13 30.04 35.84
C GLY B 108 1.00 28.54 35.87
N SER B 109 0.00 28.01 35.18
CA SER B 109 -0.05 26.62 34.77
C SER B 109 -0.20 26.58 33.26
N ARG B 110 0.17 25.44 32.66
CA ARG B 110 0.18 25.33 31.21
C ARG B 110 -1.14 24.81 30.65
N GLU B 111 -2.25 25.13 31.29
CA GLU B 111 -3.56 24.67 30.86
C GLU B 111 -4.59 25.79 30.98
N ASN B 112 -5.62 25.69 30.14
CA ASN B 112 -6.66 26.71 30.01
C ASN B 112 -7.70 26.46 31.09
N SER B 113 -8.01 27.47 31.88
CA SER B 113 -8.92 27.28 33.01
C SER B 113 -9.83 28.47 33.17
N LEU B 114 -10.86 28.26 33.99
CA LEU B 114 -11.85 29.27 34.31
C LEU B 114 -11.32 30.37 35.21
N LEU B 115 -11.58 31.61 34.82
CA LEU B 115 -11.08 32.75 35.54
C LEU B 115 -12.21 33.74 35.64
N TYR B 116 -11.92 34.83 36.34
CA TYR B 116 -12.84 35.95 36.32
C TYR B 116 -12.10 37.27 36.50
N SER B 117 -12.77 38.32 36.07
CA SER B 117 -12.37 39.70 36.25
C SER B 117 -13.46 40.45 37.00
N GLU B 118 -13.07 41.55 37.63
CA GLU B 118 -13.99 42.43 38.36
C GLU B 118 -14.15 43.74 37.60
N ILE B 119 -15.33 43.97 37.04
CA ILE B 119 -15.59 45.18 36.26
C ILE B 119 -16.08 46.26 37.23
N PRO B 120 -15.35 47.35 37.39
CA PRO B 120 -15.71 48.37 38.39
C PRO B 120 -16.83 49.29 37.92
N LYS B 121 -17.35 50.05 38.89
CA LYS B 121 -18.33 51.09 38.64
C LYS B 121 -17.74 52.37 38.07
N LYS B 122 -16.49 52.71 38.38
CA LYS B 122 -15.82 53.80 37.67
C LYS B 122 -14.31 53.68 37.79
N VAL B 123 -13.66 53.73 36.62
CA VAL B 123 -12.21 53.72 36.47
C VAL B 123 -11.70 55.15 36.56
N ARG B 124 -10.39 55.31 36.70
CA ARG B 124 -9.77 56.62 36.73
C ARG B 124 -9.23 56.97 35.35
N LYS B 125 -9.38 58.24 34.97
CA LYS B 125 -8.88 58.72 33.70
C LYS B 125 -7.36 58.76 33.71
N GLU B 126 -6.77 58.57 32.51
CA GLU B 126 -5.34 58.62 32.25
C GLU B 126 -4.57 57.59 33.08
N ALA B 127 -5.08 56.36 33.08
CA ALA B 127 -4.41 55.24 33.73
C ALA B 127 -4.83 53.97 33.01
N LEU B 128 -3.84 53.25 32.47
CA LEU B 128 -4.12 51.98 31.79
C LEU B 128 -4.43 50.94 32.84
N LEU B 129 -5.72 50.74 33.11
CA LEU B 129 -6.18 49.79 34.10
C LEU B 129 -6.14 48.39 33.51
N LEU B 130 -5.36 47.50 34.11
CA LEU B 130 -5.20 46.16 33.55
C LEU B 130 -5.54 45.20 34.69
N LEU B 131 -6.53 44.37 34.44
CA LEU B 131 -7.09 43.46 35.42
C LEU B 131 -6.23 42.23 35.67
N SER B 132 -6.05 41.90 36.95
CA SER B 132 -5.36 40.67 37.29
C SER B 132 -6.31 39.54 36.95
N TRP B 133 -5.76 38.40 36.53
CA TRP B 133 -6.60 37.27 36.17
C TRP B 133 -6.65 36.28 37.32
N LYS B 134 -7.68 36.41 38.14
CA LYS B 134 -7.87 35.53 39.28
C LYS B 134 -8.54 34.23 38.82
N GLN B 135 -8.26 33.17 39.57
CA GLN B 135 -8.71 31.83 39.27
C GLN B 135 -10.05 31.57 39.95
N MET B 136 -11.00 31.03 39.21
CA MET B 136 -12.19 30.51 39.85
C MET B 136 -11.90 29.19 40.55
N LEU B 137 -11.20 28.28 39.89
CA LEU B 137 -10.98 26.92 40.35
C LEU B 137 -9.65 26.80 41.09
N ASP B 138 -9.57 25.82 41.97
CA ASP B 138 -8.44 25.66 42.89
C ASP B 138 -7.28 24.89 42.24
N HIS B 139 -6.71 25.50 41.19
CA HIS B 139 -5.39 25.21 40.60
C HIS B 139 -5.15 23.73 40.24
N PHE B 140 -6.22 22.98 39.96
CA PHE B 140 -6.05 21.57 39.64
C PHE B 140 -5.64 21.49 38.17
N GLN B 141 -5.02 20.37 37.80
CA GLN B 141 -4.71 20.14 36.40
C GLN B 141 -5.96 19.57 35.71
N ALA B 142 -6.49 20.32 34.75
CA ALA B 142 -7.71 19.92 34.04
C ALA B 142 -7.42 19.09 32.79
N THR B 143 -6.16 18.77 32.53
CA THR B 143 -5.75 17.95 31.41
C THR B 143 -4.98 16.73 31.92
N PRO B 144 -5.03 15.61 31.19
CA PRO B 144 -4.25 14.44 31.63
C PRO B 144 -2.77 14.56 31.32
N HIS B 145 -2.00 13.51 31.62
CA HIS B 145 -0.56 13.54 31.45
C HIS B 145 -0.19 13.53 29.97
N HIS B 146 0.78 14.37 29.61
CA HIS B 146 1.35 14.53 28.26
C HIS B 146 0.30 14.95 27.22
N GLY B 147 -0.79 15.57 27.65
CA GLY B 147 -1.77 16.09 26.71
C GLY B 147 -2.63 15.06 26.03
N VAL B 148 -2.80 13.88 26.62
CA VAL B 148 -3.60 12.82 26.02
C VAL B 148 -5.08 13.09 26.28
N TYR B 149 -5.95 12.38 25.57
CA TYR B 149 -7.39 12.54 25.69
C TYR B 149 -8.05 11.18 25.48
N SER B 150 -9.37 11.17 25.56
CA SER B 150 -10.15 9.96 25.31
C SER B 150 -10.38 9.80 23.81
N ARG B 151 -11.30 8.90 23.45
CA ARG B 151 -11.50 8.55 22.05
C ARG B 151 -12.17 9.68 21.28
N GLU B 152 -13.43 9.98 21.60
CA GLU B 152 -14.18 10.92 20.79
C GLU B 152 -13.99 12.37 21.22
N GLU B 153 -13.45 12.63 22.42
CA GLU B 153 -13.16 14.02 22.77
C GLU B 153 -11.96 14.54 22.01
N GLU B 154 -11.01 13.66 21.66
CA GLU B 154 -9.88 14.06 20.83
C GLU B 154 -10.34 14.39 19.42
N LEU B 155 -11.31 13.62 18.91
CA LEU B 155 -11.88 13.91 17.60
C LEU B 155 -12.71 15.19 17.62
N LEU B 156 -13.44 15.44 18.72
CA LEU B 156 -14.20 16.68 18.84
C LEU B 156 -13.28 17.89 18.90
N ARG B 157 -12.15 17.75 19.59
CA ARG B 157 -11.12 18.79 19.58
C ARG B 157 -10.53 18.98 18.19
N GLU B 158 -10.38 17.90 17.44
CA GLU B 158 -9.86 18.02 16.08
C GLU B 158 -10.87 18.68 15.15
N ARG B 159 -12.17 18.51 15.39
CA ARG B 159 -13.17 19.23 14.60
C ARG B 159 -13.24 20.69 14.98
N LYS B 160 -13.15 20.99 16.28
CA LYS B 160 -13.21 22.36 16.76
C LYS B 160 -11.89 23.09 16.62
N ARG B 161 -10.83 22.41 16.17
CA ARG B 161 -9.46 22.94 16.01
C ARG B 161 -8.91 23.47 17.34
N LEU B 162 -9.25 22.80 18.43
CA LEU B 162 -8.77 23.18 19.75
C LEU B 162 -7.35 22.64 19.93
N GLY B 163 -6.37 23.52 19.77
CA GLY B 163 -4.99 23.16 20.03
C GLY B 163 -4.55 23.37 21.46
N VAL B 164 -5.44 23.79 22.34
CA VAL B 164 -5.09 24.11 23.72
C VAL B 164 -5.76 23.10 24.64
N PHE B 165 -5.26 23.04 25.87
CA PHE B 165 -5.56 21.95 26.78
C PHE B 165 -6.25 22.46 28.03
N GLY B 166 -7.02 21.58 28.67
CA GLY B 166 -7.65 21.90 29.92
C GLY B 166 -9.16 22.02 29.81
N ILE B 167 -9.67 23.22 29.99
CA ILE B 167 -11.08 23.52 29.88
C ILE B 167 -11.26 24.42 28.67
N THR B 168 -11.64 23.83 27.54
CA THR B 168 -11.68 24.57 26.28
C THR B 168 -13.10 25.03 25.94
N SER B 169 -14.09 24.59 26.72
CA SER B 169 -15.50 24.90 26.52
C SER B 169 -16.20 24.64 27.83
N TYR B 170 -17.03 25.57 28.25
CA TYR B 170 -17.90 25.40 29.41
C TYR B 170 -19.30 25.89 29.09
N ASP B 171 -20.24 25.52 29.95
CA ASP B 171 -21.62 25.94 29.81
C ASP B 171 -21.98 26.69 31.09
N PHE B 172 -22.72 27.78 30.92
CA PHE B 172 -23.10 28.65 32.01
C PHE B 172 -24.60 28.90 32.06
N HIS B 173 -25.19 28.78 33.25
CA HIS B 173 -26.60 29.05 33.43
C HIS B 173 -26.60 30.25 34.35
N SER B 174 -27.05 31.40 33.84
CA SER B 174 -26.98 32.65 34.59
C SER B 174 -27.75 32.85 35.89
N GLU B 175 -29.01 32.46 35.98
CA GLU B 175 -29.69 32.71 37.24
C GLU B 175 -29.06 31.93 38.38
N SER B 176 -28.86 30.65 38.16
CA SER B 176 -28.24 29.85 39.19
C SER B 176 -26.78 30.21 39.37
N GLY B 177 -26.13 30.52 38.26
CA GLY B 177 -24.72 30.83 38.25
C GLY B 177 -23.90 29.56 38.06
N LEU B 178 -24.57 28.44 37.81
CA LEU B 178 -23.95 27.15 37.65
C LEU B 178 -23.00 27.14 36.47
N PHE B 179 -21.82 26.59 36.66
CA PHE B 179 -20.86 26.46 35.59
C PHE B 179 -20.70 24.98 35.44
N LEU B 180 -20.91 24.46 34.24
CA LEU B 180 -20.75 23.06 34.03
C LEU B 180 -19.67 22.90 33.01
N PHE B 181 -18.60 22.22 33.37
CA PHE B 181 -17.52 22.06 32.42
C PHE B 181 -16.98 20.64 32.46
N GLN B 182 -16.15 20.33 31.46
CA GLN B 182 -15.47 19.05 31.36
C GLN B 182 -14.00 19.21 31.69
N ALA B 183 -13.52 18.43 32.65
CA ALA B 183 -12.11 18.41 33.02
C ALA B 183 -11.52 17.18 32.36
N SER B 184 -10.42 16.66 32.92
CA SER B 184 -9.67 15.57 32.28
C SER B 184 -10.54 14.34 32.09
N ASN B 185 -10.82 13.60 33.18
CA ASN B 185 -11.77 12.50 33.00
C ASN B 185 -13.07 12.63 33.80
N SER B 186 -13.65 13.83 33.94
CA SER B 186 -14.84 13.96 34.76
C SER B 186 -15.57 15.28 34.49
N LEU B 187 -16.80 15.34 34.99
CA LEU B 187 -17.67 16.49 34.87
C LEU B 187 -17.62 17.27 36.18
N PHE B 188 -17.71 18.59 36.06
CA PHE B 188 -17.62 19.46 37.21
C PHE B 188 -18.61 20.59 37.08
N HIS B 189 -18.87 21.21 38.22
CA HIS B 189 -19.75 22.36 38.26
C HIS B 189 -19.42 23.18 39.48
N CYS B 190 -19.95 24.40 39.46
CA CYS B 190 -19.80 25.34 40.55
C CYS B 190 -20.84 26.44 40.38
N ARG B 191 -20.97 27.28 41.41
CA ARG B 191 -21.95 28.34 41.29
C ARG B 191 -21.45 29.59 41.98
N ASP B 192 -22.00 30.72 41.54
CA ASP B 192 -21.51 32.06 41.88
C ASP B 192 -22.70 32.99 42.06
N GLY B 193 -23.09 33.24 43.31
CA GLY B 193 -24.03 34.29 43.61
C GLY B 193 -25.45 34.12 43.10
N GLY B 194 -26.03 32.94 43.27
CA GLY B 194 -27.44 32.76 42.99
C GLY B 194 -28.20 32.96 44.28
N LYS B 195 -28.66 31.86 44.90
CA LYS B 195 -29.05 31.95 46.29
C LYS B 195 -27.82 32.04 47.19
N ASN B 196 -26.69 31.51 46.72
CA ASN B 196 -25.40 31.60 47.41
C ASN B 196 -24.71 32.91 47.08
N GLY B 197 -23.40 33.00 47.34
CA GLY B 197 -22.70 34.26 47.19
C GLY B 197 -21.56 34.35 46.20
N PHE B 198 -21.29 35.59 45.77
CA PHE B 198 -20.11 35.93 44.99
C PHE B 198 -18.80 35.66 45.73
N MET B 199 -18.04 34.70 45.21
CA MET B 199 -16.79 34.27 45.82
C MET B 199 -15.70 35.34 45.70
N VAL B 200 -14.71 35.29 46.60
CA VAL B 200 -13.52 36.12 46.47
C VAL B 200 -12.21 35.32 46.39
N SER B 201 -12.06 34.32 47.23
CA SER B 201 -11.06 33.27 47.07
C SER B 201 -11.56 32.18 46.14
N PRO B 202 -10.67 31.35 45.59
CA PRO B 202 -11.15 30.29 44.72
C PRO B 202 -11.74 29.14 45.51
N MET B 203 -12.78 28.59 44.92
CA MET B 203 -13.55 27.44 45.41
C MET B 203 -13.24 26.21 44.57
N LYS B 204 -13.15 25.07 45.22
CA LYS B 204 -12.85 23.86 44.47
C LYS B 204 -14.11 23.43 43.72
N PRO B 205 -13.98 22.81 42.53
CA PRO B 205 -15.16 22.45 41.74
C PRO B 205 -15.84 21.18 42.20
N LEU B 206 -17.16 21.22 42.38
CA LEU B 206 -17.87 20.02 42.78
C LEU B 206 -17.92 19.04 41.61
N GLU B 207 -17.66 17.78 41.94
CA GLU B 207 -17.55 16.67 41.01
C GLU B 207 -18.89 15.99 40.84
N ILE B 208 -19.20 15.59 39.62
CA ILE B 208 -20.45 14.91 39.35
C ILE B 208 -20.09 13.48 39.03
N LYS B 209 -20.50 12.57 39.90
CA LYS B 209 -20.15 11.18 39.73
C LYS B 209 -21.04 10.55 38.67
N THR B 210 -20.67 9.36 38.23
CA THR B 210 -21.47 8.69 37.22
C THR B 210 -21.51 7.18 37.45
N GLN B 211 -22.63 6.60 37.07
CA GLN B 211 -22.79 5.15 36.96
C GLN B 211 -22.42 4.68 35.56
N CYS B 212 -22.30 5.61 34.62
CA CYS B 212 -22.04 5.30 33.23
C CYS B 212 -20.58 4.99 33.00
N SER B 213 -20.31 4.04 32.11
CA SER B 213 -18.95 3.61 31.79
C SER B 213 -18.59 4.20 30.44
N GLY B 214 -17.64 5.12 30.43
CA GLY B 214 -17.32 5.88 29.25
C GLY B 214 -17.30 7.36 29.57
N PRO B 215 -16.78 8.18 28.68
CA PRO B 215 -16.79 9.62 28.92
C PRO B 215 -18.18 10.20 28.70
N ARG B 216 -18.39 11.36 29.32
CA ARG B 216 -19.66 12.08 29.23
C ARG B 216 -19.44 13.28 28.33
N MET B 217 -19.85 13.16 27.07
CA MET B 217 -19.62 14.23 26.12
C MET B 217 -20.72 15.28 26.25
N ASP B 218 -20.46 16.45 25.68
CA ASP B 218 -21.46 17.47 25.38
C ASP B 218 -22.39 17.86 26.54
N PRO B 219 -21.86 18.38 27.65
CA PRO B 219 -22.73 18.78 28.77
C PRO B 219 -23.47 20.09 28.54
N LYS B 220 -24.76 20.10 28.85
CA LYS B 220 -25.59 21.31 28.77
C LYS B 220 -26.55 21.38 29.95
N ILE B 221 -26.60 22.53 30.60
CA ILE B 221 -27.49 22.75 31.74
C ILE B 221 -28.90 23.03 31.23
N CYS B 222 -29.91 22.40 31.81
CA CYS B 222 -31.30 22.69 31.48
C CYS B 222 -31.67 24.13 31.83
N PRO B 223 -32.05 24.96 30.86
CA PRO B 223 -32.35 26.38 31.15
C PRO B 223 -33.55 26.55 32.06
N ALA B 224 -34.60 25.75 31.83
CA ALA B 224 -35.83 25.82 32.60
C ALA B 224 -35.64 25.37 34.06
N ASP B 225 -34.85 24.34 34.30
CA ASP B 225 -34.59 23.87 35.66
C ASP B 225 -33.09 23.65 35.88
N PRO B 226 -32.43 24.52 36.64
CA PRO B 226 -30.97 24.43 36.78
C PRO B 226 -30.46 23.19 37.50
N ALA B 227 -31.32 22.51 38.27
CA ALA B 227 -30.94 21.24 38.88
C ALA B 227 -30.65 20.15 37.87
N PHE B 228 -31.26 20.20 36.69
CA PHE B 228 -31.07 19.21 35.65
C PHE B 228 -30.06 19.63 34.60
N PHE B 229 -29.31 18.64 34.10
CA PHE B 229 -28.40 18.89 33.00
C PHE B 229 -28.43 17.65 32.14
N SER B 230 -27.69 17.66 31.05
CA SER B 230 -27.75 16.55 30.11
C SER B 230 -26.41 16.42 29.43
N PHE B 231 -26.14 15.21 28.94
CA PHE B 231 -24.86 14.97 28.29
C PHE B 231 -25.03 13.80 27.33
N ILE B 232 -24.03 13.60 26.49
CA ILE B 232 -23.98 12.42 25.64
C ILE B 232 -23.13 11.39 26.35
N ASN B 233 -23.59 10.15 26.37
CA ASN B 233 -22.81 9.00 26.80
C ASN B 233 -23.03 7.87 25.80
N ASN B 234 -21.92 7.40 25.19
CA ASN B 234 -21.85 6.33 24.18
C ASN B 234 -22.97 6.54 23.19
N SER B 235 -22.85 7.61 22.40
CA SER B 235 -23.77 8.02 21.36
C SER B 235 -25.25 7.90 21.75
N ASP B 236 -25.57 8.27 22.99
CA ASP B 236 -26.95 8.32 23.47
C ASP B 236 -27.10 9.48 24.44
N LEU B 237 -28.28 10.09 24.41
CA LEU B 237 -28.57 11.21 25.28
C LEU B 237 -28.89 10.76 26.70
N TRP B 238 -28.19 11.30 27.67
CA TRP B 238 -28.47 11.07 29.08
C TRP B 238 -28.90 12.39 29.71
N VAL B 239 -29.43 12.29 30.92
CA VAL B 239 -29.89 13.45 31.68
C VAL B 239 -29.65 13.16 33.15
N ALA B 240 -29.33 14.20 33.91
CA ALA B 240 -28.94 14.01 35.30
C ALA B 240 -29.53 15.14 36.14
N ASN B 241 -29.17 15.12 37.43
CA ASN B 241 -29.60 16.13 38.40
C ASN B 241 -28.49 16.39 39.42
N ILE B 242 -27.98 17.63 39.44
CA ILE B 242 -26.84 18.03 40.28
C ILE B 242 -27.07 17.78 41.78
N GLU B 243 -28.28 18.04 42.29
CA GLU B 243 -28.42 17.93 43.75
C GLU B 243 -28.50 16.48 44.20
N THR B 244 -29.29 15.65 43.53
CA THR B 244 -29.47 14.27 43.96
C THR B 244 -28.44 13.31 43.35
N GLY B 245 -27.82 13.67 42.23
CA GLY B 245 -26.90 12.76 41.57
C GLY B 245 -27.52 11.70 40.70
N GLU B 246 -28.85 11.63 40.63
CA GLU B 246 -29.56 10.59 39.90
C GLU B 246 -29.48 10.89 38.39
N GLU B 247 -28.97 9.92 37.64
CA GLU B 247 -28.91 9.94 36.19
C GLU B 247 -30.03 9.10 35.58
N ARG B 248 -30.19 9.25 34.26
CA ARG B 248 -31.28 8.63 33.51
C ARG B 248 -31.10 8.78 32.01
N ARG B 249 -31.06 7.65 31.32
CA ARG B 249 -30.88 7.61 29.88
C ARG B 249 -32.17 8.07 29.22
N LEU B 250 -32.07 8.68 28.04
CA LEU B 250 -33.25 9.10 27.32
C LEU B 250 -33.43 8.47 25.95
N THR B 251 -32.34 8.13 25.26
CA THR B 251 -32.45 7.44 23.97
C THR B 251 -31.92 6.02 24.10
N PHE B 252 -32.35 5.13 23.21
CA PHE B 252 -31.88 3.75 23.27
C PHE B 252 -31.66 3.19 21.88
N CYS B 253 -30.99 3.98 21.05
CA CYS B 253 -30.66 3.56 19.70
C CYS B 253 -29.23 3.06 19.58
N HIS B 254 -28.47 3.14 20.65
CA HIS B 254 -27.10 2.64 20.60
C HIS B 254 -26.95 1.59 21.68
N GLN B 255 -26.39 0.43 21.33
CA GLN B 255 -26.23 -0.64 22.34
C GLN B 255 -24.81 -1.10 22.67
N GLY B 256 -23.80 -0.56 22.00
CA GLY B 256 -22.40 -0.92 22.24
C GLY B 256 -21.93 -2.37 22.03
N LEU B 257 -22.48 -3.05 21.03
CA LEU B 257 -22.14 -4.45 20.74
C LEU B 257 -20.72 -4.83 20.28
N SER B 258 -20.19 -3.98 19.42
CA SER B 258 -18.93 -4.09 18.71
C SER B 258 -18.50 -2.68 18.30
N ASN B 259 -17.67 -2.59 17.27
CA ASN B 259 -17.34 -1.30 16.68
C ASN B 259 -18.55 -0.72 15.92
N VAL B 260 -18.35 0.45 15.32
CA VAL B 260 -19.45 1.16 14.67
C VAL B 260 -19.93 0.50 13.39
N LEU B 261 -19.22 -0.51 12.89
CA LEU B 261 -19.65 -1.21 11.68
C LEU B 261 -20.86 -2.10 11.91
N ASP B 262 -21.26 -2.34 13.15
CA ASP B 262 -22.39 -3.21 13.44
C ASP B 262 -23.42 -2.64 14.40
N ASP B 263 -23.23 -1.41 14.89
CA ASP B 263 -24.18 -0.80 15.83
C ASP B 263 -24.35 0.66 15.46
N PRO B 264 -25.14 0.95 14.43
CA PRO B 264 -24.94 2.18 13.65
C PRO B 264 -25.80 3.37 14.02
N LYS B 265 -26.73 3.25 14.96
CA LYS B 265 -27.62 4.35 15.32
C LYS B 265 -27.12 5.13 16.53
N SER B 266 -27.06 6.45 16.39
CA SER B 266 -26.58 7.35 17.42
C SER B 266 -27.67 8.39 17.69
N ALA B 267 -27.57 9.11 18.81
CA ALA B 267 -28.60 10.09 19.15
C ALA B 267 -28.10 11.24 20.02
N GLY B 268 -28.34 12.46 19.56
CA GLY B 268 -27.80 13.68 20.12
C GLY B 268 -26.37 14.00 19.75
N VAL B 269 -25.82 13.32 18.77
CA VAL B 269 -24.45 13.52 18.33
C VAL B 269 -24.52 14.12 16.94
N ALA B 270 -23.67 15.07 16.65
CA ALA B 270 -23.51 15.50 15.28
C ALA B 270 -22.38 14.69 14.68
N THR B 271 -22.68 14.03 13.57
CA THR B 271 -21.73 13.17 12.87
C THR B 271 -20.66 13.99 12.19
N PHE B 272 -19.60 13.28 11.75
CA PHE B 272 -18.40 13.81 11.10
C PHE B 272 -18.69 14.94 10.12
N VAL B 273 -19.49 14.64 9.10
CA VAL B 273 -19.73 15.57 8.01
C VAL B 273 -20.48 16.81 8.51
N ILE B 274 -21.33 16.63 9.52
CA ILE B 274 -22.00 17.78 10.14
C ILE B 274 -21.01 18.58 10.97
N GLN B 275 -20.16 17.85 11.71
CA GLN B 275 -19.14 18.45 12.57
C GLN B 275 -18.09 19.20 11.78
N GLU B 276 -17.55 18.50 10.82
CA GLU B 276 -16.54 18.99 9.92
C GLU B 276 -16.98 20.03 8.90
N GLU B 277 -18.12 19.84 8.27
CA GLU B 277 -18.57 20.74 7.22
C GLU B 277 -19.66 21.76 7.54
N PHE B 278 -20.57 21.41 8.41
CA PHE B 278 -21.67 22.27 8.80
C PHE B 278 -21.49 22.86 10.19
N ASP B 279 -20.31 22.68 10.79
CA ASP B 279 -19.83 23.34 12.02
C ASP B 279 -20.91 23.31 13.11
N ARG B 280 -21.43 22.11 13.34
CA ARG B 280 -22.27 21.82 14.49
C ARG B 280 -21.66 20.67 15.26
N PHE B 281 -21.53 20.87 16.56
CA PHE B 281 -20.79 19.94 17.41
C PHE B 281 -21.70 19.40 18.49
N THR B 282 -23.01 19.55 18.33
CA THR B 282 -24.04 18.98 19.17
C THR B 282 -25.25 18.66 18.31
N GLY B 283 -25.99 17.65 18.72
CA GLY B 283 -27.18 17.27 18.00
C GLY B 283 -28.36 17.12 18.95
N TYR B 284 -28.28 17.76 20.10
CA TYR B 284 -29.42 17.91 20.99
C TYR B 284 -29.52 19.33 21.52
N TRP B 285 -30.76 19.77 21.70
CA TRP B 285 -31.10 21.15 22.06
C TRP B 285 -32.17 21.13 23.13
N TRP B 286 -31.86 21.68 24.30
CA TRP B 286 -32.81 21.81 25.39
C TRP B 286 -33.96 22.76 25.06
N CYS B 287 -35.16 22.44 25.59
CA CYS B 287 -36.17 23.48 25.54
C CYS B 287 -35.88 24.51 26.63
N PRO B 288 -35.98 25.80 26.31
CA PRO B 288 -35.67 26.82 27.31
C PRO B 288 -36.77 27.05 28.33
N THR B 289 -37.96 26.51 28.12
CA THR B 289 -39.06 26.69 29.04
C THR B 289 -39.66 25.32 29.36
N ALA B 290 -40.39 25.29 30.46
CA ALA B 290 -40.97 24.08 31.00
C ALA B 290 -42.48 24.13 30.88
N SER B 291 -43.07 23.03 30.41
CA SER B 291 -44.52 22.94 30.35
C SER B 291 -44.97 22.09 31.52
N TRP B 292 -46.22 22.31 31.93
CA TRP B 292 -46.78 21.60 33.08
C TRP B 292 -48.06 20.90 32.65
N GLU B 293 -48.00 19.56 32.58
CA GLU B 293 -49.10 18.78 32.01
C GLU B 293 -50.35 18.82 32.89
N GLY B 294 -50.19 19.12 34.18
CA GLY B 294 -51.30 19.16 35.10
C GLY B 294 -51.92 17.81 35.39
N SER B 295 -51.11 16.75 35.47
CA SER B 295 -51.61 15.52 36.08
C SER B 295 -51.66 15.66 37.60
N GLU B 296 -50.50 15.76 38.24
CA GLU B 296 -50.45 16.13 39.66
C GLU B 296 -49.65 17.40 39.90
N GLY B 297 -48.35 17.38 39.62
CA GLY B 297 -47.51 18.56 39.72
C GLY B 297 -46.34 18.54 38.76
N LEU B 298 -46.34 17.58 37.85
CA LEU B 298 -45.10 17.18 37.18
C LEU B 298 -44.68 18.17 36.10
N LYS B 299 -43.40 18.55 36.14
CA LYS B 299 -42.81 19.58 35.30
C LYS B 299 -42.15 18.90 34.10
N THR B 300 -42.73 19.05 32.92
CA THR B 300 -42.17 18.44 31.72
C THR B 300 -40.96 19.26 31.27
N LEU B 301 -40.01 18.59 30.61
CA LEU B 301 -38.79 19.22 30.12
C LEU B 301 -38.41 18.55 28.81
N ARG B 302 -38.58 19.26 27.72
CA ARG B 302 -38.32 18.71 26.41
C ARG B 302 -36.86 18.87 25.98
N ILE B 303 -36.44 18.02 25.06
CA ILE B 303 -35.18 18.16 24.33
C ILE B 303 -35.44 17.73 22.90
N LEU B 304 -35.06 18.57 21.94
CA LEU B 304 -35.04 18.17 20.54
C LEU B 304 -33.70 17.51 20.27
N TYR B 305 -33.72 16.35 19.64
CA TYR B 305 -32.44 15.73 19.31
C TYR B 305 -32.53 15.13 17.92
N GLU B 306 -31.37 14.84 17.35
CA GLU B 306 -31.30 14.27 16.01
C GLU B 306 -30.89 12.81 16.00
N GLU B 307 -31.80 11.94 15.56
CA GLU B 307 -31.43 10.56 15.25
C GLU B 307 -30.80 10.52 13.87
N VAL B 308 -29.75 9.72 13.77
CA VAL B 308 -28.99 9.54 12.54
C VAL B 308 -28.76 8.04 12.43
N ASP B 309 -29.14 7.47 11.29
CA ASP B 309 -28.92 6.07 10.98
C ASP B 309 -27.83 5.96 9.93
N GLU B 310 -26.60 5.90 10.41
CA GLU B 310 -25.45 5.85 9.52
C GLU B 310 -25.05 4.41 9.21
N SER B 311 -26.04 3.58 8.89
CA SER B 311 -25.76 2.19 8.55
C SER B 311 -25.35 2.04 7.09
N GLU B 312 -26.01 2.77 6.19
CA GLU B 312 -25.83 2.62 4.75
C GLU B 312 -24.69 3.54 4.22
N VAL B 313 -23.78 3.93 5.10
CA VAL B 313 -22.74 4.91 4.79
C VAL B 313 -21.41 4.16 4.91
N GLU B 314 -20.49 4.46 3.99
CA GLU B 314 -19.25 3.70 3.92
C GLU B 314 -18.38 3.90 5.15
N VAL B 315 -17.84 2.78 5.62
CA VAL B 315 -16.90 2.71 6.72
C VAL B 315 -15.48 2.68 6.16
N ILE B 316 -14.60 3.49 6.73
CA ILE B 316 -13.20 3.58 6.34
C ILE B 316 -12.37 3.35 7.58
N HIS B 317 -11.25 2.69 7.43
CA HIS B 317 -10.35 2.50 8.56
C HIS B 317 -9.19 3.48 8.48
N VAL B 318 -8.95 4.17 9.59
CA VAL B 318 -7.84 5.12 9.73
C VAL B 318 -7.03 4.65 10.93
N PRO B 319 -5.69 4.62 10.84
CA PRO B 319 -4.84 4.24 11.98
C PRO B 319 -5.09 5.01 13.28
N SER B 320 -5.12 4.25 14.36
CA SER B 320 -5.30 4.79 15.70
C SER B 320 -4.04 5.51 16.18
N PRO B 321 -4.20 6.45 17.12
CA PRO B 321 -3.03 7.10 17.74
C PRO B 321 -1.98 6.17 18.35
N ALA B 322 -2.36 5.04 18.92
CA ALA B 322 -1.38 4.17 19.57
C ALA B 322 -0.81 3.23 18.52
N LEU B 323 0.28 3.67 17.88
CA LEU B 323 0.82 2.99 16.71
C LEU B 323 1.29 1.57 17.02
N GLU B 324 1.77 1.36 18.26
CA GLU B 324 2.26 0.06 18.72
C GLU B 324 1.18 -1.02 18.66
N GLU B 325 -0.05 -0.65 19.04
CA GLU B 325 -1.18 -1.56 19.12
C GLU B 325 -1.62 -2.02 17.72
N ARG B 326 -1.20 -1.27 16.68
CA ARG B 326 -1.41 -1.51 15.24
C ARG B 326 -2.84 -1.82 14.79
N LYS B 327 -3.82 -1.19 15.41
CA LYS B 327 -5.19 -1.35 14.97
C LYS B 327 -5.65 -0.01 14.44
N THR B 328 -6.77 -0.04 13.73
CA THR B 328 -7.34 1.15 13.16
C THR B 328 -8.61 1.49 13.92
N ASP B 329 -9.21 2.59 13.52
CA ASP B 329 -10.57 2.93 13.93
C ASP B 329 -11.44 3.03 12.70
N SER B 330 -12.61 2.43 12.82
CA SER B 330 -13.64 2.58 11.81
C SER B 330 -14.20 3.99 11.89
N TYR B 331 -14.53 4.54 10.73
CA TYR B 331 -15.08 5.88 10.65
C TYR B 331 -16.20 5.83 9.62
N ARG B 332 -17.39 6.26 10.04
CA ARG B 332 -18.54 6.37 9.15
C ARG B 332 -18.36 7.61 8.26
N TYR B 333 -17.52 7.45 7.25
CA TYR B 333 -17.08 8.51 6.35
C TYR B 333 -17.87 8.52 5.08
N PRO B 334 -18.83 9.44 4.89
CA PRO B 334 -19.59 9.43 3.65
C PRO B 334 -18.70 10.01 2.56
N ARG B 335 -18.36 9.18 1.59
CA ARG B 335 -17.60 9.64 0.44
C ARG B 335 -18.50 10.59 -0.34
N THR B 336 -17.89 11.43 -1.19
CA THR B 336 -18.61 12.13 -2.24
C THR B 336 -19.37 11.11 -3.09
N GLY B 337 -20.58 11.46 -3.55
CA GLY B 337 -21.35 10.49 -4.30
C GLY B 337 -22.11 9.50 -3.44
N SER B 338 -21.46 8.92 -2.44
CA SER B 338 -22.08 7.95 -1.54
C SER B 338 -23.12 8.59 -0.62
N LYS B 339 -23.80 7.75 0.13
CA LYS B 339 -24.95 8.13 0.94
C LYS B 339 -24.54 8.71 2.28
N ASN B 340 -25.22 9.78 2.67
CA ASN B 340 -25.04 10.40 3.97
C ASN B 340 -25.87 9.65 5.02
N PRO B 341 -25.73 9.95 6.31
CA PRO B 341 -26.56 9.28 7.31
C PRO B 341 -28.01 9.71 7.16
N LYS B 342 -28.90 8.80 7.51
CA LYS B 342 -30.33 9.06 7.37
C LYS B 342 -30.81 9.65 8.67
N ILE B 343 -31.24 10.91 8.60
CA ILE B 343 -31.43 11.73 9.75
C ILE B 343 -32.91 11.78 10.10
N ALA B 344 -33.21 12.29 11.29
CA ALA B 344 -34.56 12.53 11.78
C ALA B 344 -34.48 13.32 13.07
N LEU B 345 -35.49 14.14 13.31
CA LEU B 345 -35.62 14.88 14.54
C LEU B 345 -36.61 14.20 15.46
N LYS B 346 -36.37 14.31 16.75
CA LYS B 346 -37.10 13.54 17.74
C LYS B 346 -37.10 14.37 19.02
N LEU B 347 -38.17 14.23 19.77
CA LEU B 347 -38.35 14.90 21.06
C LEU B 347 -38.13 13.91 22.21
N ALA B 348 -37.15 14.15 23.05
CA ALA B 348 -36.98 13.33 24.25
C ALA B 348 -37.48 14.11 25.46
N GLU B 349 -38.66 13.72 25.95
CA GLU B 349 -39.26 14.37 27.09
C GLU B 349 -39.07 13.54 28.34
N PHE B 350 -39.29 14.20 29.48
CA PHE B 350 -39.42 13.56 30.76
C PHE B 350 -40.08 14.57 31.69
N GLN B 351 -40.52 14.10 32.84
CA GLN B 351 -41.22 14.94 33.79
C GLN B 351 -40.57 14.78 35.14
N THR B 352 -40.86 15.70 36.06
CA THR B 352 -40.17 15.66 37.34
C THR B 352 -41.10 16.12 38.45
N ASP B 353 -40.94 15.49 39.61
CA ASP B 353 -41.56 15.93 40.84
C ASP B 353 -40.89 17.22 41.33
N SER B 354 -41.62 18.01 42.14
CA SER B 354 -41.03 19.18 42.80
C SER B 354 -39.82 18.91 43.69
N GLN B 355 -39.66 17.71 44.24
CA GLN B 355 -38.38 17.40 44.88
C GLN B 355 -37.27 17.13 43.87
N GLY B 356 -37.63 16.85 42.61
CA GLY B 356 -36.64 16.76 41.54
C GLY B 356 -36.11 15.38 41.24
N LYS B 357 -37.03 14.48 40.88
CA LYS B 357 -36.70 13.11 40.48
C LYS B 357 -37.36 12.87 39.13
N ILE B 358 -36.61 12.25 38.21
CA ILE B 358 -37.12 11.97 36.87
C ILE B 358 -38.08 10.80 36.91
N VAL B 359 -39.35 11.08 37.17
CA VAL B 359 -40.38 10.04 37.32
C VAL B 359 -40.58 9.35 35.96
N SER B 360 -41.14 10.03 34.97
CA SER B 360 -41.44 9.43 33.69
C SER B 360 -40.33 9.78 32.71
N THR B 361 -40.37 9.16 31.54
CA THR B 361 -39.52 9.50 30.42
C THR B 361 -40.30 9.11 29.17
N GLN B 362 -39.88 9.61 27.99
CA GLN B 362 -40.57 9.32 26.74
C GLN B 362 -39.80 9.79 25.51
N GLU B 363 -39.49 8.84 24.63
CA GLU B 363 -39.02 9.17 23.29
C GLU B 363 -40.24 9.56 22.49
N LYS B 364 -40.13 10.61 21.68
CA LYS B 364 -41.21 11.01 20.82
C LYS B 364 -40.68 11.23 19.41
N GLU B 365 -41.56 11.03 18.42
CA GLU B 365 -41.19 11.08 17.02
C GLU B 365 -42.32 11.70 16.21
N LEU B 366 -41.98 12.22 15.03
CA LEU B 366 -42.93 12.95 14.19
C LEU B 366 -44.03 12.04 13.66
N VAL B 367 -45.22 12.61 13.43
CA VAL B 367 -46.42 11.83 13.09
C VAL B 367 -46.30 11.11 11.75
N GLN B 368 -45.61 11.70 10.79
CA GLN B 368 -45.07 10.98 9.65
C GLN B 368 -43.57 10.89 9.81
N PRO B 369 -42.89 9.95 9.09
CA PRO B 369 -41.42 9.93 9.10
C PRO B 369 -40.79 11.27 8.73
N PHE B 370 -39.54 11.47 9.12
CA PHE B 370 -38.85 12.69 8.75
C PHE B 370 -38.56 12.72 7.25
N SER B 371 -38.08 11.61 6.70
CA SER B 371 -37.78 11.51 5.28
C SER B 371 -39.01 11.74 4.40
N SER B 372 -40.21 11.40 4.91
CA SER B 372 -41.44 11.57 4.15
C SER B 372 -42.09 12.94 4.35
N LEU B 373 -42.07 13.45 5.58
CA LEU B 373 -42.53 14.82 5.83
C LEU B 373 -41.63 15.85 5.19
N PHE B 374 -40.34 15.56 5.09
CA PHE B 374 -39.34 16.51 4.60
C PHE B 374 -38.45 15.81 3.56
N PRO B 375 -39.00 15.42 2.41
CA PRO B 375 -38.13 14.90 1.35
C PRO B 375 -37.16 15.95 0.85
N LYS B 376 -36.07 15.46 0.24
CA LYS B 376 -34.92 16.23 -0.25
C LYS B 376 -34.15 16.94 0.86
N VAL B 377 -34.35 16.53 2.12
CA VAL B 377 -33.64 17.11 3.25
C VAL B 377 -32.49 16.20 3.66
N GLU B 378 -31.29 16.54 3.17
CA GLU B 378 -30.12 15.72 3.40
C GLU B 378 -29.49 15.99 4.76
N TYR B 379 -29.36 17.25 5.14
CA TYR B 379 -28.65 17.65 6.33
C TYR B 379 -29.47 18.63 7.16
N ILE B 380 -29.43 18.41 8.47
CA ILE B 380 -29.90 19.36 9.46
C ILE B 380 -28.69 20.21 9.81
N ALA B 381 -28.60 21.39 9.18
CA ALA B 381 -27.51 22.32 9.47
C ALA B 381 -27.49 22.73 10.93
N ARG B 382 -28.58 23.29 11.42
CA ARG B 382 -28.71 23.79 12.78
C ARG B 382 -30.12 23.49 13.24
N ALA B 383 -30.34 23.62 14.54
CA ALA B 383 -31.68 23.45 15.11
C ALA B 383 -31.65 24.05 16.51
N GLY B 384 -32.84 24.25 17.06
CA GLY B 384 -32.98 24.73 18.41
C GLY B 384 -34.43 24.95 18.75
N TRP B 385 -34.68 25.93 19.61
CA TRP B 385 -36.04 26.26 20.03
C TRP B 385 -36.19 27.76 20.08
N THR B 386 -37.41 28.23 19.91
CA THR B 386 -37.70 29.62 20.20
C THR B 386 -37.66 29.83 21.71
N ARG B 387 -37.39 31.08 22.12
CA ARG B 387 -37.07 31.38 23.52
C ARG B 387 -38.26 31.10 24.44
N ASP B 388 -39.46 31.45 24.00
CA ASP B 388 -40.66 31.16 24.78
C ASP B 388 -40.95 29.67 24.85
N GLY B 389 -40.46 28.88 23.89
CA GLY B 389 -40.61 27.44 23.90
C GLY B 389 -41.65 26.85 22.96
N LYS B 390 -42.42 27.67 22.26
CA LYS B 390 -43.55 27.18 21.47
C LYS B 390 -43.13 26.24 20.34
N TYR B 391 -42.15 26.66 19.53
CA TYR B 391 -41.71 25.87 18.39
C TYR B 391 -40.22 25.54 18.46
N ALA B 392 -39.86 24.37 17.94
CA ALA B 392 -38.46 23.97 17.75
C ALA B 392 -38.06 24.20 16.31
N TRP B 393 -37.10 25.08 16.07
CA TRP B 393 -36.72 25.38 14.70
C TRP B 393 -35.60 24.46 14.23
N ALA B 394 -35.43 24.40 12.89
CA ALA B 394 -34.40 23.58 12.26
C ALA B 394 -34.12 24.10 10.86
N MET B 395 -32.82 24.20 10.52
CA MET B 395 -32.35 24.52 9.18
C MET B 395 -32.15 23.22 8.40
N PHE B 396 -32.94 23.03 7.34
CA PHE B 396 -32.74 21.88 6.47
C PHE B 396 -31.94 22.26 5.23
N LEU B 397 -31.45 21.24 4.52
CA LEU B 397 -30.58 21.41 3.36
C LEU B 397 -30.68 20.21 2.43
N ASP B 398 -30.57 20.48 1.13
CA ASP B 398 -30.56 19.47 0.08
C ASP B 398 -29.17 19.02 -0.37
N ARG B 399 -29.13 17.86 -1.06
CA ARG B 399 -27.88 17.24 -1.48
C ARG B 399 -26.97 18.11 -2.36
N PRO B 400 -27.48 18.92 -3.31
CA PRO B 400 -26.58 19.91 -3.92
C PRO B 400 -26.10 20.98 -2.97
N GLN B 401 -26.85 21.25 -1.90
CA GLN B 401 -26.63 22.35 -0.95
C GLN B 401 -26.77 23.66 -1.69
N GLN B 402 -27.98 23.87 -2.19
CA GLN B 402 -28.40 25.09 -2.86
C GLN B 402 -29.84 25.39 -2.49
N TRP B 403 -30.30 24.81 -1.38
CA TRP B 403 -31.70 24.82 -0.97
C TRP B 403 -31.69 24.59 0.54
N LEU B 404 -31.88 25.68 1.28
CA LEU B 404 -31.93 25.77 2.73
C LEU B 404 -33.31 26.20 3.16
N GLN B 405 -33.86 25.57 4.19
CA GLN B 405 -35.12 26.12 4.66
C GLN B 405 -35.33 25.95 6.14
N LEU B 406 -35.83 27.01 6.74
CA LEU B 406 -36.10 27.07 8.16
C LEU B 406 -37.45 26.43 8.37
N VAL B 407 -37.58 25.63 9.42
CA VAL B 407 -38.85 24.96 9.71
C VAL B 407 -39.08 25.08 11.20
N LEU B 408 -40.34 25.25 11.58
CA LEU B 408 -40.78 25.20 12.97
C LEU B 408 -41.49 23.88 13.20
N LEU B 409 -41.08 23.17 14.24
CA LEU B 409 -41.67 21.90 14.65
C LEU B 409 -42.30 22.04 16.02
N PRO B 410 -43.61 22.24 16.08
CA PRO B 410 -44.29 22.31 17.37
C PRO B 410 -44.32 20.96 18.04
N PRO B 411 -44.02 20.89 19.35
CA PRO B 411 -43.95 19.61 20.08
C PRO B 411 -45.17 18.68 19.97
N ALA B 412 -46.38 19.22 19.73
CA ALA B 412 -47.53 18.35 19.50
C ALA B 412 -47.45 17.64 18.17
N LEU B 413 -46.66 18.15 17.24
CA LEU B 413 -46.33 17.46 16.01
C LEU B 413 -45.58 16.15 16.28
N PHE B 414 -44.92 16.03 17.44
CA PHE B 414 -44.21 14.81 17.81
C PHE B 414 -45.12 13.96 18.69
N ILE B 415 -45.60 12.83 18.15
CA ILE B 415 -46.28 11.83 18.96
C ILE B 415 -45.27 10.97 19.70
N PRO B 416 -45.64 10.23 20.74
CA PRO B 416 -44.76 9.19 21.27
C PRO B 416 -44.44 8.13 20.22
N SER B 417 -43.55 7.21 20.56
CA SER B 417 -43.14 6.18 19.62
C SER B 417 -43.52 4.85 20.25
N THR B 418 -44.06 3.94 19.44
CA THR B 418 -44.30 2.55 19.78
C THR B 418 -44.20 1.67 18.55
N GLU B 419 -43.93 0.39 18.80
CA GLU B 419 -43.90 -0.61 17.75
C GLU B 419 -45.32 -0.92 17.26
N ASN B 420 -46.32 -0.67 18.11
CA ASN B 420 -47.71 -0.91 17.76
C ASN B 420 -48.23 0.17 16.83
N GLU B 421 -48.53 -0.23 15.59
CA GLU B 421 -49.09 0.69 14.60
C GLU B 421 -50.50 1.16 14.95
N GLU B 422 -51.15 0.54 15.94
CA GLU B 422 -52.46 1.06 16.32
C GLU B 422 -52.34 2.17 17.34
N GLN B 423 -51.42 2.03 18.31
CA GLN B 423 -51.05 3.16 19.16
C GLN B 423 -50.56 4.35 18.33
N ARG B 424 -49.82 4.08 17.25
CA ARG B 424 -49.32 5.14 16.38
C ARG B 424 -50.47 5.87 15.71
N LEU B 425 -51.40 5.12 15.09
CA LEU B 425 -52.58 5.74 14.50
C LEU B 425 -53.40 6.48 15.54
N ALA B 426 -53.55 5.89 16.74
CA ALA B 426 -54.31 6.45 17.85
C ALA B 426 -53.84 7.85 18.20
N SER B 427 -52.53 8.03 18.36
CA SER B 427 -52.06 9.38 18.66
C SER B 427 -51.90 10.24 17.41
N ALA B 428 -51.85 9.64 16.22
CA ALA B 428 -52.01 10.43 14.99
C ALA B 428 -53.40 11.05 14.88
N ARG B 429 -54.45 10.33 15.29
CA ARG B 429 -55.77 10.97 15.43
C ARG B 429 -55.75 12.00 16.54
N ALA B 430 -55.04 11.71 17.64
CA ALA B 430 -55.01 12.62 18.78
C ALA B 430 -54.36 13.95 18.45
N VAL B 431 -53.51 14.02 17.43
CA VAL B 431 -52.84 15.30 17.14
C VAL B 431 -53.84 16.27 16.52
N PRO B 432 -53.93 17.50 17.05
CA PRO B 432 -54.79 18.56 16.49
C PRO B 432 -54.64 18.75 14.99
N ARG B 433 -55.76 18.69 14.27
CA ARG B 433 -55.74 18.89 12.82
C ARG B 433 -55.11 20.21 12.37
N ASN B 434 -55.29 21.30 13.13
CA ASN B 434 -54.68 22.58 12.76
C ASN B 434 -53.15 22.57 12.81
N VAL B 435 -52.56 22.18 13.97
CA VAL B 435 -51.11 22.12 14.15
C VAL B 435 -50.44 21.36 12.99
N GLN B 436 -49.28 21.90 12.52
CA GLN B 436 -48.38 21.33 11.53
C GLN B 436 -47.00 22.02 11.53
N PRO B 437 -46.03 21.67 10.67
CA PRO B 437 -44.83 22.51 10.54
C PRO B 437 -44.89 23.68 9.59
N TYR B 438 -44.37 24.81 10.04
CA TYR B 438 -44.38 26.03 9.25
C TYR B 438 -42.99 26.33 8.71
N VAL B 439 -42.81 26.12 7.41
CA VAL B 439 -41.59 26.54 6.72
C VAL B 439 -41.60 28.06 6.59
N VAL B 440 -40.82 28.74 7.44
CA VAL B 440 -40.91 30.20 7.50
C VAL B 440 -40.09 30.83 6.38
N TYR B 441 -38.90 30.30 6.10
CA TYR B 441 -37.95 30.90 5.19
C TYR B 441 -37.34 29.82 4.32
N GLU B 442 -37.12 30.13 3.05
CA GLU B 442 -36.61 29.16 2.08
C GLU B 442 -35.59 29.85 1.17
N GLU B 443 -34.31 29.70 1.51
CA GLU B 443 -33.23 30.22 0.71
C GLU B 443 -32.92 29.25 -0.42
N VAL B 444 -32.91 29.76 -1.64
CA VAL B 444 -32.58 28.95 -2.82
C VAL B 444 -31.50 29.72 -3.56
N THR B 445 -30.57 29.00 -4.17
CA THR B 445 -29.45 29.65 -4.82
C THR B 445 -28.88 28.79 -5.94
N ASN B 446 -28.29 29.47 -6.92
CA ASN B 446 -27.64 28.79 -8.02
C ASN B 446 -26.16 28.55 -7.77
N VAL B 447 -25.62 29.06 -6.66
CA VAL B 447 -24.21 28.86 -6.31
C VAL B 447 -24.10 27.78 -5.23
N TRP B 448 -24.33 28.14 -3.96
CA TRP B 448 -24.40 27.20 -2.84
C TRP B 448 -24.86 27.94 -1.60
N ILE B 449 -25.46 27.19 -0.69
CA ILE B 449 -25.86 27.71 0.61
C ILE B 449 -24.65 27.63 1.53
N ASN B 450 -24.24 28.76 2.08
CA ASN B 450 -23.42 28.74 3.28
C ASN B 450 -24.38 28.69 4.46
N VAL B 451 -24.11 27.78 5.39
CA VAL B 451 -24.91 27.74 6.62
C VAL B 451 -24.55 28.95 7.46
N HIS B 452 -25.49 29.87 7.64
CA HIS B 452 -25.29 30.96 8.58
C HIS B 452 -26.11 30.71 9.83
N ASP B 453 -25.45 30.60 10.98
CA ASP B 453 -26.21 30.29 12.20
C ASP B 453 -26.85 31.54 12.80
N ILE B 454 -27.47 32.41 12.00
CA ILE B 454 -28.12 33.61 12.52
C ILE B 454 -29.58 33.51 12.14
N PHE B 455 -30.41 33.33 13.17
CA PHE B 455 -31.86 33.19 13.13
C PHE B 455 -32.39 33.55 14.51
N TYR B 456 -32.80 34.80 14.68
CA TYR B 456 -33.22 35.28 15.98
C TYR B 456 -34.74 35.46 15.94
N PRO B 457 -35.50 34.59 16.58
CA PRO B 457 -36.95 34.78 16.61
C PRO B 457 -37.38 35.61 17.81
N PHE B 458 -38.47 36.34 17.65
CA PHE B 458 -38.88 37.21 18.73
C PHE B 458 -40.02 36.55 19.50
N PRO B 459 -40.46 37.14 20.61
CA PRO B 459 -41.77 36.76 21.15
C PRO B 459 -42.97 37.05 20.27
N GLN B 460 -43.88 36.09 20.32
CA GLN B 460 -45.07 35.99 19.49
C GLN B 460 -46.32 36.23 20.35
N SER B 461 -46.14 36.97 21.45
CA SER B 461 -47.23 37.21 22.39
C SER B 461 -48.33 38.06 21.77
N GLU B 462 -47.97 39.00 20.91
CA GLU B 462 -48.95 39.82 20.22
C GLU B 462 -49.38 39.14 18.93
N GLY B 463 -50.68 38.91 18.79
CA GLY B 463 -51.23 38.36 17.57
C GLY B 463 -51.26 36.86 17.44
N GLU B 464 -50.18 36.18 17.84
CA GLU B 464 -49.89 34.73 17.86
C GLU B 464 -50.08 34.03 16.51
N ASP B 465 -50.41 34.72 15.43
CA ASP B 465 -50.63 34.14 14.12
C ASP B 465 -49.62 34.64 13.09
N GLU B 466 -48.39 34.90 13.52
CA GLU B 466 -47.31 35.33 12.67
C GLU B 466 -46.01 34.96 13.37
N LEU B 467 -44.88 35.10 12.67
CA LEU B 467 -43.60 35.01 13.34
C LEU B 467 -42.63 36.02 12.76
N CYS B 468 -41.99 36.76 13.65
CA CYS B 468 -41.02 37.77 13.30
C CYS B 468 -39.67 37.29 13.78
N PHE B 469 -38.71 37.25 12.85
CA PHE B 469 -37.37 36.81 13.17
C PHE B 469 -36.36 37.65 12.43
N LEU B 470 -35.10 37.49 12.83
CA LEU B 470 -33.96 38.02 12.15
C LEU B 470 -33.29 36.86 11.43
N ARG B 471 -32.72 37.13 10.28
CA ARG B 471 -32.14 36.07 9.49
C ARG B 471 -31.02 36.54 8.59
N ALA B 472 -29.88 35.84 8.66
CA ALA B 472 -28.79 36.14 7.74
C ALA B 472 -29.15 35.53 6.38
N ASN B 473 -29.03 36.31 5.31
CA ASN B 473 -29.38 35.82 3.98
C ASN B 473 -28.38 36.34 2.96
N GLU B 474 -27.49 35.45 2.51
CA GLU B 474 -26.49 35.74 1.49
C GLU B 474 -27.00 35.56 0.06
N CYS B 475 -27.96 34.67 -0.16
CA CYS B 475 -28.45 34.34 -1.50
C CYS B 475 -29.19 35.46 -2.22
N LYS B 476 -29.86 36.38 -1.50
CA LYS B 476 -30.58 37.47 -2.16
C LYS B 476 -29.66 38.38 -2.98
N THR B 477 -28.76 39.09 -2.32
CA THR B 477 -27.90 40.03 -3.03
C THR B 477 -26.53 39.49 -3.38
N GLY B 478 -26.09 38.39 -2.79
CA GLY B 478 -24.74 37.91 -2.95
C GLY B 478 -23.89 38.08 -1.72
N PHE B 479 -24.28 38.98 -0.82
CA PHE B 479 -23.56 39.18 0.43
C PHE B 479 -24.46 38.89 1.61
N CYS B 480 -23.90 38.21 2.61
CA CYS B 480 -24.58 37.87 3.86
C CYS B 480 -25.04 39.13 4.59
N HIS B 481 -26.34 39.38 4.60
CA HIS B 481 -26.93 40.54 5.24
C HIS B 481 -28.05 40.14 6.17
N LEU B 482 -28.20 40.91 7.24
CA LEU B 482 -29.31 40.64 8.16
C LEU B 482 -30.62 41.13 7.57
N TYR B 483 -31.69 40.45 7.96
CA TYR B 483 -33.02 40.86 7.57
C TYR B 483 -33.93 40.68 8.77
N LYS B 484 -34.96 41.49 8.84
CA LYS B 484 -36.11 41.21 9.67
C LYS B 484 -37.17 40.66 8.73
N VAL B 485 -37.65 39.46 9.04
CA VAL B 485 -38.62 38.76 8.21
C VAL B 485 -39.82 38.43 9.09
N THR B 486 -40.98 38.77 8.60
CA THR B 486 -42.26 38.47 9.24
C THR B 486 -42.97 37.53 8.29
N ALA B 487 -43.12 36.28 8.72
CA ALA B 487 -43.89 35.27 8.02
C ALA B 487 -45.25 35.13 8.68
N VAL B 488 -46.14 34.42 8.00
CA VAL B 488 -47.54 34.26 8.43
C VAL B 488 -47.81 32.77 8.56
N LEU B 489 -47.96 32.34 9.81
CA LEU B 489 -48.22 30.95 10.15
C LEU B 489 -49.73 30.77 10.17
N LYS B 490 -50.28 30.45 9.00
CA LYS B 490 -51.69 30.08 8.87
C LYS B 490 -51.77 28.59 8.55
N SER B 491 -52.47 27.86 9.42
CA SER B 491 -52.57 26.42 9.30
C SER B 491 -53.49 25.97 8.18
N GLN B 492 -53.04 25.00 7.39
CA GLN B 492 -53.82 24.51 6.27
C GLN B 492 -54.77 23.38 6.69
N GLY B 493 -54.51 22.74 7.83
CA GLY B 493 -55.34 21.66 8.32
C GLY B 493 -54.92 20.33 7.72
N TYR B 494 -54.22 19.50 8.50
CA TYR B 494 -53.64 18.27 7.99
C TYR B 494 -54.19 17.04 8.70
N ASP B 495 -54.57 16.03 7.91
CA ASP B 495 -55.00 14.74 8.43
C ASP B 495 -53.74 13.93 8.67
N TRP B 496 -53.24 13.94 9.90
CA TRP B 496 -51.93 13.35 10.15
C TRP B 496 -51.96 11.85 10.37
N SER B 497 -53.13 11.21 10.38
CA SER B 497 -53.14 9.76 10.44
C SER B 497 -52.81 9.12 9.09
N GLU B 498 -53.50 9.54 8.04
CA GLU B 498 -53.16 9.11 6.69
C GLU B 498 -51.85 9.80 6.27
N PRO B 499 -51.07 9.20 5.36
CA PRO B 499 -49.86 9.87 4.86
C PRO B 499 -50.06 10.74 3.63
N PHE B 500 -49.00 11.46 3.25
CA PHE B 500 -49.01 12.21 2.00
C PHE B 500 -47.59 12.63 1.64
N SER B 501 -47.43 13.05 0.38
CA SER B 501 -46.15 13.65 0.07
C SER B 501 -46.33 15.16 -0.01
N PRO B 502 -45.42 15.91 0.59
CA PRO B 502 -45.33 17.35 0.33
C PRO B 502 -45.06 17.69 -1.13
N GLY B 503 -45.63 18.82 -1.56
CA GLY B 503 -45.20 19.46 -2.77
C GLY B 503 -43.98 20.34 -2.53
N GLU B 504 -43.58 21.04 -3.59
CA GLU B 504 -42.39 21.88 -3.49
C GLU B 504 -42.64 23.15 -2.67
N ASP B 505 -43.89 23.55 -2.50
CA ASP B 505 -44.28 24.71 -1.70
C ASP B 505 -45.37 24.32 -0.71
N GLU B 506 -45.19 23.17 -0.07
CA GLU B 506 -46.23 22.55 0.74
C GLU B 506 -46.45 23.30 2.04
N PHE B 507 -45.45 23.28 2.92
CA PHE B 507 -45.51 23.94 4.21
C PHE B 507 -44.93 25.36 4.17
N LYS B 508 -44.55 25.85 2.99
CA LYS B 508 -43.95 27.17 2.87
C LYS B 508 -44.96 28.28 3.16
N CYS B 509 -44.72 29.04 4.23
CA CYS B 509 -45.54 30.17 4.63
C CYS B 509 -45.28 31.37 3.73
N PRO B 510 -46.30 32.20 3.49
CA PRO B 510 -46.04 33.47 2.81
C PRO B 510 -45.45 34.49 3.78
N ILE B 511 -44.56 35.31 3.26
CA ILE B 511 -43.87 36.30 4.10
C ILE B 511 -44.68 37.59 4.15
N LYS B 512 -44.89 38.11 5.35
CA LYS B 512 -45.47 39.44 5.49
C LYS B 512 -44.47 40.49 4.97
N GLU B 513 -43.25 40.49 5.51
CA GLU B 513 -42.26 41.45 5.00
C GLU B 513 -40.87 40.87 5.21
N GLU B 514 -39.91 41.41 4.43
CA GLU B 514 -38.51 41.00 4.48
C GLU B 514 -37.66 42.27 4.36
N ILE B 515 -37.74 43.13 5.37
CA ILE B 515 -36.89 44.33 5.41
C ILE B 515 -35.42 43.95 5.57
N ALA B 516 -34.56 44.60 4.79
CA ALA B 516 -33.12 44.41 4.84
C ALA B 516 -32.49 45.43 5.77
N LEU B 517 -31.95 44.96 6.89
CA LEU B 517 -31.35 45.90 7.82
C LEU B 517 -29.96 46.33 7.42
N THR B 518 -29.29 45.56 6.57
CA THR B 518 -28.00 45.93 6.01
C THR B 518 -27.99 45.57 4.53
N SER B 519 -27.18 46.30 3.76
CA SER B 519 -27.04 46.09 2.33
C SER B 519 -25.77 46.79 1.87
N GLY B 520 -25.14 46.21 0.86
CA GLY B 520 -23.91 46.74 0.32
C GLY B 520 -23.04 45.64 -0.24
N GLU B 521 -21.78 46.00 -0.53
CA GLU B 521 -20.78 45.10 -1.07
C GLU B 521 -19.87 44.53 0.02
N TRP B 522 -20.46 44.17 1.14
CA TRP B 522 -19.76 43.72 2.33
C TRP B 522 -20.74 42.80 3.03
N GLU B 523 -20.28 42.04 4.02
CA GLU B 523 -21.18 41.04 4.57
C GLU B 523 -21.15 41.05 6.10
N VAL B 524 -22.21 40.48 6.64
CA VAL B 524 -22.40 40.31 8.08
C VAL B 524 -21.83 38.96 8.45
N LEU B 525 -20.97 38.94 9.45
CA LEU B 525 -20.28 37.71 9.82
C LEU B 525 -21.24 36.77 10.50
N ALA B 526 -21.40 35.61 9.94
CA ALA B 526 -22.40 34.69 10.43
C ALA B 526 -21.84 33.30 10.63
N ARG B 527 -21.01 32.81 9.72
CA ARG B 527 -20.30 31.56 9.91
C ARG B 527 -19.21 31.71 10.97
N HIS B 528 -18.50 30.60 11.23
CA HIS B 528 -17.29 30.56 12.06
C HIS B 528 -17.54 30.98 13.50
N GLY B 529 -18.75 30.68 13.99
CA GLY B 529 -19.20 31.02 15.33
C GLY B 529 -19.34 32.50 15.62
N SER B 530 -19.51 33.32 14.60
CA SER B 530 -19.96 34.69 14.80
C SER B 530 -21.44 34.67 15.18
N LYS B 531 -21.93 35.78 15.75
CA LYS B 531 -23.32 35.85 16.15
C LYS B 531 -23.75 37.29 16.34
N ILE B 532 -25.07 37.46 16.42
CA ILE B 532 -25.73 38.73 16.70
C ILE B 532 -26.21 38.76 18.14
N TRP B 533 -26.29 39.97 18.69
CA TRP B 533 -26.80 40.22 20.03
C TRP B 533 -27.96 41.20 19.89
N VAL B 534 -29.16 40.77 20.28
CA VAL B 534 -30.38 41.51 19.99
C VAL B 534 -30.93 42.04 21.31
N ASN B 535 -30.73 43.34 21.55
CA ASN B 535 -31.40 44.03 22.64
C ASN B 535 -32.84 44.33 22.21
N GLU B 536 -33.80 43.63 22.84
CA GLU B 536 -35.21 43.84 22.52
C GLU B 536 -35.84 45.03 23.25
N GLU B 537 -35.18 45.57 24.26
CA GLU B 537 -35.67 46.78 24.91
C GLU B 537 -35.36 48.00 24.05
N THR B 538 -34.14 48.09 23.54
CA THR B 538 -33.75 49.22 22.71
C THR B 538 -34.06 48.95 21.25
N LYS B 539 -34.47 47.73 20.91
CA LYS B 539 -34.76 47.27 19.55
C LYS B 539 -33.53 47.28 18.66
N LEU B 540 -32.35 47.11 19.23
CA LEU B 540 -31.12 47.15 18.45
C LEU B 540 -30.55 45.75 18.28
N VAL B 541 -29.87 45.55 17.16
CA VAL B 541 -29.14 44.32 16.89
C VAL B 541 -27.68 44.67 16.61
N TYR B 542 -26.81 44.14 17.44
CA TYR B 542 -25.37 44.28 17.35
C TYR B 542 -24.84 43.09 16.57
N PHE B 543 -24.10 43.36 15.50
CA PHE B 543 -23.55 42.30 14.67
C PHE B 543 -22.10 42.63 14.36
N GLN B 544 -21.39 41.69 13.77
CA GLN B 544 -20.05 41.95 13.27
C GLN B 544 -20.08 41.94 11.74
N GLY B 545 -19.18 42.68 11.13
CA GLY B 545 -19.19 42.73 9.69
C GLY B 545 -17.90 43.26 9.09
N THR B 546 -17.89 43.28 7.76
CA THR B 546 -16.79 43.75 6.93
C THR B 546 -17.10 45.07 6.22
N LYS B 547 -17.94 45.92 6.82
CA LYS B 547 -18.49 47.08 6.11
C LYS B 547 -17.43 48.12 5.78
N ASP B 548 -16.51 48.39 6.70
CA ASP B 548 -15.42 49.32 6.40
C ASP B 548 -14.48 48.75 5.34
N THR B 549 -14.16 47.46 5.44
CA THR B 549 -13.19 46.77 4.60
C THR B 549 -13.33 45.27 4.84
N PRO B 550 -13.06 44.43 3.85
CA PRO B 550 -13.01 42.97 4.10
C PRO B 550 -11.86 42.52 4.99
N LEU B 551 -10.85 43.35 5.21
CA LEU B 551 -9.68 43.00 6.01
C LEU B 551 -9.87 43.21 7.51
N GLU B 552 -11.02 43.68 7.98
CA GLU B 552 -11.20 44.09 9.37
C GLU B 552 -12.62 43.78 9.80
N HIS B 553 -12.73 42.90 10.78
CA HIS B 553 -13.99 42.57 11.45
C HIS B 553 -14.36 43.66 12.44
N HIS B 554 -15.40 44.43 12.13
CA HIS B 554 -15.83 45.49 13.04
C HIS B 554 -17.21 45.19 13.61
N LEU B 555 -17.42 45.59 14.85
CA LEU B 555 -18.71 45.52 15.50
C LEU B 555 -19.58 46.68 15.04
N TYR B 556 -20.74 46.37 14.46
CA TYR B 556 -21.71 47.37 14.04
C TYR B 556 -23.00 47.18 14.84
N VAL B 557 -23.79 48.24 14.91
CA VAL B 557 -25.15 48.18 15.46
C VAL B 557 -26.14 48.86 14.52
N VAL B 558 -27.37 48.33 14.50
CA VAL B 558 -28.47 48.88 13.71
C VAL B 558 -29.76 48.61 14.48
N SER B 559 -30.80 49.38 14.17
CA SER B 559 -32.13 49.08 14.69
C SER B 559 -32.81 48.11 13.75
N TYR B 560 -33.50 47.12 14.32
CA TYR B 560 -34.32 46.26 13.46
C TYR B 560 -35.68 46.84 13.14
N GLU B 561 -36.16 47.82 13.91
CA GLU B 561 -37.42 48.47 13.54
C GLU B 561 -37.24 49.40 12.34
N ALA B 562 -36.39 50.41 12.46
CA ALA B 562 -36.16 51.36 11.39
C ALA B 562 -34.70 51.22 10.98
N ALA B 563 -34.44 50.51 9.89
CA ALA B 563 -33.06 50.40 9.43
C ALA B 563 -32.63 51.72 8.81
N GLY B 564 -32.04 52.59 9.62
CA GLY B 564 -31.47 53.83 9.18
C GLY B 564 -30.01 53.67 8.80
N GLU B 565 -29.14 53.82 9.79
CA GLU B 565 -27.71 53.93 9.56
C GLU B 565 -27.03 52.84 10.38
N ILE B 566 -25.88 52.41 9.87
CA ILE B 566 -25.04 51.40 10.52
C ILE B 566 -23.99 52.13 11.35
N VAL B 567 -24.07 52.01 12.68
CA VAL B 567 -23.08 52.65 13.55
C VAL B 567 -22.01 51.65 13.91
N ARG B 568 -20.76 51.96 13.57
CA ARG B 568 -19.62 51.18 14.04
C ARG B 568 -19.25 51.51 15.48
N LEU B 569 -18.91 50.49 16.25
CA LEU B 569 -18.55 50.66 17.66
C LEU B 569 -17.07 50.39 17.91
N THR B 570 -16.40 49.66 17.05
CA THR B 570 -14.99 49.36 17.25
C THR B 570 -14.10 50.38 16.55
N THR B 571 -12.88 50.49 17.04
CA THR B 571 -11.90 51.40 16.45
C THR B 571 -11.50 50.88 15.08
N PRO B 572 -11.37 51.75 14.09
CA PRO B 572 -10.86 51.29 12.79
C PRO B 572 -9.37 51.04 12.82
N GLY B 573 -8.89 50.43 11.75
CA GLY B 573 -7.49 50.09 11.64
C GLY B 573 -7.11 48.82 12.37
N PHE B 574 -8.08 48.10 12.93
CA PHE B 574 -7.86 46.80 13.54
C PHE B 574 -9.00 45.88 13.16
N SER B 575 -8.87 44.61 13.52
CA SER B 575 -9.93 43.62 13.37
C SER B 575 -10.26 43.05 14.74
N HIS B 576 -11.56 42.87 14.98
CA HIS B 576 -12.12 42.72 16.31
C HIS B 576 -12.96 41.46 16.40
N SER B 577 -12.81 40.74 17.50
CA SER B 577 -13.70 39.65 17.87
C SER B 577 -14.41 40.12 19.12
N CYS B 578 -15.73 40.27 19.05
CA CYS B 578 -16.43 40.99 20.11
C CYS B 578 -17.43 40.08 20.79
N SER B 579 -17.89 40.53 21.96
CA SER B 579 -18.87 39.77 22.73
C SER B 579 -19.57 40.67 23.74
N MET B 580 -20.89 40.74 23.63
CA MET B 580 -21.75 41.64 24.41
C MET B 580 -22.16 41.05 25.74
N SER B 581 -22.42 41.95 26.68
CA SER B 581 -23.16 41.61 27.88
C SER B 581 -24.60 41.29 27.52
N GLN B 582 -25.22 40.39 28.29
CA GLN B 582 -26.66 40.17 28.13
C GLN B 582 -27.46 41.41 28.49
N ASN B 583 -26.90 42.30 29.32
CA ASN B 583 -27.50 43.59 29.64
C ASN B 583 -27.16 44.68 28.63
N PHE B 584 -26.38 44.35 27.59
CA PHE B 584 -26.01 45.25 26.48
C PHE B 584 -25.40 46.59 26.90
N ASP B 585 -24.72 46.63 28.05
CA ASP B 585 -24.09 47.85 28.51
C ASP B 585 -22.58 47.88 28.30
N MET B 586 -21.95 46.74 28.01
CA MET B 586 -20.53 46.70 27.71
C MET B 586 -20.17 45.42 26.98
N PHE B 587 -19.13 45.52 26.15
CA PHE B 587 -18.64 44.37 25.43
C PHE B 587 -17.14 44.23 25.62
N VAL B 588 -16.66 43.06 25.23
CA VAL B 588 -15.24 42.80 25.13
C VAL B 588 -14.95 42.82 23.64
N SER B 589 -13.74 43.26 23.29
CA SER B 589 -13.20 43.00 21.97
C SER B 589 -11.75 42.55 22.05
N HIS B 590 -11.51 41.36 21.53
CA HIS B 590 -10.18 40.81 21.36
C HIS B 590 -9.77 41.23 19.95
N TYR B 591 -8.87 42.19 19.85
CA TYR B 591 -8.59 42.73 18.53
C TYR B 591 -7.10 42.83 18.27
N SER B 592 -6.79 43.01 17.00
CA SER B 592 -5.39 43.03 16.56
C SER B 592 -5.30 43.72 15.22
N SER B 593 -4.08 43.87 14.74
CA SER B 593 -3.83 44.41 13.41
C SER B 593 -2.64 43.67 12.86
N VAL B 594 -2.36 43.90 11.57
CA VAL B 594 -1.25 43.24 10.88
C VAL B 594 0.07 43.55 11.59
N SER B 595 0.24 44.77 12.09
CA SER B 595 1.46 45.20 12.74
C SER B 595 1.42 44.94 14.25
N THR B 596 0.36 45.37 14.93
CA THR B 596 0.33 45.23 16.37
C THR B 596 -0.08 43.81 16.77
N PRO B 597 0.50 43.27 17.85
CA PRO B 597 0.04 41.99 18.43
C PRO B 597 -1.42 42.05 18.91
N PRO B 598 -2.01 40.94 19.40
CA PRO B 598 -3.41 41.03 19.82
C PRO B 598 -3.56 41.49 21.26
N CYS B 599 -4.56 42.34 21.46
CA CYS B 599 -4.97 42.90 22.74
C CYS B 599 -6.40 42.47 23.01
N VAL B 600 -6.86 42.58 24.26
CA VAL B 600 -8.24 42.30 24.64
C VAL B 600 -8.75 43.41 25.55
N HIS B 601 -9.53 44.33 24.97
CA HIS B 601 -10.03 45.52 25.65
C HIS B 601 -11.51 45.41 25.97
N VAL B 602 -11.92 46.04 27.07
CA VAL B 602 -13.31 46.04 27.52
C VAL B 602 -13.87 47.44 27.28
N TYR B 603 -14.84 47.55 26.39
CA TYR B 603 -15.46 48.82 26.06
C TYR B 603 -16.85 48.86 26.69
N LYS B 604 -17.38 50.09 26.81
CA LYS B 604 -18.63 50.39 27.51
C LYS B 604 -19.53 51.28 26.66
N LEU B 605 -20.70 50.77 26.30
CA LEU B 605 -21.66 51.62 25.61
C LEU B 605 -22.20 52.66 26.57
N SER B 606 -22.10 53.93 26.19
CA SER B 606 -22.37 55.01 27.12
C SER B 606 -22.91 56.20 26.34
N GLY B 607 -24.02 56.75 26.82
CA GLY B 607 -24.60 57.93 26.23
C GLY B 607 -26.03 58.09 26.69
N PRO B 608 -26.70 59.13 26.21
CA PRO B 608 -28.14 59.30 26.41
C PRO B 608 -28.97 58.04 26.16
N ASP B 609 -29.87 57.73 27.10
CA ASP B 609 -30.72 56.56 26.97
C ASP B 609 -31.82 56.71 25.92
N ASP B 610 -32.21 57.95 25.60
CA ASP B 610 -33.27 58.16 24.62
C ASP B 610 -32.87 57.75 23.20
N ASP B 611 -31.57 57.77 22.89
CA ASP B 611 -31.09 57.40 21.56
C ASP B 611 -30.06 56.30 21.75
N PRO B 612 -30.49 55.03 21.82
CA PRO B 612 -29.55 53.94 22.15
C PRO B 612 -28.64 53.57 21.00
N LEU B 613 -29.00 53.91 19.76
CA LEU B 613 -28.17 53.59 18.60
C LEU B 613 -26.85 54.32 18.64
N HIS B 614 -26.85 55.56 19.13
CA HIS B 614 -25.66 56.38 19.12
C HIS B 614 -24.94 56.40 20.45
N LYS B 615 -25.17 55.37 21.29
CA LYS B 615 -24.44 55.27 22.55
C LYS B 615 -22.96 55.08 22.25
N GLN B 616 -22.14 55.94 22.82
CA GLN B 616 -20.75 56.03 22.42
C GLN B 616 -19.91 55.01 23.18
N PRO B 617 -19.20 54.13 22.49
CA PRO B 617 -18.30 53.19 23.17
C PRO B 617 -17.02 53.79 23.74
N ARG B 618 -16.91 53.83 25.06
CA ARG B 618 -15.74 54.34 25.74
C ARG B 618 -14.93 53.20 26.35
N PHE B 619 -13.61 53.28 26.16
CA PHE B 619 -12.69 52.30 26.70
C PHE B 619 -12.79 52.32 28.22
N TRP B 620 -13.10 51.18 28.82
CA TRP B 620 -13.29 51.11 30.25
C TRP B 620 -12.08 50.50 30.93
N ALA B 621 -11.70 49.30 30.53
CA ALA B 621 -10.54 48.65 31.13
C ALA B 621 -9.99 47.64 30.13
N SER B 622 -8.79 47.18 30.39
CA SER B 622 -8.09 46.26 29.50
C SER B 622 -7.76 44.99 30.25
N MET B 623 -7.90 43.85 29.57
CA MET B 623 -7.64 42.58 30.22
C MET B 623 -6.25 42.08 29.87
N MET B 624 -5.96 41.99 28.59
CA MET B 624 -4.71 41.47 28.08
C MET B 624 -4.25 42.53 27.08
N GLU B 625 -2.95 42.75 26.98
CA GLU B 625 -2.46 43.79 26.10
C GLU B 625 -1.56 43.26 24.99
N ALA B 626 -1.37 44.12 23.99
CA ALA B 626 -0.61 43.76 22.80
C ALA B 626 0.84 43.65 23.20
N ALA B 627 1.40 42.45 23.08
CA ALA B 627 2.67 42.12 23.70
C ALA B 627 3.83 42.76 22.95
N SER B 628 5.05 42.40 23.36
CA SER B 628 6.24 42.87 22.67
C SER B 628 6.31 42.21 21.31
N CYS B 629 5.99 42.96 20.27
CA CYS B 629 6.28 42.52 18.92
C CYS B 629 7.79 42.49 18.76
N PRO B 630 8.39 41.33 18.48
CA PRO B 630 9.84 41.21 18.57
C PRO B 630 10.51 41.94 17.43
N PRO B 631 11.77 42.38 17.62
CA PRO B 631 12.56 42.84 16.47
C PRO B 631 12.88 41.72 15.49
N ASP B 632 12.82 40.46 15.93
CA ASP B 632 12.88 39.33 15.01
C ASP B 632 11.67 39.28 14.10
N TYR B 633 10.52 39.79 14.55
CA TYR B 633 9.29 39.73 13.79
C TYR B 633 9.02 41.05 13.10
N VAL B 634 9.11 41.05 11.78
CA VAL B 634 8.74 42.18 10.94
C VAL B 634 7.37 41.88 10.35
N PRO B 635 6.35 42.67 10.66
CA PRO B 635 4.98 42.37 10.18
C PRO B 635 4.89 42.42 8.66
N PRO B 636 3.93 41.71 8.07
CA PRO B 636 3.76 41.77 6.63
C PRO B 636 2.98 43.01 6.20
N GLU B 637 3.18 43.38 4.95
CA GLU B 637 2.51 44.51 4.34
C GLU B 637 1.34 43.97 3.54
N ILE B 638 0.16 44.52 3.78
CA ILE B 638 -1.03 44.22 3.01
C ILE B 638 -1.07 45.12 1.79
N PHE B 639 -1.52 44.56 0.68
CA PHE B 639 -1.75 45.26 -0.56
C PHE B 639 -3.03 44.71 -1.18
N HIS B 640 -3.44 45.36 -2.27
CA HIS B 640 -4.49 44.85 -3.11
C HIS B 640 -4.10 45.09 -4.55
N PHE B 641 -4.82 44.45 -5.45
CA PHE B 641 -4.60 44.66 -6.88
C PHE B 641 -5.84 44.20 -7.62
N HIS B 642 -5.84 44.45 -8.92
CA HIS B 642 -6.97 44.05 -9.74
C HIS B 642 -6.52 43.00 -10.74
N THR B 643 -7.42 42.08 -11.04
CA THR B 643 -7.20 41.05 -12.04
C THR B 643 -7.58 41.58 -13.39
N ARG B 644 -7.10 40.90 -14.44
CA ARG B 644 -7.44 41.27 -15.81
C ARG B 644 -8.96 41.25 -16.07
N SER B 645 -9.73 40.50 -15.27
CA SER B 645 -11.18 40.52 -15.27
C SER B 645 -11.79 41.62 -14.39
N ASP B 646 -10.96 42.40 -13.70
CA ASP B 646 -11.26 43.59 -12.89
C ASP B 646 -11.90 43.28 -11.54
N VAL B 647 -11.37 42.30 -10.81
CA VAL B 647 -11.83 42.02 -9.45
C VAL B 647 -10.66 42.29 -8.52
N ARG B 648 -10.95 42.94 -7.40
CA ARG B 648 -9.91 43.32 -6.46
C ARG B 648 -9.58 42.15 -5.56
N LEU B 649 -8.32 41.73 -5.57
CA LEU B 649 -7.84 40.69 -4.68
C LEU B 649 -6.86 41.32 -3.70
N TYR B 650 -6.90 40.85 -2.47
CA TYR B 650 -5.97 41.32 -1.45
C TYR B 650 -4.84 40.31 -1.25
N GLY B 651 -3.75 40.80 -0.70
CA GLY B 651 -2.62 39.95 -0.46
C GLY B 651 -1.71 40.55 0.59
N MET B 652 -0.86 39.70 1.15
CA MET B 652 0.16 40.13 2.07
C MET B 652 1.50 39.80 1.45
N ILE B 653 2.53 40.41 2.00
CA ILE B 653 3.89 40.04 1.69
C ILE B 653 4.74 40.27 2.92
N TYR B 654 5.58 39.30 3.21
CA TYR B 654 6.67 39.44 4.14
C TYR B 654 7.88 39.71 3.28
N LYS B 655 8.51 40.84 3.50
CA LYS B 655 9.72 41.19 2.78
C LYS B 655 10.89 40.41 3.35
N PRO B 656 11.89 40.10 2.53
CA PRO B 656 13.12 39.55 3.07
C PRO B 656 13.83 40.55 3.96
N HIS B 657 14.11 40.11 5.20
CA HIS B 657 14.77 40.93 6.21
C HIS B 657 16.10 41.45 5.69
N ALA B 658 16.45 42.68 6.10
CA ALA B 658 17.68 43.38 5.69
C ALA B 658 17.84 43.41 4.17
N LEU B 659 16.77 43.82 3.49
CA LEU B 659 16.72 43.87 2.03
C LEU B 659 17.79 44.78 1.44
N GLN B 660 18.43 44.31 0.39
CA GLN B 660 19.32 45.11 -0.45
C GLN B 660 18.64 45.24 -1.80
N PRO B 661 18.02 46.39 -2.10
CA PRO B 661 17.36 46.59 -3.41
C PRO B 661 18.28 46.38 -4.60
N GLY B 662 17.77 45.66 -5.60
CA GLY B 662 18.59 45.17 -6.68
C GLY B 662 18.61 43.65 -6.72
N LYS B 663 18.77 43.07 -5.53
CA LYS B 663 18.82 41.62 -5.37
C LYS B 663 17.43 41.01 -5.52
N LYS B 664 17.34 39.94 -6.30
CA LYS B 664 16.09 39.23 -6.56
C LYS B 664 16.08 37.98 -5.68
N HIS B 665 15.28 38.01 -4.63
CA HIS B 665 15.22 36.97 -3.63
C HIS B 665 14.28 35.85 -4.05
N PRO B 666 14.46 34.62 -3.54
CA PRO B 666 13.55 33.54 -3.89
C PRO B 666 12.29 33.59 -3.03
N THR B 667 11.17 33.18 -3.61
CA THR B 667 9.88 33.56 -3.05
C THR B 667 9.02 32.33 -2.73
N VAL B 668 8.58 32.25 -1.48
CA VAL B 668 7.64 31.22 -1.06
C VAL B 668 6.24 31.82 -1.08
N LEU B 669 5.45 31.42 -2.07
CA LEU B 669 4.03 31.72 -2.14
C LEU B 669 3.27 30.78 -1.22
N PHE B 670 3.00 31.25 0.00
CA PHE B 670 2.15 30.49 0.89
C PHE B 670 0.73 30.66 0.39
N VAL B 671 -0.11 29.65 0.58
CA VAL B 671 -1.44 29.68 0.00
C VAL B 671 -2.35 28.75 0.80
N TYR B 672 -3.65 28.97 0.60
CA TYR B 672 -4.71 28.13 1.07
C TYR B 672 -5.61 28.14 -0.15
N GLY B 673 -6.27 29.27 -0.37
CA GLY B 673 -7.04 29.51 -1.57
C GLY B 673 -8.47 28.99 -1.57
N GLY B 674 -8.71 27.93 -0.82
CA GLY B 674 -10.05 27.37 -0.76
C GLY B 674 -10.99 28.18 0.07
N PRO B 675 -12.28 27.85 -0.06
CA PRO B 675 -13.33 28.59 0.64
C PRO B 675 -13.25 28.45 2.16
N GLN B 676 -14.07 29.25 2.84
CA GLN B 676 -14.27 29.29 4.29
C GLN B 676 -13.06 29.77 5.06
N VAL B 677 -12.04 30.32 4.39
CA VAL B 677 -10.80 30.75 5.00
C VAL B 677 -10.49 32.11 4.38
N GLN B 678 -9.83 32.97 5.16
CA GLN B 678 -9.29 34.23 4.65
C GLN B 678 -7.96 34.48 5.32
N LEU B 679 -6.89 34.28 4.57
CA LEU B 679 -5.56 34.47 5.11
C LEU B 679 -5.26 35.95 5.25
N VAL B 680 -5.52 36.71 4.19
CA VAL B 680 -5.18 38.13 4.12
C VAL B 680 -6.25 38.98 4.78
N ASN B 681 -5.93 39.56 5.93
CA ASN B 681 -6.76 40.55 6.59
C ASN B 681 -5.89 41.28 7.59
N ASN B 682 -6.42 42.36 8.15
CA ASN B 682 -5.65 43.24 9.03
C ASN B 682 -5.81 42.70 10.44
N SER B 683 -4.90 41.80 10.82
CA SER B 683 -4.96 41.08 12.08
C SER B 683 -3.67 40.29 12.22
N PHE B 684 -3.29 40.02 13.47
CA PHE B 684 -1.94 39.60 13.79
C PHE B 684 -1.68 38.18 13.30
N LYS B 685 -0.66 38.03 12.46
CA LYS B 685 -0.38 36.73 11.87
C LYS B 685 0.65 35.95 12.65
N GLY B 686 1.48 36.62 13.46
CA GLY B 686 2.59 36.04 14.21
C GLY B 686 2.35 34.72 14.92
N ILE B 687 1.11 34.48 15.31
CA ILE B 687 0.78 33.32 16.13
C ILE B 687 0.76 32.07 15.27
N LYS B 688 -0.14 32.05 14.29
CA LYS B 688 -0.31 30.93 13.38
C LYS B 688 0.66 30.92 12.21
N TYR B 689 1.20 32.08 11.84
CA TYR B 689 2.13 32.16 10.72
C TYR B 689 3.49 32.72 11.12
N LEU B 690 4.07 32.18 12.19
CA LEU B 690 5.42 32.55 12.58
C LEU B 690 6.45 32.02 11.58
N ARG B 691 6.18 30.84 11.00
CA ARG B 691 7.07 30.26 9.99
C ARG B 691 7.24 31.18 8.77
N LEU B 692 6.18 31.87 8.35
CA LEU B 692 6.27 32.84 7.26
C LEU B 692 7.25 33.96 7.57
N ASN B 693 7.25 34.43 8.81
CA ASN B 693 8.23 35.42 9.25
C ASN B 693 9.63 34.82 9.35
N THR B 694 9.74 33.56 9.78
CA THR B 694 11.04 32.89 9.82
C THR B 694 11.64 32.80 8.42
N LEU B 695 10.82 32.40 7.44
CA LEU B 695 11.21 32.41 6.04
C LEU B 695 11.72 33.79 5.61
N ALA B 696 10.93 34.83 5.92
CA ALA B 696 11.33 36.20 5.65
C ALA B 696 12.67 36.54 6.31
N SER B 697 12.85 36.13 7.57
CA SER B 697 14.09 36.41 8.28
C SER B 697 15.28 35.66 7.72
N LEU B 698 15.05 34.57 6.99
CA LEU B 698 16.14 33.95 6.25
C LEU B 698 16.33 34.58 4.89
N GLY B 699 15.38 35.37 4.42
CA GLY B 699 15.54 36.05 3.14
C GLY B 699 14.54 35.66 2.08
N TYR B 700 13.57 34.83 2.39
CA TYR B 700 12.54 34.46 1.43
C TYR B 700 11.50 35.57 1.37
N ALA B 701 11.10 35.93 0.16
CA ALA B 701 9.89 36.72 0.03
C ALA B 701 8.73 35.78 0.30
N VAL B 702 7.83 36.16 1.19
CA VAL B 702 6.63 35.36 1.42
C VAL B 702 5.42 36.13 0.93
N VAL B 703 4.73 35.58 -0.05
CA VAL B 703 3.58 36.23 -0.64
C VAL B 703 2.39 35.36 -0.25
N VAL B 704 1.26 36.01 0.07
CA VAL B 704 0.04 35.31 0.46
C VAL B 704 -1.08 36.04 -0.25
N ILE B 705 -1.90 35.34 -1.01
CA ILE B 705 -2.89 36.00 -1.85
C ILE B 705 -4.25 35.40 -1.56
N ASP B 706 -5.28 36.25 -1.44
CA ASP B 706 -6.64 35.74 -1.33
C ASP B 706 -7.28 35.71 -2.71
N GLY B 707 -7.10 34.59 -3.41
CA GLY B 707 -7.66 34.37 -4.73
C GLY B 707 -9.18 34.38 -4.78
N ARG B 708 -9.76 34.13 -5.95
CA ARG B 708 -11.22 34.14 -6.02
C ARG B 708 -11.71 32.79 -5.52
N GLY B 709 -12.78 32.85 -4.76
CA GLY B 709 -13.31 31.70 -4.07
C GLY B 709 -13.12 31.73 -2.57
N SER B 710 -12.65 32.84 -2.01
CA SER B 710 -12.35 32.89 -0.60
C SER B 710 -13.59 33.36 0.18
N CYS B 711 -13.52 33.25 1.49
CA CYS B 711 -14.62 33.65 2.36
C CYS B 711 -14.64 35.17 2.54
N GLN B 712 -15.79 35.65 3.02
CA GLN B 712 -16.01 37.04 3.46
C GLN B 712 -15.81 38.08 2.37
N ARG B 713 -16.10 37.73 1.13
CA ARG B 713 -16.15 38.69 0.03
C ARG B 713 -17.41 38.48 -0.80
N GLY B 714 -18.40 37.81 -0.21
CA GLY B 714 -19.67 37.49 -0.81
C GLY B 714 -19.73 36.20 -1.62
N LEU B 715 -20.96 35.94 -2.08
CA LEU B 715 -21.26 34.67 -2.75
C LEU B 715 -20.74 34.64 -4.18
N ARG B 716 -20.84 35.75 -4.91
CA ARG B 716 -20.35 35.74 -6.29
C ARG B 716 -18.84 35.59 -6.33
N PHE B 717 -18.16 36.17 -5.35
CA PHE B 717 -16.71 36.02 -5.23
C PHE B 717 -16.33 34.60 -4.87
N GLU B 718 -16.94 34.08 -3.80
CA GLU B 718 -16.71 32.68 -3.40
C GLU B 718 -17.07 31.69 -4.50
N GLY B 719 -18.14 31.96 -5.26
CA GLY B 719 -18.61 31.09 -6.31
C GLY B 719 -17.82 31.09 -7.59
N ALA B 720 -16.67 31.75 -7.61
CA ALA B 720 -15.79 31.83 -8.78
C ALA B 720 -15.23 30.47 -9.20
N LEU B 721 -14.89 29.66 -8.20
CA LEU B 721 -14.28 28.34 -8.40
C LEU B 721 -15.29 27.20 -8.41
N LYS B 722 -16.57 27.52 -8.49
CA LYS B 722 -17.62 26.50 -8.46
C LYS B 722 -17.47 25.47 -9.59
N ASN B 723 -17.70 24.21 -9.21
CA ASN B 723 -17.61 23.05 -10.09
C ASN B 723 -16.29 23.03 -10.85
N GLN B 724 -15.27 23.78 -10.42
CA GLN B 724 -13.99 23.85 -11.11
C GLN B 724 -12.82 24.16 -10.17
N MET B 725 -12.69 23.40 -9.08
CA MET B 725 -11.66 23.68 -8.07
C MET B 725 -10.27 23.33 -8.56
N GLY B 726 -9.37 24.29 -8.40
CA GLY B 726 -8.02 24.21 -8.89
C GLY B 726 -7.78 25.01 -10.14
N GLN B 727 -8.83 25.34 -10.88
CA GLN B 727 -8.66 25.94 -12.19
C GLN B 727 -8.59 27.46 -12.13
N VAL B 728 -9.28 28.08 -11.17
CA VAL B 728 -9.31 29.54 -11.09
C VAL B 728 -8.36 30.08 -10.01
N GLU B 729 -8.16 29.31 -8.94
CA GLU B 729 -7.39 29.77 -7.79
C GLU B 729 -5.94 29.97 -8.15
N ILE B 730 -5.34 28.97 -8.81
CA ILE B 730 -3.93 29.05 -9.19
C ILE B 730 -3.69 30.19 -10.17
N GLU B 731 -4.68 30.46 -11.04
CA GLU B 731 -4.56 31.58 -11.97
C GLU B 731 -4.51 32.91 -11.23
N ASP B 732 -5.34 33.05 -10.18
CA ASP B 732 -5.28 34.22 -9.33
C ASP B 732 -3.96 34.32 -8.55
N GLN B 733 -3.40 33.18 -8.13
CA GLN B 733 -2.15 33.24 -7.39
C GLN B 733 -0.99 33.62 -8.29
N VAL B 734 -0.93 33.03 -9.49
CA VAL B 734 0.07 33.40 -10.50
C VAL B 734 -0.01 34.89 -10.86
N GLU B 735 -1.23 35.38 -11.15
CA GLU B 735 -1.41 36.82 -11.43
C GLU B 735 -1.01 37.72 -10.26
N GLY B 736 -1.34 37.32 -9.04
CA GLY B 736 -0.88 38.05 -7.86
C GLY B 736 0.62 38.07 -7.67
N LEU B 737 1.27 36.93 -7.87
CA LEU B 737 2.71 36.85 -7.72
C LEU B 737 3.36 37.78 -8.74
N GLN B 738 2.82 37.77 -9.95
CA GLN B 738 3.33 38.64 -11.01
C GLN B 738 3.13 40.10 -10.63
N PHE B 739 1.97 40.40 -10.07
CA PHE B 739 1.65 41.76 -9.64
C PHE B 739 2.61 42.21 -8.54
N VAL B 740 2.90 41.29 -7.63
CA VAL B 740 3.81 41.57 -6.52
C VAL B 740 5.22 41.85 -7.04
N ALA B 741 5.63 41.11 -8.06
CA ALA B 741 6.95 41.26 -8.65
C ALA B 741 7.14 42.64 -9.27
N GLU B 742 6.11 43.16 -9.93
CA GLU B 742 6.21 44.47 -10.55
C GLU B 742 6.13 45.55 -9.48
N LYS B 743 5.23 45.36 -8.53
CA LYS B 743 5.04 46.31 -7.43
C LYS B 743 6.29 46.37 -6.56
N TYR B 744 6.89 45.22 -6.32
CA TYR B 744 8.09 45.14 -5.50
C TYR B 744 9.20 44.50 -6.32
N GLY B 745 10.42 45.00 -6.15
CA GLY B 745 11.52 44.60 -7.01
C GLY B 745 12.43 43.49 -6.53
N PHE B 746 11.95 42.59 -5.68
CA PHE B 746 12.85 41.65 -5.02
C PHE B 746 12.44 40.18 -5.21
N ILE B 747 11.58 39.90 -6.18
CA ILE B 747 11.12 38.54 -6.44
C ILE B 747 11.78 37.98 -7.69
N ASP B 748 12.54 36.93 -7.49
CA ASP B 748 13.13 36.13 -8.55
C ASP B 748 12.09 35.12 -9.01
N LEU B 749 11.56 35.31 -10.23
CA LEU B 749 10.51 34.44 -10.73
C LEU B 749 11.05 33.06 -11.10
N SER B 750 12.35 32.96 -11.42
CA SER B 750 12.95 31.66 -11.67
C SER B 750 13.00 30.78 -10.42
N ARG B 751 12.87 31.36 -9.23
CA ARG B 751 12.88 30.65 -7.94
C ARG B 751 11.61 30.96 -7.16
N VAL B 752 10.55 30.19 -7.44
CA VAL B 752 9.28 30.35 -6.76
C VAL B 752 8.85 29.01 -6.21
N ALA B 753 8.48 29.00 -4.95
CA ALA B 753 7.98 27.85 -4.26
C ALA B 753 6.53 28.09 -3.94
N ILE B 754 5.69 27.09 -4.11
CA ILE B 754 4.30 27.21 -3.70
C ILE B 754 4.13 26.26 -2.54
N HIS B 755 3.61 26.73 -1.42
CA HIS B 755 3.51 25.86 -0.26
C HIS B 755 2.18 26.00 0.38
N GLY B 756 1.53 24.91 0.71
CA GLY B 756 0.24 25.03 1.34
C GLY B 756 -0.12 23.80 2.07
N TRP B 757 -1.10 23.88 2.94
CA TRP B 757 -1.60 22.75 3.69
C TRP B 757 -3.08 22.60 3.45
N SER B 758 -3.60 21.40 3.60
CA SER B 758 -5.01 21.16 3.36
C SER B 758 -5.23 21.51 1.91
N TYR B 759 -6.13 22.44 1.66
CA TYR B 759 -6.45 22.89 0.31
C TYR B 759 -5.22 23.52 -0.34
N GLY B 760 -4.35 24.07 0.47
CA GLY B 760 -3.11 24.69 0.07
C GLY B 760 -2.15 23.73 -0.58
N GLY B 761 -2.07 22.51 -0.05
CA GLY B 761 -1.26 21.48 -0.70
C GLY B 761 -1.85 21.03 -2.01
N PHE B 762 -3.19 20.92 -2.06
CA PHE B 762 -3.89 20.66 -3.32
C PHE B 762 -3.56 21.73 -4.38
N LEU B 763 -3.55 23.00 -3.98
CA LEU B 763 -3.17 24.06 -4.91
C LEU B 763 -1.71 24.02 -5.25
N SER B 764 -0.83 23.75 -4.28
CA SER B 764 0.60 23.59 -4.57
C SER B 764 0.82 22.57 -5.68
N LEU B 765 0.05 21.48 -5.65
CA LEU B 765 0.06 20.49 -6.72
C LEU B 765 -0.59 21.00 -8.00
N MET B 766 -1.60 21.87 -7.89
CA MET B 766 -2.17 22.51 -9.07
C MET B 766 -1.19 23.49 -9.71
N GLY B 767 -0.44 24.20 -8.87
CA GLY B 767 0.63 25.07 -9.34
C GLY B 767 1.70 24.32 -10.09
N LEU B 768 2.16 23.22 -9.51
CA LEU B 768 3.20 22.44 -10.15
C LEU B 768 2.71 21.71 -11.40
N ILE B 769 1.41 21.42 -11.50
CA ILE B 769 0.88 20.78 -12.70
C ILE B 769 0.72 21.79 -13.83
N HIS B 770 -0.09 22.84 -13.63
CA HIS B 770 -0.39 23.74 -14.74
C HIS B 770 0.53 24.96 -14.86
N LYS B 771 1.42 25.19 -13.91
CA LYS B 771 2.38 26.30 -13.98
C LYS B 771 3.78 25.89 -13.52
N PRO B 772 4.39 24.84 -14.12
CA PRO B 772 5.77 24.51 -13.70
C PRO B 772 6.78 25.60 -14.04
N GLN B 773 6.57 26.33 -15.13
CA GLN B 773 7.44 27.43 -15.51
C GLN B 773 7.39 28.60 -14.53
N VAL B 774 6.33 28.71 -13.74
CA VAL B 774 6.25 29.73 -12.70
C VAL B 774 6.81 29.22 -11.38
N PHE B 775 6.32 28.07 -10.92
CA PHE B 775 6.64 27.55 -9.60
C PHE B 775 7.80 26.57 -9.70
N LYS B 776 8.93 26.92 -9.09
CA LYS B 776 10.08 26.02 -9.15
C LYS B 776 9.86 24.78 -8.30
N VAL B 777 9.41 24.96 -7.06
CA VAL B 777 9.09 23.80 -6.22
C VAL B 777 7.67 23.93 -5.67
N ALA B 778 7.22 22.86 -5.03
CA ALA B 778 5.87 22.80 -4.48
C ALA B 778 5.89 21.89 -3.27
N ILE B 779 5.78 22.49 -2.09
CA ILE B 779 5.71 21.78 -0.82
C ILE B 779 4.23 21.62 -0.48
N ALA B 780 3.68 20.46 -0.81
CA ALA B 780 2.26 20.20 -0.65
C ALA B 780 2.01 19.47 0.67
N GLY B 781 1.37 20.14 1.61
CA GLY B 781 1.08 19.56 2.90
C GLY B 781 -0.37 19.12 2.96
N ALA B 782 -0.58 17.85 3.29
CA ALA B 782 -1.88 17.20 3.50
C ALA B 782 -2.84 17.32 2.32
N PRO B 783 -2.41 17.11 1.07
CA PRO B 783 -3.23 17.59 -0.05
C PRO B 783 -4.43 16.70 -0.33
N VAL B 784 -5.47 17.34 -0.86
CA VAL B 784 -6.62 16.61 -1.41
C VAL B 784 -6.26 16.25 -2.84
N THR B 785 -5.79 15.02 -3.06
CA THR B 785 -5.32 14.68 -4.39
C THR B 785 -6.45 14.17 -5.25
N VAL B 786 -7.54 13.71 -4.62
CA VAL B 786 -8.69 13.11 -5.28
C VAL B 786 -9.94 13.63 -4.56
N TRP B 787 -10.71 14.43 -5.29
CA TRP B 787 -11.98 14.95 -4.80
C TRP B 787 -13.02 13.86 -4.64
N MET B 788 -13.06 12.89 -5.56
CA MET B 788 -13.97 11.75 -5.45
C MET B 788 -13.87 11.01 -4.12
N ALA B 789 -12.75 11.08 -3.41
CA ALA B 789 -12.59 10.47 -2.09
C ALA B 789 -12.99 11.36 -0.92
N TYR B 790 -13.15 12.65 -1.14
CA TYR B 790 -13.47 13.56 -0.04
C TYR B 790 -14.96 13.48 0.32
N ASP B 791 -15.31 14.03 1.47
CA ASP B 791 -16.66 13.90 2.01
C ASP B 791 -17.70 14.71 1.23
N THR B 792 -18.96 14.34 1.44
CA THR B 792 -20.11 14.98 0.81
C THR B 792 -20.19 16.47 1.14
N GLY B 793 -20.29 16.81 2.43
CA GLY B 793 -20.49 18.16 2.93
C GLY B 793 -19.63 19.25 2.33
N TYR B 794 -18.35 19.01 2.18
CA TYR B 794 -17.53 20.01 1.55
C TYR B 794 -17.43 19.94 0.03
N THR B 795 -17.30 18.75 -0.53
CA THR B 795 -17.08 18.61 -1.95
C THR B 795 -18.34 18.84 -2.76
N GLU B 796 -19.49 18.35 -2.27
CA GLU B 796 -20.72 18.39 -3.06
C GLU B 796 -21.24 19.82 -3.15
N ARG B 797 -21.20 20.54 -2.01
CA ARG B 797 -21.44 21.98 -1.96
C ARG B 797 -20.77 22.74 -3.10
N TYR B 798 -19.46 22.55 -3.26
CA TYR B 798 -18.61 23.21 -4.28
C TYR B 798 -18.46 22.54 -5.63
N MET B 799 -18.50 21.22 -5.63
CA MET B 799 -18.41 20.41 -6.83
C MET B 799 -19.69 19.62 -6.69
N ASP B 800 -20.54 19.56 -7.70
CA ASP B 800 -21.82 18.94 -7.44
C ASP B 800 -21.84 17.47 -7.03
N VAL B 801 -21.32 16.59 -7.86
CA VAL B 801 -21.19 15.16 -7.58
C VAL B 801 -20.32 14.56 -8.65
N PRO B 802 -19.74 13.41 -8.39
CA PRO B 802 -18.93 12.83 -9.45
C PRO B 802 -19.77 12.48 -10.67
N GLU B 803 -20.99 12.01 -10.49
CA GLU B 803 -21.81 11.64 -11.64
C GLU B 803 -22.23 12.78 -12.57
N ASN B 804 -22.61 13.91 -12.00
CA ASN B 804 -23.03 15.06 -12.80
C ASN B 804 -21.83 15.84 -13.32
N ASN B 805 -20.88 16.23 -12.46
CA ASN B 805 -19.72 17.02 -12.89
C ASN B 805 -18.47 16.12 -12.91
N GLN B 806 -18.44 15.17 -13.85
CA GLN B 806 -17.27 14.30 -13.94
C GLN B 806 -16.08 15.00 -14.58
N HIS B 807 -16.36 15.91 -15.53
CA HIS B 807 -15.31 16.70 -16.18
C HIS B 807 -14.54 17.53 -15.18
N GLY B 808 -15.23 18.07 -14.18
CA GLY B 808 -14.60 18.94 -13.22
C GLY B 808 -14.03 18.18 -12.03
N TYR B 809 -14.61 17.03 -11.68
CA TYR B 809 -13.91 16.16 -10.73
C TYR B 809 -12.56 15.71 -11.28
N GLU B 810 -12.55 15.23 -12.53
CA GLU B 810 -11.32 14.76 -13.17
C GLU B 810 -10.33 15.89 -13.42
N ALA B 811 -10.81 17.05 -13.90
CA ALA B 811 -9.94 18.18 -14.22
C ALA B 811 -9.21 18.72 -12.99
N GLY B 812 -9.85 18.71 -11.83
CA GLY B 812 -9.24 19.26 -10.64
C GLY B 812 -8.80 18.25 -9.60
N SER B 813 -8.55 17.02 -10.01
CA SER B 813 -7.96 15.98 -9.15
C SER B 813 -6.51 15.74 -9.57
N VAL B 814 -5.56 16.28 -8.77
CA VAL B 814 -4.15 16.33 -9.18
C VAL B 814 -3.55 14.95 -9.37
N ALA B 815 -4.06 13.94 -8.66
CA ALA B 815 -3.54 12.58 -8.79
C ALA B 815 -3.86 11.98 -10.15
N LEU B 816 -4.87 12.49 -10.83
CA LEU B 816 -5.18 12.11 -12.19
C LEU B 816 -4.41 12.90 -13.23
N HIS B 817 -3.60 13.87 -12.81
CA HIS B 817 -2.79 14.69 -13.70
C HIS B 817 -1.32 14.62 -13.35
N VAL B 818 -0.88 13.44 -12.90
CA VAL B 818 0.48 13.28 -12.41
C VAL B 818 1.48 13.33 -13.56
N GLU B 819 1.10 12.81 -14.73
CA GLU B 819 1.86 12.97 -15.97
C GLU B 819 2.33 14.40 -16.27
N LYS B 820 1.61 15.41 -15.80
CA LYS B 820 1.99 16.80 -15.98
C LYS B 820 2.90 17.34 -14.88
N LEU B 821 3.26 16.53 -13.89
CA LEU B 821 4.19 16.98 -12.85
C LEU B 821 5.61 16.91 -13.41
N PRO B 822 6.61 17.53 -12.75
CA PRO B 822 7.94 17.60 -13.39
C PRO B 822 8.61 16.25 -13.46
N ASN B 823 9.29 15.99 -14.57
CA ASN B 823 10.12 14.80 -14.65
C ASN B 823 11.41 14.95 -13.87
N GLU B 824 11.85 16.17 -13.64
CA GLU B 824 13.03 16.43 -12.82
C GLU B 824 12.68 16.26 -11.34
N PRO B 825 13.65 15.84 -10.54
CA PRO B 825 13.48 15.79 -9.08
C PRO B 825 13.70 17.11 -8.35
N ASN B 826 13.50 17.01 -7.03
CA ASN B 826 13.65 18.07 -6.02
C ASN B 826 12.68 19.22 -6.21
N ARG B 827 11.58 18.98 -6.91
CA ARG B 827 10.57 20.00 -7.17
C ARG B 827 9.26 19.76 -6.43
N LEU B 828 9.13 18.64 -5.71
CA LEU B 828 7.85 18.29 -5.12
C LEU B 828 8.09 17.53 -3.82
N LEU B 829 7.67 18.12 -2.72
CA LEU B 829 7.78 17.51 -1.39
C LEU B 829 6.35 17.35 -0.87
N ILE B 830 5.94 16.12 -0.64
CA ILE B 830 4.61 15.78 -0.14
C ILE B 830 4.66 15.54 1.36
N LEU B 831 3.89 16.29 2.13
CA LEU B 831 3.83 16.13 3.58
C LEU B 831 2.46 15.60 3.96
N HIS B 832 2.41 14.67 4.92
CA HIS B 832 1.10 14.19 5.34
C HIS B 832 1.15 13.61 6.75
N GLY B 833 0.19 13.99 7.56
CA GLY B 833 -0.01 13.35 8.85
C GLY B 833 -0.72 12.03 8.68
N PHE B 834 -0.10 10.97 9.17
CA PHE B 834 -0.56 9.61 8.95
C PHE B 834 -1.94 9.29 9.52
N LEU B 835 -2.36 9.99 10.59
CA LEU B 835 -3.64 9.70 11.21
C LEU B 835 -4.72 10.69 10.79
N ASP B 836 -4.54 11.30 9.64
CA ASP B 836 -5.44 12.33 9.22
C ASP B 836 -6.78 11.70 8.99
N GLU B 837 -7.74 12.17 9.76
CA GLU B 837 -9.10 11.72 9.67
C GLU B 837 -9.93 12.68 8.85
N ASN B 838 -9.32 13.76 8.40
CA ASN B 838 -9.99 14.76 7.63
C ASN B 838 -9.61 14.50 6.20
N VAL B 839 -8.41 14.87 5.81
CA VAL B 839 -7.99 14.56 4.47
C VAL B 839 -7.19 13.34 4.78
N HIS B 840 -7.70 12.18 4.43
CA HIS B 840 -7.05 10.93 4.75
C HIS B 840 -5.77 10.70 4.03
N PHE B 841 -4.95 9.91 4.67
CA PHE B 841 -3.66 9.52 4.12
C PHE B 841 -3.74 8.90 2.74
N PHE B 842 -4.83 8.20 2.42
CA PHE B 842 -5.17 7.71 1.09
C PHE B 842 -4.84 8.69 -0.03
N HIS B 843 -5.07 9.98 0.21
CA HIS B 843 -4.83 11.00 -0.81
C HIS B 843 -3.36 11.08 -1.19
N THR B 844 -2.48 11.22 -0.19
CA THR B 844 -1.04 11.15 -0.40
C THR B 844 -0.63 9.79 -0.95
N ASN B 845 -1.23 8.72 -0.44
CA ASN B 845 -0.93 7.36 -0.91
C ASN B 845 -1.27 7.16 -2.38
N PHE B 846 -2.42 7.65 -2.81
CA PHE B 846 -2.84 7.54 -4.20
C PHE B 846 -2.01 8.45 -5.09
N LEU B 847 -1.57 9.60 -4.54
CA LEU B 847 -0.67 10.47 -5.29
C LEU B 847 0.66 9.77 -5.53
N VAL B 848 1.26 9.23 -4.47
CA VAL B 848 2.52 8.51 -4.56
C VAL B 848 2.40 7.30 -5.50
N SER B 849 1.25 6.62 -5.44
CA SER B 849 0.90 5.55 -6.37
C SER B 849 0.98 6.02 -7.82
N GLN B 850 0.33 7.13 -8.13
CA GLN B 850 0.29 7.60 -9.51
C GLN B 850 1.61 8.24 -9.93
N LEU B 851 2.39 8.77 -8.98
CA LEU B 851 3.75 9.22 -9.27
C LEU B 851 4.63 8.05 -9.67
N ILE B 852 4.55 6.96 -8.91
CA ILE B 852 5.26 5.73 -9.25
C ILE B 852 4.85 5.22 -10.62
N ARG B 853 3.54 5.19 -10.89
CA ARG B 853 3.05 4.68 -12.16
C ARG B 853 3.38 5.59 -13.35
N ALA B 854 3.50 6.89 -13.13
CA ALA B 854 3.89 7.81 -14.19
C ALA B 854 5.37 8.04 -14.26
N GLY B 855 6.14 7.49 -13.31
CA GLY B 855 7.58 7.54 -13.35
C GLY B 855 8.11 8.90 -12.98
N LYS B 856 7.57 9.48 -11.92
CA LYS B 856 7.91 10.81 -11.47
C LYS B 856 8.48 10.77 -10.07
N PRO B 857 9.53 11.55 -9.79
CA PRO B 857 10.09 11.60 -8.45
C PRO B 857 9.19 12.38 -7.50
N TYR B 858 9.48 12.21 -6.22
CA TYR B 858 8.85 12.98 -5.16
C TYR B 858 9.70 12.83 -3.91
N GLN B 859 9.67 13.84 -3.07
CA GLN B 859 10.11 13.66 -1.70
C GLN B 859 8.88 13.55 -0.83
N LEU B 860 9.04 12.97 0.35
CA LEU B 860 7.87 12.71 1.16
C LEU B 860 8.25 12.76 2.64
N GLN B 861 7.31 13.24 3.45
CA GLN B 861 7.51 13.35 4.88
C GLN B 861 6.21 12.92 5.54
N ILE B 862 6.35 12.11 6.57
CA ILE B 862 5.21 11.57 7.27
C ILE B 862 5.21 12.17 8.66
N TYR B 863 4.02 12.41 9.21
CA TYR B 863 3.88 12.72 10.63
C TYR B 863 3.00 11.65 11.24
N PRO B 864 3.61 10.58 11.77
CA PRO B 864 2.85 9.42 12.22
C PRO B 864 1.89 9.66 13.37
N ASN B 865 2.12 10.68 14.20
CA ASN B 865 1.28 10.93 15.35
C ASN B 865 0.42 12.17 15.18
N GLU B 866 0.40 12.69 13.97
CA GLU B 866 -0.32 13.89 13.59
C GLU B 866 -1.45 13.61 12.65
N ARG B 867 -2.54 14.33 12.84
CA ARG B 867 -3.73 14.21 12.04
C ARG B 867 -3.67 15.28 10.98
N HIS B 868 -4.72 16.07 10.84
CA HIS B 868 -4.74 17.09 9.82
C HIS B 868 -3.73 18.20 9.96
N SER B 869 -3.48 18.62 11.18
CA SER B 869 -2.52 19.68 11.42
C SER B 869 -1.47 19.15 12.34
N ILE B 870 -0.30 19.76 12.33
CA ILE B 870 0.75 19.31 13.21
C ILE B 870 0.57 19.93 14.58
N ARG B 871 -0.13 19.26 15.46
CA ARG B 871 -0.35 19.75 16.80
C ARG B 871 0.89 19.82 17.70
N CYS B 872 1.72 18.80 17.65
CA CYS B 872 2.89 18.70 18.50
C CYS B 872 3.96 19.72 18.17
N PRO B 873 4.61 20.27 19.20
CA PRO B 873 5.68 21.24 18.89
C PRO B 873 6.94 20.63 18.32
N GLU B 874 7.33 19.43 18.78
CA GLU B 874 8.47 18.72 18.20
C GLU B 874 8.24 18.43 16.72
N SER B 875 7.04 17.94 16.39
CA SER B 875 6.69 17.67 15.00
C SER B 875 6.61 18.93 14.17
N GLY B 876 6.12 20.04 14.76
CA GLY B 876 6.11 21.31 14.04
C GLY B 876 7.51 21.84 13.82
N GLU B 877 8.39 21.64 14.81
CA GLU B 877 9.77 22.07 14.69
C GLU B 877 10.47 21.27 13.60
N HIS B 878 10.20 19.98 13.55
CA HIS B 878 10.77 19.16 12.51
C HIS B 878 10.21 19.56 11.19
N TYR B 879 8.92 19.82 11.15
CA TYR B 879 8.29 20.18 9.90
C TYR B 879 8.82 21.47 9.33
N GLU B 880 9.01 22.46 10.17
CA GLU B 880 9.52 23.74 9.74
C GLU B 880 10.94 23.63 9.27
N VAL B 881 11.74 22.83 9.97
CA VAL B 881 13.12 22.63 9.59
C VAL B 881 13.22 21.95 8.26
N THR B 882 12.35 20.99 8.01
CA THR B 882 12.29 20.27 6.76
C THR B 882 11.96 21.24 5.68
N LEU B 883 11.11 22.21 5.98
CA LEU B 883 10.71 23.20 4.99
C LEU B 883 11.88 24.12 4.64
N LEU B 884 12.61 24.58 5.66
CA LEU B 884 13.78 25.41 5.44
C LEU B 884 14.87 24.68 4.67
N HIS B 885 15.15 23.42 5.03
CA HIS B 885 16.13 22.64 4.29
C HIS B 885 15.74 22.44 2.83
N PHE B 886 14.47 22.06 2.59
CA PHE B 886 14.01 21.83 1.22
C PHE B 886 14.12 23.09 0.37
N LEU B 887 13.74 24.23 0.94
CA LEU B 887 13.87 25.50 0.22
C LEU B 887 15.32 25.90 0.02
N GLN B 888 16.11 25.82 1.10
CA GLN B 888 17.55 26.08 1.07
C GLN B 888 18.26 25.34 -0.06
N GLU B 889 17.98 24.05 -0.18
CA GLU B 889 18.73 23.23 -1.13
C GLU B 889 18.15 23.29 -2.54
N TYR B 890 16.82 23.21 -2.68
CA TYR B 890 16.25 22.96 -3.99
C TYR B 890 15.45 24.10 -4.59
N LEU B 891 15.17 25.17 -3.86
CA LEU B 891 14.58 26.34 -4.49
C LEU B 891 15.64 27.18 -5.18
N PHE C 1079 18.29 -28.53 -60.27
CA PHE C 1079 19.45 -27.63 -60.28
C PHE C 1079 20.01 -27.35 -61.67
N TRP C 1080 20.78 -26.27 -61.77
CA TRP C 1080 21.40 -25.84 -63.01
C TRP C 1080 22.78 -26.44 -63.16
N GLY C 1081 22.86 -27.77 -63.08
CA GLY C 1081 24.12 -28.47 -63.05
C GLY C 1081 24.68 -28.73 -64.43
N PRO C 1082 25.29 -29.92 -64.62
CA PRO C 1082 25.77 -30.32 -65.94
C PRO C 1082 24.70 -30.41 -67.01
N THR C 1083 23.47 -30.75 -66.63
CA THR C 1083 22.37 -30.86 -67.58
C THR C 1083 21.67 -29.54 -67.87
N GLY C 1084 22.21 -28.42 -67.41
CA GLY C 1084 21.56 -27.14 -67.59
C GLY C 1084 20.44 -26.97 -66.59
N PRO C 1085 19.57 -25.98 -66.81
CA PRO C 1085 18.47 -25.76 -65.86
C PRO C 1085 17.43 -26.87 -65.84
N VAL C 1086 17.40 -27.63 -64.74
CA VAL C 1086 16.27 -28.49 -64.41
C VAL C 1086 15.37 -27.69 -63.48
N ALA C 1087 14.41 -26.97 -64.06
CA ALA C 1087 13.51 -26.09 -63.31
C ALA C 1087 12.67 -26.87 -62.31
N THR C 1088 12.65 -26.40 -61.06
CA THR C 1088 11.87 -27.03 -60.01
C THR C 1088 10.38 -26.91 -60.29
N GLU C 1089 9.68 -28.04 -60.27
CA GLU C 1089 8.23 -27.98 -60.31
C GLU C 1089 7.67 -27.62 -58.95
N VAL C 1090 6.62 -26.79 -58.95
CA VAL C 1090 5.98 -26.31 -57.75
C VAL C 1090 4.65 -27.02 -57.60
N VAL C 1091 4.47 -27.72 -56.48
CA VAL C 1091 3.22 -28.43 -56.24
C VAL C 1091 2.22 -27.57 -55.49
N ASP C 1092 2.70 -26.64 -54.67
CA ASP C 1092 1.83 -25.74 -53.91
C ASP C 1092 2.67 -24.53 -53.52
N LYS C 1093 2.28 -23.35 -54.01
CA LYS C 1093 2.97 -22.12 -53.66
C LYS C 1093 2.85 -21.78 -52.18
N GLU C 1094 1.70 -22.11 -51.58
CA GLU C 1094 1.40 -21.67 -50.22
C GLU C 1094 2.14 -22.46 -49.15
N LYS C 1095 2.46 -23.73 -49.38
CA LYS C 1095 3.19 -24.52 -48.40
C LYS C 1095 4.67 -24.66 -48.72
N ASN C 1096 5.15 -23.97 -49.77
CA ASN C 1096 6.55 -23.87 -50.22
C ASN C 1096 7.27 -25.22 -50.34
N LEU C 1097 6.58 -26.19 -50.93
CA LEU C 1097 7.17 -27.49 -51.23
C LEU C 1097 7.68 -27.50 -52.67
N TYR C 1098 8.85 -28.12 -52.88
CA TYR C 1098 9.41 -28.29 -54.21
C TYR C 1098 9.87 -29.72 -54.38
N ARG C 1099 10.03 -30.14 -55.64
CA ARG C 1099 10.54 -31.47 -55.99
C ARG C 1099 11.47 -31.31 -57.18
N VAL C 1100 12.49 -32.17 -57.26
CA VAL C 1100 13.29 -32.29 -58.48
C VAL C 1100 13.63 -33.76 -58.72
N HIS C 1101 13.90 -34.07 -59.99
CA HIS C 1101 14.62 -35.25 -60.43
C HIS C 1101 15.86 -34.77 -61.15
N PHE C 1102 17.04 -35.07 -60.63
CA PHE C 1102 18.25 -34.55 -61.25
C PHE C 1102 19.05 -35.71 -61.84
N PRO C 1103 19.25 -35.75 -63.16
CA PRO C 1103 19.64 -37.01 -63.82
C PRO C 1103 21.12 -37.39 -63.72
N VAL C 1104 22.05 -36.47 -63.47
CA VAL C 1104 23.47 -36.79 -63.52
C VAL C 1104 24.11 -36.64 -62.14
N ALA C 1105 25.38 -37.05 -62.07
CA ALA C 1105 26.16 -36.96 -60.84
C ALA C 1105 26.52 -35.52 -60.52
N GLY C 1106 26.77 -35.26 -59.25
CA GLY C 1106 27.07 -33.94 -58.74
C GLY C 1106 25.86 -33.03 -58.85
N SER C 1107 26.12 -31.72 -58.78
CA SER C 1107 25.14 -30.64 -58.89
C SER C 1107 25.86 -29.30 -58.89
N TYR C 1108 25.13 -28.23 -59.18
CA TYR C 1108 25.62 -26.87 -59.01
C TYR C 1108 24.55 -26.11 -58.22
N ARG C 1109 25.00 -25.12 -57.44
CA ARG C 1109 24.16 -24.37 -56.50
C ARG C 1109 22.97 -23.71 -57.20
N TRP C 1110 21.79 -23.84 -56.59
CA TRP C 1110 20.60 -23.18 -57.10
C TRP C 1110 20.69 -21.70 -56.77
N PRO C 1111 20.52 -20.80 -57.73
CA PRO C 1111 20.96 -19.41 -57.55
C PRO C 1111 20.06 -18.53 -56.68
N ASN C 1112 18.95 -19.06 -56.11
CA ASN C 1112 18.10 -18.21 -55.28
C ASN C 1112 18.81 -17.81 -53.98
N THR C 1113 19.45 -18.77 -53.32
CA THR C 1113 20.28 -18.50 -52.16
C THR C 1113 21.64 -19.19 -52.20
N GLY C 1114 21.79 -20.26 -52.96
CA GLY C 1114 23.03 -20.99 -53.06
C GLY C 1114 23.07 -22.35 -52.43
N LEU C 1115 21.93 -22.88 -51.97
CA LEU C 1115 21.89 -24.23 -51.42
C LEU C 1115 22.22 -25.26 -52.50
N CYS C 1116 22.99 -26.27 -52.13
CA CYS C 1116 23.39 -27.29 -53.11
C CYS C 1116 23.61 -28.64 -52.46
N PHE C 1117 22.94 -29.66 -52.96
CA PHE C 1117 23.21 -31.02 -52.51
C PHE C 1117 23.72 -31.84 -53.69
N VAL C 1118 24.77 -32.61 -53.44
CA VAL C 1118 25.42 -33.40 -54.48
C VAL C 1118 25.39 -34.88 -54.11
N MET C 1119 25.09 -35.69 -55.12
CA MET C 1119 25.00 -37.14 -55.04
C MET C 1119 25.36 -37.75 -56.39
N ARG C 1120 25.42 -39.08 -56.43
CA ARG C 1120 26.01 -39.78 -57.58
C ARG C 1120 25.02 -40.08 -58.70
N GLU C 1121 23.73 -40.24 -58.41
CA GLU C 1121 22.87 -40.94 -59.38
C GLU C 1121 21.49 -40.32 -59.43
N ALA C 1122 20.81 -40.60 -60.55
CA ALA C 1122 19.49 -40.04 -60.85
C ALA C 1122 18.41 -40.62 -59.95
N VAL C 1123 17.89 -39.81 -59.03
CA VAL C 1123 16.81 -40.21 -58.12
C VAL C 1123 15.92 -38.99 -57.87
N THR C 1124 14.67 -39.25 -57.53
CA THR C 1124 13.76 -38.18 -57.13
C THR C 1124 14.04 -37.72 -55.70
N VAL C 1125 13.76 -36.43 -55.45
CA VAL C 1125 13.88 -35.86 -54.11
C VAL C 1125 12.89 -34.70 -54.00
N GLU C 1126 12.31 -34.51 -52.80
CA GLU C 1126 11.57 -33.28 -52.55
C GLU C 1126 12.15 -32.54 -51.37
N ILE C 1127 11.99 -31.21 -51.39
CA ILE C 1127 12.50 -30.29 -50.39
C ILE C 1127 11.32 -29.47 -49.88
N GLU C 1128 11.27 -29.25 -48.57
CA GLU C 1128 10.35 -28.31 -47.97
C GLU C 1128 11.15 -27.19 -47.34
N PHE C 1129 10.66 -25.96 -47.45
CA PHE C 1129 11.33 -24.82 -46.81
C PHE C 1129 10.60 -24.54 -45.51
N CYS C 1130 10.94 -25.31 -44.47
CA CYS C 1130 10.27 -25.21 -43.18
C CYS C 1130 10.57 -23.88 -42.52
N VAL C 1131 9.63 -23.43 -41.69
CA VAL C 1131 9.70 -22.12 -41.06
C VAL C 1131 9.87 -22.32 -39.56
N TRP C 1132 10.80 -21.56 -38.98
CA TRP C 1132 11.23 -21.75 -37.59
C TRP C 1132 10.15 -21.47 -36.56
N ASP C 1133 9.11 -20.71 -36.90
CA ASP C 1133 8.30 -20.02 -35.90
C ASP C 1133 7.50 -20.98 -35.02
N GLN C 1134 7.02 -22.10 -35.57
CA GLN C 1134 6.42 -23.11 -34.69
C GLN C 1134 7.50 -23.86 -33.93
N PHE C 1135 8.64 -24.11 -34.58
CA PHE C 1135 9.68 -24.92 -33.97
C PHE C 1135 10.49 -24.14 -32.93
N LEU C 1136 10.79 -22.86 -33.19
CA LEU C 1136 11.49 -22.09 -32.17
C LEU C 1136 10.55 -21.47 -31.15
N GLY C 1137 9.24 -21.67 -31.27
CA GLY C 1137 8.34 -21.43 -30.14
C GLY C 1137 8.50 -22.51 -29.09
N GLU C 1138 8.84 -23.72 -29.53
CA GLU C 1138 9.08 -24.83 -28.62
C GLU C 1138 10.31 -24.57 -27.74
N ILE C 1139 11.37 -24.01 -28.31
CA ILE C 1139 12.63 -23.82 -27.62
C ILE C 1139 12.73 -22.37 -27.16
N ASN C 1140 13.07 -22.18 -25.89
CA ASN C 1140 12.87 -20.89 -25.23
C ASN C 1140 14.01 -19.88 -25.33
N PRO C 1141 15.30 -20.25 -25.26
CA PRO C 1141 16.24 -19.18 -25.62
C PRO C 1141 16.45 -19.06 -27.13
N GLN C 1142 15.33 -18.86 -27.85
CA GLN C 1142 15.34 -18.68 -29.30
C GLN C 1142 16.11 -17.42 -29.71
N HIS C 1143 16.24 -16.47 -28.80
CA HIS C 1143 17.20 -15.39 -28.93
C HIS C 1143 18.66 -15.86 -28.91
N SER C 1144 18.98 -16.94 -28.17
CA SER C 1144 20.38 -17.35 -28.02
C SER C 1144 20.93 -17.99 -29.28
N TRP C 1145 20.06 -18.42 -30.19
CA TRP C 1145 20.49 -18.84 -31.52
C TRP C 1145 19.97 -17.90 -32.60
N MET C 1146 20.88 -17.45 -33.45
CA MET C 1146 20.54 -16.59 -34.57
C MET C 1146 20.34 -17.46 -35.82
N VAL C 1147 19.26 -17.20 -36.54
CA VAL C 1147 18.95 -17.92 -37.77
C VAL C 1147 19.90 -17.49 -38.87
N ALA C 1148 20.62 -18.46 -39.45
CA ALA C 1148 21.48 -18.19 -40.58
C ALA C 1148 20.84 -18.49 -41.93
N GLY C 1149 19.80 -19.33 -41.99
CA GLY C 1149 19.30 -19.78 -43.27
C GLY C 1149 17.87 -20.30 -43.31
N PRO C 1150 17.58 -21.08 -44.36
CA PRO C 1150 16.17 -21.30 -44.75
C PRO C 1150 15.44 -22.43 -44.03
N LEU C 1151 16.14 -23.31 -43.29
CA LEU C 1151 15.57 -24.49 -42.63
C LEU C 1151 14.89 -25.41 -43.65
N LEU C 1152 15.68 -26.04 -44.51
CA LEU C 1152 15.13 -26.93 -45.51
C LEU C 1152 15.07 -28.38 -45.00
N ASP C 1153 13.92 -29.01 -45.21
CA ASP C 1153 13.70 -30.42 -44.99
C ASP C 1153 13.90 -31.13 -46.32
N ILE C 1154 14.45 -32.35 -46.26
CA ILE C 1154 14.65 -33.18 -47.44
C ILE C 1154 13.98 -34.52 -47.20
N LYS C 1155 13.16 -34.96 -48.16
CA LYS C 1155 12.74 -36.36 -48.24
C LYS C 1155 13.21 -36.88 -49.59
N ALA C 1156 14.40 -37.48 -49.53
CA ALA C 1156 14.89 -38.50 -50.43
C ALA C 1156 15.00 -39.81 -49.67
N GLU C 1157 15.48 -40.84 -50.35
CA GLU C 1157 15.81 -42.09 -49.69
C GLU C 1157 17.06 -41.91 -48.85
N PRO C 1158 17.10 -42.45 -47.62
CA PRO C 1158 18.26 -42.23 -46.74
C PRO C 1158 19.51 -42.95 -47.23
N GLY C 1159 20.65 -42.27 -47.13
CA GLY C 1159 21.93 -42.82 -47.48
C GLY C 1159 22.38 -42.58 -48.90
N ALA C 1160 21.48 -42.18 -49.80
CA ALA C 1160 21.86 -41.88 -51.16
C ALA C 1160 22.25 -40.43 -51.38
N VAL C 1161 21.99 -39.55 -50.42
CA VAL C 1161 22.56 -38.20 -50.44
C VAL C 1161 23.94 -38.23 -49.79
N GLU C 1162 24.90 -37.55 -50.40
CA GLU C 1162 26.26 -37.53 -49.88
C GLU C 1162 26.79 -36.17 -49.46
N ALA C 1163 26.25 -35.06 -49.97
CA ALA C 1163 26.58 -33.79 -49.34
C ALA C 1163 25.43 -32.81 -49.51
N VAL C 1164 25.15 -32.06 -48.44
CA VAL C 1164 24.17 -30.99 -48.45
C VAL C 1164 24.88 -29.69 -48.06
N HIS C 1165 24.59 -28.62 -48.79
CA HIS C 1165 25.19 -27.32 -48.59
C HIS C 1165 24.10 -26.31 -48.29
N LEU C 1166 24.17 -25.70 -47.11
CA LEU C 1166 23.20 -24.79 -46.54
C LEU C 1166 23.76 -23.38 -46.53
N PRO C 1167 22.98 -22.38 -46.94
CA PRO C 1167 23.54 -21.05 -47.18
C PRO C 1167 23.88 -20.26 -45.91
N HIS C 1168 25.05 -20.52 -45.35
CA HIS C 1168 25.56 -19.75 -44.21
C HIS C 1168 25.79 -18.30 -44.62
N PHE C 1169 25.31 -17.38 -43.78
CA PHE C 1169 25.58 -15.96 -43.99
C PHE C 1169 27.03 -15.67 -43.62
N VAL C 1170 27.69 -14.82 -44.41
CA VAL C 1170 29.15 -14.71 -44.36
C VAL C 1170 29.58 -13.93 -43.12
N ALA C 1171 30.54 -14.51 -42.40
CA ALA C 1171 31.21 -13.87 -41.26
C ALA C 1171 32.72 -14.04 -41.26
N LEU C 1172 33.27 -15.00 -42.02
CA LEU C 1172 34.71 -15.25 -42.05
C LEU C 1172 35.47 -14.08 -42.66
N GLN C 1173 34.81 -13.28 -43.50
CA GLN C 1173 35.40 -12.04 -43.99
C GLN C 1173 35.67 -11.06 -42.85
N GLY C 1174 34.82 -11.08 -41.82
CA GLY C 1174 35.07 -10.35 -40.60
C GLY C 1174 35.81 -11.20 -39.58
N GLY C 1175 35.85 -10.69 -38.35
CA GLY C 1175 36.56 -11.38 -37.30
C GLY C 1175 35.68 -11.84 -36.16
N HIS C 1176 36.29 -12.44 -35.15
CA HIS C 1176 35.69 -12.89 -33.89
C HIS C 1176 34.60 -13.94 -34.07
N VAL C 1177 34.53 -14.60 -35.23
CA VAL C 1177 33.60 -15.70 -35.47
C VAL C 1177 34.42 -16.96 -35.72
N ASP C 1178 34.17 -17.99 -34.93
CA ASP C 1178 35.00 -19.20 -34.92
C ASP C 1178 34.36 -20.29 -35.78
N THR C 1179 35.20 -21.17 -36.31
CA THR C 1179 34.78 -22.33 -37.08
C THR C 1179 34.62 -23.60 -36.24
N SER C 1180 35.33 -23.72 -35.12
CA SER C 1180 35.10 -24.82 -34.20
C SER C 1180 33.79 -24.63 -33.44
N LEU C 1181 33.26 -23.40 -33.46
CA LEU C 1181 32.08 -22.98 -32.71
C LEU C 1181 30.76 -23.49 -33.29
N PHE C 1182 30.66 -23.53 -34.62
CA PHE C 1182 29.38 -23.68 -35.34
C PHE C 1182 28.67 -24.98 -34.97
N GLN C 1183 27.35 -24.89 -34.80
CA GLN C 1183 26.53 -26.03 -34.43
C GLN C 1183 25.26 -26.09 -35.28
N MET C 1184 24.95 -27.28 -35.79
CA MET C 1184 23.94 -27.48 -36.83
C MET C 1184 22.60 -27.88 -36.22
N ALA C 1185 21.54 -27.19 -36.62
CA ALA C 1185 20.17 -27.48 -36.17
C ALA C 1185 19.55 -28.62 -36.96
N HIS C 1186 19.49 -29.79 -36.35
CA HIS C 1186 18.79 -30.94 -36.94
C HIS C 1186 17.57 -31.20 -36.06
N PHE C 1187 16.41 -30.74 -36.50
CA PHE C 1187 15.19 -30.91 -35.72
C PHE C 1187 14.66 -32.33 -35.86
N LYS C 1188 13.96 -32.78 -34.83
CA LYS C 1188 13.14 -33.98 -34.89
C LYS C 1188 11.88 -33.74 -34.09
N GLU C 1189 11.04 -34.77 -34.02
CA GLU C 1189 9.94 -34.77 -33.07
C GLU C 1189 10.46 -34.84 -31.63
N GLU C 1190 11.67 -35.38 -31.44
CA GLU C 1190 12.34 -35.41 -30.15
C GLU C 1190 12.75 -34.02 -29.68
N GLY C 1191 12.86 -33.05 -30.59
CA GLY C 1191 13.43 -31.76 -30.29
C GLY C 1191 14.72 -31.49 -31.04
N MET C 1192 15.34 -30.38 -30.68
CA MET C 1192 16.53 -29.87 -31.36
C MET C 1192 17.76 -30.74 -31.09
N LEU C 1193 18.37 -31.25 -32.17
CA LEU C 1193 19.68 -31.89 -32.09
C LEU C 1193 20.72 -30.94 -32.66
N LEU C 1194 21.69 -30.55 -31.84
CA LEU C 1194 22.79 -29.69 -32.27
C LEU C 1194 24.01 -30.54 -32.62
N GLU C 1195 23.97 -31.13 -33.80
CA GLU C 1195 25.12 -31.80 -34.39
C GLU C 1195 26.16 -30.76 -34.81
N LYS C 1196 27.42 -31.16 -34.84
CA LYS C 1196 28.49 -30.30 -35.36
C LYS C 1196 28.54 -30.39 -36.88
N PRO C 1197 28.54 -29.26 -37.60
CA PRO C 1197 28.80 -29.32 -39.05
C PRO C 1197 30.22 -29.77 -39.34
N ALA C 1198 30.39 -30.41 -40.50
CA ALA C 1198 31.69 -30.97 -40.85
C ALA C 1198 32.71 -29.87 -41.16
N ARG C 1199 32.35 -28.91 -42.00
CA ARG C 1199 33.26 -27.83 -42.37
C ARG C 1199 32.40 -26.70 -42.94
N VAL C 1200 32.90 -25.46 -42.80
CA VAL C 1200 32.19 -24.28 -43.25
C VAL C 1200 32.96 -23.65 -44.42
N GLU C 1201 32.22 -23.32 -45.48
CA GLU C 1201 32.77 -22.56 -46.61
C GLU C 1201 32.55 -21.07 -46.39
N LEU C 1202 32.78 -20.27 -47.44
CA LEU C 1202 32.55 -18.83 -47.35
C LEU C 1202 31.08 -18.49 -47.20
N HIS C 1203 30.21 -19.27 -47.84
CA HIS C 1203 28.76 -19.02 -47.74
C HIS C 1203 27.98 -20.30 -47.49
N HIS C 1204 28.62 -21.37 -47.03
CA HIS C 1204 28.05 -22.71 -47.08
C HIS C 1204 28.52 -23.47 -45.85
N ILE C 1205 27.71 -24.41 -45.36
CA ILE C 1205 28.18 -25.48 -44.48
C ILE C 1205 27.99 -26.80 -45.21
N VAL C 1206 28.98 -27.69 -45.09
CA VAL C 1206 28.93 -29.00 -45.73
C VAL C 1206 28.79 -30.06 -44.63
N LEU C 1207 28.02 -31.11 -44.92
CA LEU C 1207 27.88 -32.26 -44.05
C LEU C 1207 28.40 -33.51 -44.75
N GLU C 1208 28.31 -34.63 -44.04
CA GLU C 1208 28.67 -35.95 -44.54
C GLU C 1208 27.41 -36.65 -45.07
N ASN C 1209 27.52 -37.97 -45.30
CA ASN C 1209 26.44 -38.77 -45.86
C ASN C 1209 25.13 -38.75 -45.05
N PRO C 1210 25.11 -38.98 -43.68
CA PRO C 1210 23.79 -39.07 -43.02
C PRO C 1210 23.03 -37.75 -42.91
N SER C 1211 22.54 -37.27 -44.05
CA SER C 1211 21.67 -36.09 -44.10
C SER C 1211 20.24 -36.58 -44.19
N PHE C 1212 19.50 -36.43 -43.11
CA PHE C 1212 18.17 -37.05 -42.99
C PHE C 1212 17.09 -36.13 -43.53
CA SER D 1213 13.12 -34.30 -39.40
C SER D 1213 13.63 -33.09 -40.19
N PRO D 1214 13.22 -31.88 -39.80
CA PRO D 1214 13.70 -30.68 -40.48
C PRO D 1214 15.18 -30.44 -40.25
N LEU D 1215 15.90 -30.17 -41.34
CA LEU D 1215 17.30 -29.77 -41.30
C LEU D 1215 17.39 -28.27 -41.47
N GLY D 1216 18.53 -27.71 -41.11
CA GLY D 1216 18.75 -26.29 -41.35
C GLY D 1216 20.05 -25.81 -40.78
N VAL D 1217 20.23 -24.49 -40.83
CA VAL D 1217 21.43 -23.85 -40.32
C VAL D 1217 21.02 -22.71 -39.39
N LEU D 1218 21.67 -22.67 -38.24
CA LEU D 1218 21.61 -21.56 -37.31
C LEU D 1218 23.00 -21.38 -36.72
N LEU D 1219 23.27 -20.15 -36.29
CA LEU D 1219 24.51 -19.83 -35.64
C LEU D 1219 24.17 -19.45 -34.20
N LYS D 1220 24.94 -19.99 -33.25
CA LYS D 1220 24.86 -19.56 -31.87
C LYS D 1220 25.98 -18.56 -31.61
N MET D 1221 25.62 -17.36 -31.19
CA MET D 1221 26.62 -16.40 -30.76
C MET D 1221 27.09 -16.83 -29.38
N ILE D 1222 28.40 -16.77 -29.15
CA ILE D 1222 29.00 -17.14 -27.86
C ILE D 1222 28.34 -16.38 -26.73
N HIS D 1223 28.19 -17.09 -25.61
CA HIS D 1223 27.36 -16.59 -24.53
C HIS D 1223 27.91 -15.31 -23.92
N ASN D 1224 29.23 -15.27 -23.68
CA ASN D 1224 29.83 -14.25 -22.82
C ASN D 1224 29.79 -12.87 -23.47
N ALA D 1225 29.99 -12.81 -24.77
CA ALA D 1225 30.13 -11.54 -25.48
C ALA D 1225 29.12 -11.49 -26.61
N LEU D 1226 28.47 -10.34 -26.77
CA LEU D 1226 27.51 -10.13 -27.84
C LEU D 1226 28.28 -9.61 -29.04
N ARG D 1227 28.57 -10.50 -29.99
CA ARG D 1227 29.52 -10.21 -31.05
C ARG D 1227 28.97 -9.33 -32.17
N PHE D 1228 27.64 -9.22 -32.32
CA PHE D 1228 26.98 -8.48 -33.43
C PHE D 1228 27.45 -8.97 -34.80
N ILE D 1229 27.38 -10.29 -34.99
CA ILE D 1229 27.90 -11.02 -36.14
C ILE D 1229 27.29 -10.57 -37.46
N PRO D 1230 28.10 -10.23 -38.46
CA PRO D 1230 27.55 -9.67 -39.70
C PRO D 1230 26.86 -10.72 -40.57
N VAL D 1231 25.90 -10.25 -41.37
CA VAL D 1231 25.07 -11.08 -42.22
C VAL D 1231 25.13 -10.56 -43.65
N THR D 1232 24.76 -11.45 -44.59
CA THR D 1232 24.83 -11.26 -46.04
C THR D 1232 23.66 -10.38 -46.54
N SER D 1233 22.89 -9.82 -45.59
CA SER D 1233 21.55 -9.28 -45.78
C SER D 1233 21.47 -8.22 -46.88
N VAL D 1234 20.31 -8.19 -47.55
CA VAL D 1234 20.06 -7.34 -48.71
C VAL D 1234 18.77 -6.57 -48.46
N VAL D 1235 18.81 -5.26 -48.67
CA VAL D 1235 17.63 -4.40 -48.59
C VAL D 1235 17.04 -4.26 -49.98
N LEU D 1236 15.70 -4.25 -50.08
CA LEU D 1236 14.99 -4.21 -51.35
C LEU D 1236 13.83 -3.22 -51.27
N LEU D 1237 13.40 -2.75 -52.44
CA LEU D 1237 12.32 -1.78 -52.55
C LEU D 1237 11.28 -2.25 -53.57
N TYR D 1238 10.05 -1.79 -53.36
CA TYR D 1238 8.90 -2.09 -54.21
C TYR D 1238 8.19 -0.85 -54.73
N HIS D 1239 7.78 -0.90 -55.99
CA HIS D 1239 7.19 0.21 -56.74
C HIS D 1239 5.68 0.04 -56.89
N ARG D 1240 5.02 1.13 -57.24
CA ARG D 1240 3.68 1.11 -57.83
C ARG D 1240 3.68 1.83 -59.17
N VAL D 1241 3.23 1.13 -60.21
CA VAL D 1241 3.03 1.73 -61.52
C VAL D 1241 1.58 2.19 -61.71
N HIS D 1242 0.63 1.33 -61.34
CA HIS D 1242 -0.78 1.58 -61.62
C HIS D 1242 -1.42 2.75 -60.87
N PRO D 1243 -1.41 2.81 -59.46
CA PRO D 1243 -2.25 3.80 -58.79
C PRO D 1243 -1.83 5.26 -58.95
N GLU D 1244 -2.57 6.16 -58.31
CA GLU D 1244 -2.44 7.61 -58.50
C GLU D 1244 -1.16 8.18 -57.90
N GLU D 1245 -0.43 7.41 -57.09
CA GLU D 1245 0.84 7.86 -56.52
C GLU D 1245 1.71 6.62 -56.32
N VAL D 1246 2.95 6.84 -55.89
CA VAL D 1246 3.94 5.77 -55.79
C VAL D 1246 4.48 5.70 -54.37
N THR D 1247 4.41 4.51 -53.77
CA THR D 1247 4.92 4.23 -52.44
C THR D 1247 6.05 3.20 -52.53
N PHE D 1248 7.21 3.53 -51.97
CA PHE D 1248 8.30 2.59 -51.80
C PHE D 1248 8.16 1.89 -50.45
N HIS D 1249 8.54 0.62 -50.40
CA HIS D 1249 8.64 -0.13 -49.16
C HIS D 1249 10.04 -0.71 -49.09
N LEU D 1250 10.85 -0.21 -48.15
CA LEU D 1250 12.23 -0.66 -47.97
C LEU D 1250 12.23 -1.76 -46.93
N TYR D 1251 12.51 -2.99 -47.37
CA TYR D 1251 12.57 -4.15 -46.51
C TYR D 1251 14.03 -4.40 -46.15
N LEU D 1252 14.41 -4.04 -44.93
CA LEU D 1252 15.77 -4.25 -44.45
C LEU D 1252 15.76 -5.60 -43.73
N ILE D 1253 16.11 -6.64 -44.48
CA ILE D 1253 15.83 -8.03 -44.11
C ILE D 1253 17.07 -8.87 -44.41
N PRO D 1254 17.19 -10.02 -43.74
CA PRO D 1254 18.24 -10.97 -44.12
C PRO D 1254 18.03 -11.55 -45.51
N SER D 1255 19.15 -11.86 -46.18
CA SER D 1255 19.16 -12.32 -47.57
C SER D 1255 18.90 -13.83 -47.63
N ASP D 1256 17.63 -14.18 -47.43
CA ASP D 1256 17.19 -15.56 -47.45
C ASP D 1256 16.01 -15.65 -48.42
N CYS D 1257 16.06 -16.65 -49.32
CA CYS D 1257 15.02 -16.82 -50.33
C CYS D 1257 13.63 -17.08 -49.73
N SER D 1258 13.57 -17.73 -48.56
CA SER D 1258 12.30 -17.91 -47.88
C SER D 1258 11.72 -16.58 -47.41
N ILE D 1259 12.59 -15.71 -46.88
CA ILE D 1259 12.17 -14.35 -46.56
C ILE D 1259 11.83 -13.60 -47.84
N ARG D 1260 12.61 -13.83 -48.90
CA ARG D 1260 12.35 -13.25 -50.21
C ARG D 1260 11.02 -13.75 -50.78
N LYS D 1261 10.70 -15.03 -50.62
CA LYS D 1261 9.41 -15.49 -51.14
C LYS D 1261 8.25 -15.03 -50.26
N ALA D 1262 8.48 -14.80 -48.97
CA ALA D 1262 7.44 -14.25 -48.11
C ALA D 1262 7.12 -12.81 -48.49
N ILE D 1263 8.14 -11.98 -48.65
CA ILE D 1263 7.88 -10.60 -49.08
C ILE D 1263 7.37 -10.59 -50.52
N ASP D 1264 7.77 -11.59 -51.32
CA ASP D 1264 7.30 -11.73 -52.69
C ASP D 1264 5.80 -11.94 -52.76
N ASP D 1265 5.27 -12.97 -52.07
CA ASP D 1265 3.85 -13.25 -52.24
C ASP D 1265 2.98 -12.23 -51.50
N LEU D 1266 3.49 -11.65 -50.40
CA LEU D 1266 2.79 -10.51 -49.80
C LEU D 1266 2.70 -9.32 -50.75
N GLU D 1267 3.80 -8.97 -51.43
CA GLU D 1267 3.74 -7.80 -52.31
C GLU D 1267 3.00 -8.10 -53.62
N MET D 1268 3.01 -9.36 -54.07
CA MET D 1268 2.14 -9.75 -55.19
C MET D 1268 0.67 -9.59 -54.82
N LYS D 1269 0.30 -9.94 -53.59
CA LYS D 1269 -1.06 -9.68 -53.14
C LYS D 1269 -1.32 -8.18 -52.99
N PHE D 1270 -0.30 -7.41 -52.62
CA PHE D 1270 -0.41 -5.97 -52.48
C PHE D 1270 -0.17 -5.20 -53.76
N GLN D 1271 0.12 -5.88 -54.88
CA GLN D 1271 0.38 -5.29 -56.21
C GLN D 1271 1.59 -4.36 -56.22
N PHE D 1272 2.61 -4.70 -55.45
CA PHE D 1272 3.96 -4.16 -55.55
C PHE D 1272 4.87 -5.10 -56.34
N VAL D 1273 5.87 -4.51 -57.01
CA VAL D 1273 6.89 -5.27 -57.73
C VAL D 1273 8.26 -4.72 -57.38
N ARG D 1274 9.25 -5.61 -57.26
CA ARG D 1274 10.62 -5.23 -56.98
C ARG D 1274 11.41 -4.97 -58.25
N ILE D 1275 12.37 -4.06 -58.17
CA ILE D 1275 13.34 -3.80 -59.24
C ILE D 1275 14.71 -4.15 -58.69
N HIS D 1276 15.51 -4.88 -59.48
CA HIS D 1276 16.86 -5.26 -59.08
C HIS D 1276 17.74 -4.02 -58.98
N LYS D 1277 18.11 -3.67 -57.76
CA LYS D 1277 19.09 -2.67 -57.39
C LYS D 1277 20.30 -3.33 -56.76
N PRO D 1278 21.49 -2.71 -56.85
CA PRO D 1278 22.71 -3.30 -56.29
C PRO D 1278 22.64 -3.47 -54.79
N PRO D 1279 23.20 -4.56 -54.26
CA PRO D 1279 23.23 -4.76 -52.82
C PRO D 1279 24.38 -4.05 -52.12
N PRO D 1280 24.49 -4.14 -50.79
CA PRO D 1280 25.69 -3.63 -50.12
C PRO D 1280 26.96 -4.37 -50.57
N LEU D 1281 28.07 -3.62 -50.58
CA LEU D 1281 29.37 -4.15 -50.98
C LEU D 1281 30.10 -4.86 -49.86
N THR D 1282 29.56 -4.87 -48.64
CA THR D 1282 30.28 -5.36 -47.49
C THR D 1282 29.26 -5.87 -46.47
N PRO D 1283 29.63 -6.88 -45.67
CA PRO D 1283 28.70 -7.35 -44.63
C PRO D 1283 28.50 -6.32 -43.52
N LEU D 1284 27.30 -6.32 -42.96
CA LEU D 1284 26.87 -5.29 -42.03
C LEU D 1284 26.23 -5.91 -40.79
N TYR D 1285 26.33 -5.21 -39.67
CA TYR D 1285 26.04 -5.77 -38.36
C TYR D 1285 24.55 -6.02 -38.15
N MET D 1286 24.21 -7.21 -37.67
CA MET D 1286 22.85 -7.51 -37.23
C MET D 1286 22.54 -6.74 -35.96
N GLY D 1287 21.28 -6.32 -35.83
CA GLY D 1287 20.77 -5.74 -34.61
C GLY D 1287 21.07 -4.27 -34.38
N CYS D 1288 22.03 -3.70 -35.11
CA CYS D 1288 22.37 -2.30 -34.93
C CYS D 1288 21.29 -1.40 -35.51
N ARG D 1289 21.07 -0.26 -34.86
CA ARG D 1289 20.11 0.72 -35.36
C ARG D 1289 20.69 1.41 -36.60
N TYR D 1290 19.86 1.50 -37.65
CA TYR D 1290 20.25 2.06 -38.94
C TYR D 1290 19.31 3.20 -39.28
N THR D 1291 19.82 4.42 -39.32
CA THR D 1291 18.98 5.51 -39.82
C THR D 1291 18.84 5.38 -41.34
N VAL D 1292 17.66 5.74 -41.85
CA VAL D 1292 17.39 5.72 -43.28
C VAL D 1292 17.18 7.16 -43.75
N SER D 1293 17.85 7.52 -44.84
CA SER D 1293 17.86 8.89 -45.35
C SER D 1293 17.87 8.83 -46.87
N GLY D 1294 18.13 9.98 -47.49
CA GLY D 1294 18.15 10.06 -48.94
C GLY D 1294 18.12 11.51 -49.39
N SER D 1295 18.16 11.67 -50.72
CA SER D 1295 18.08 13.01 -51.29
C SER D 1295 16.70 13.62 -51.08
N GLY D 1296 15.65 12.80 -51.14
CA GLY D 1296 14.30 13.25 -50.92
C GLY D 1296 13.81 13.21 -49.49
N SER D 1297 14.67 12.87 -48.54
CA SER D 1297 14.30 12.81 -47.13
C SER D 1297 14.03 14.18 -46.55
N GLY D 1298 12.80 14.41 -46.12
CA GLY D 1298 12.35 15.69 -45.59
C GLY D 1298 11.43 16.46 -46.52
N MET D 1299 11.62 16.35 -47.83
CA MET D 1299 10.60 16.84 -48.76
C MET D 1299 9.63 15.72 -49.13
N LEU D 1300 10.09 14.48 -49.07
CA LEU D 1300 9.22 13.30 -49.20
C LEU D 1300 9.19 12.57 -47.86
N GLU D 1301 8.05 11.97 -47.54
CA GLU D 1301 7.77 11.56 -46.17
C GLU D 1301 8.29 10.15 -45.92
N ILE D 1302 9.50 10.07 -45.36
CA ILE D 1302 10.03 8.81 -44.85
C ILE D 1302 9.31 8.49 -43.53
N LEU D 1303 8.88 7.24 -43.36
CA LEU D 1303 8.08 6.94 -42.16
C LEU D 1303 8.94 6.82 -40.90
N PRO D 1304 9.93 5.88 -40.77
CA PRO D 1304 10.71 5.88 -39.52
C PRO D 1304 12.01 6.67 -39.58
N LYS D 1305 12.52 7.05 -38.42
CA LYS D 1305 13.88 7.57 -38.35
C LYS D 1305 14.89 6.43 -38.37
N GLU D 1306 14.71 5.45 -37.49
CA GLU D 1306 15.61 4.31 -37.37
C GLU D 1306 14.91 3.03 -37.80
N LEU D 1307 15.67 2.14 -38.43
CA LEU D 1307 15.20 0.82 -38.83
C LEU D 1307 16.03 -0.26 -38.15
N GLU D 1308 15.56 -1.50 -38.26
CA GLU D 1308 16.19 -2.65 -37.60
C GLU D 1308 16.41 -3.76 -38.62
N LEU D 1309 17.59 -4.39 -38.55
CA LEU D 1309 17.97 -5.45 -39.47
C LEU D 1309 17.69 -6.84 -38.91
N CYS D 1310 17.29 -6.94 -37.64
CA CYS D 1310 17.22 -8.20 -36.92
C CYS D 1310 16.19 -9.14 -37.52
N TYR D 1311 16.47 -10.44 -37.41
CA TYR D 1311 15.75 -11.45 -38.18
C TYR D 1311 14.36 -11.67 -37.62
N ARG D 1312 13.38 -11.81 -38.51
CA ARG D 1312 12.06 -12.31 -38.18
C ARG D 1312 11.69 -13.43 -39.14
N SER D 1313 10.75 -14.27 -38.67
CA SER D 1313 10.32 -15.43 -39.43
C SER D 1313 9.55 -14.99 -40.68
N PRO D 1314 9.58 -15.79 -41.76
CA PRO D 1314 8.83 -15.41 -42.97
C PRO D 1314 7.32 -15.38 -42.81
N GLY D 1315 6.78 -16.06 -41.80
CA GLY D 1315 5.33 -16.10 -41.62
C GLY D 1315 4.72 -14.75 -41.31
N GLU D 1316 5.32 -14.02 -40.37
CA GLU D 1316 4.87 -12.65 -40.08
C GLU D 1316 5.45 -11.66 -41.07
N ASP D 1317 4.76 -10.52 -41.18
CA ASP D 1317 5.21 -9.44 -42.06
C ASP D 1317 6.50 -8.85 -41.52
N GLN D 1318 7.43 -8.56 -42.43
CA GLN D 1318 8.75 -8.08 -42.05
C GLN D 1318 8.72 -6.60 -41.70
N LEU D 1319 9.62 -6.18 -40.81
CA LEU D 1319 9.74 -4.78 -40.45
C LEU D 1319 10.23 -3.96 -41.65
N PHE D 1320 9.62 -2.80 -41.86
CA PHE D 1320 9.87 -2.06 -43.09
C PHE D 1320 9.89 -0.56 -42.85
N SER D 1321 10.49 0.13 -43.81
CA SER D 1321 10.45 1.58 -43.91
C SER D 1321 9.59 1.99 -45.11
N GLU D 1322 8.48 2.67 -44.84
CA GLU D 1322 7.63 3.15 -45.93
C GLU D 1322 8.08 4.54 -46.38
N PHE D 1323 8.03 4.77 -47.69
CA PHE D 1323 8.58 6.00 -48.30
C PHE D 1323 7.66 6.42 -49.44
N TYR D 1324 6.74 7.33 -49.15
CA TYR D 1324 5.88 7.91 -50.18
C TYR D 1324 6.72 8.84 -51.05
N VAL D 1325 6.80 8.55 -52.35
CA VAL D 1325 7.73 9.27 -53.22
C VAL D 1325 7.00 10.19 -54.19
N GLY D 1326 5.71 10.00 -54.44
CA GLY D 1326 5.01 10.86 -55.39
C GLY D 1326 5.34 10.44 -56.81
N HIS D 1327 5.95 11.36 -57.56
CA HIS D 1327 6.42 11.05 -58.90
C HIS D 1327 7.53 10.00 -58.85
N LEU D 1328 7.54 9.12 -59.86
CA LEU D 1328 8.47 8.00 -59.87
C LEU D 1328 9.92 8.45 -60.06
N GLY D 1329 10.13 9.45 -60.89
CA GLY D 1329 11.45 10.07 -60.98
C GLY D 1329 12.39 9.34 -61.92
N SER D 1330 13.33 10.11 -62.50
CA SER D 1330 14.35 9.52 -63.35
C SER D 1330 15.37 8.72 -62.54
N GLY D 1331 15.89 9.31 -61.48
CA GLY D 1331 16.81 8.61 -60.60
C GLY D 1331 16.90 9.31 -59.26
N ILE D 1332 16.91 8.52 -58.19
CA ILE D 1332 16.79 9.05 -56.83
C ILE D 1332 17.85 8.38 -55.96
N ARG D 1333 18.48 9.18 -55.10
CA ARG D 1333 19.39 8.74 -54.05
C ARG D 1333 18.64 8.20 -52.84
N LEU D 1334 19.14 7.09 -52.30
CA LEU D 1334 18.71 6.55 -51.01
C LEU D 1334 19.94 6.29 -50.15
N GLN D 1335 19.73 6.25 -48.84
CA GLN D 1335 20.83 6.12 -47.89
C GLN D 1335 20.37 5.29 -46.70
N VAL D 1336 21.26 4.44 -46.20
CA VAL D 1336 21.10 3.82 -44.89
C VAL D 1336 22.45 3.94 -44.18
N LYS D 1337 22.41 4.17 -42.87
CA LYS D 1337 23.62 4.61 -42.19
C LYS D 1337 23.68 4.06 -40.77
N ASP D 1338 24.86 3.58 -40.39
CA ASP D 1338 25.12 2.97 -39.09
C ASP D 1338 25.08 4.03 -38.00
N LYS D 1339 24.28 3.83 -36.97
CA LYS D 1339 24.27 4.78 -35.85
C LYS D 1339 25.47 4.65 -34.92
N LYS D 1340 26.23 3.55 -34.98
CA LYS D 1340 27.41 3.43 -34.13
C LYS D 1340 28.50 4.44 -34.50
N ASP D 1341 28.88 4.49 -35.77
CA ASP D 1341 30.02 5.32 -36.17
C ASP D 1341 29.84 6.06 -37.49
N GLU D 1342 28.65 6.00 -38.11
CA GLU D 1342 28.27 6.81 -39.28
C GLU D 1342 29.11 6.47 -40.51
N THR D 1343 29.43 5.18 -40.68
CA THR D 1343 30.09 4.72 -41.91
C THR D 1343 29.07 4.24 -42.93
N LEU D 1344 29.32 4.57 -44.20
CA LEU D 1344 28.44 4.17 -45.28
C LEU D 1344 28.56 2.67 -45.56
N VAL D 1345 27.42 2.00 -45.70
CA VAL D 1345 27.39 0.58 -46.08
C VAL D 1345 26.62 0.33 -47.37
N TRP D 1346 25.79 1.25 -47.83
CA TRP D 1346 24.87 1.00 -48.94
C TRP D 1346 24.46 2.29 -49.63
N GLU D 1347 24.37 2.21 -50.96
CA GLU D 1347 23.80 3.28 -51.78
C GLU D 1347 23.26 2.65 -53.06
N ALA D 1348 22.14 3.19 -53.55
CA ALA D 1348 21.57 2.75 -54.81
C ALA D 1348 20.86 3.92 -55.47
N LEU D 1349 21.14 4.13 -56.75
CA LEU D 1349 20.55 5.23 -57.52
C LEU D 1349 19.34 4.69 -58.29
N VAL D 1350 18.21 4.66 -57.59
CA VAL D 1350 16.93 4.09 -58.04
C VAL D 1350 17.07 2.64 -58.49
C4 GK2 E . 11.73 -10.27 7.71
C3 GK2 E . 12.37 -9.65 8.96
C2 GK2 E . 12.90 -10.79 9.80
C1 GK2 E . 12.54 -12.09 9.09
N5 GK2 E . 11.68 -11.71 7.98
C8 GK2 E . 10.89 -12.49 7.24
C9 GK2 E . 10.76 -13.97 7.47
C10 GK2 E . 12.05 -14.79 7.48
C11 GK2 E . 11.71 -16.27 7.28
C12 GK2 E . 13.10 -14.32 6.48
N13 GK2 E . 9.96 -14.23 8.70
O14 GK2 E . 10.20 -12.01 6.34
B15 GK2 E . 12.57 -9.88 6.39
O16 GK2 E . 14.04 -10.29 6.55
O17 GK2 E . 12.01 -10.58 5.14
C4 GK2 F . -9.74 20.23 4.05
C3 GK2 F . -9.82 19.90 2.57
C2 GK2 F . -11.05 20.60 2.02
C1 GK2 F . -11.85 21.09 3.21
N5 GK2 F . -11.07 20.72 4.39
C8 GK2 F . -11.44 20.76 5.68
C9 GK2 F . -12.83 21.17 6.11
C10 GK2 F . -13.27 22.57 5.67
C11 GK2 F . -14.46 23.04 6.51
C12 GK2 F . -12.14 23.60 5.70
N13 GK2 F . -13.85 20.16 5.73
O14 GK2 F . -10.66 20.43 6.55
B15 GK2 F . -8.53 21.27 4.31
O16 GK2 F . -8.62 22.46 3.35
O17 GK2 F . -8.50 21.81 5.74
#